data_1LIF
# 
_entry.id   1LIF 
# 
_audit_conform.dict_name       mmcif_pdbx.dic 
_audit_conform.dict_version    5.386 
_audit_conform.dict_location   http://mmcif.pdb.org/dictionaries/ascii/mmcif_pdbx.dic 
# 
loop_
_database_2.database_id 
_database_2.database_code 
_database_2.pdbx_database_accession 
_database_2.pdbx_DOI 
PDB   1LIF         pdb_00001lif 10.2210/pdb1lif/pdb 
WWPDB D_1000174733 ?            ?                   
# 
loop_
_pdbx_audit_revision_history.ordinal 
_pdbx_audit_revision_history.data_content_type 
_pdbx_audit_revision_history.major_revision 
_pdbx_audit_revision_history.minor_revision 
_pdbx_audit_revision_history.revision_date 
1 'Structure model' 1 0 1994-04-30 
2 'Structure model' 1 1 2008-03-24 
3 'Structure model' 1 2 2011-07-13 
4 'Structure model' 1 3 2017-11-29 
5 'Structure model' 1 4 2019-07-17 
6 'Structure model' 1 5 2019-08-14 
7 'Structure model' 1 6 2024-02-14 
# 
_pdbx_audit_revision_details.ordinal             1 
_pdbx_audit_revision_details.revision_ordinal    1 
_pdbx_audit_revision_details.data_content_type   'Structure model' 
_pdbx_audit_revision_details.provider            repository 
_pdbx_audit_revision_details.type                'Initial release' 
_pdbx_audit_revision_details.description         ? 
_pdbx_audit_revision_details.details             ? 
# 
loop_
_pdbx_audit_revision_group.ordinal 
_pdbx_audit_revision_group.revision_ordinal 
_pdbx_audit_revision_group.data_content_type 
_pdbx_audit_revision_group.group 
1  2 'Structure model' 'Version format compliance' 
2  3 'Structure model' 'Version format compliance' 
3  4 'Structure model' Advisory                    
4  4 'Structure model' 'Derived calculations'      
5  4 'Structure model' Other                       
6  4 'Structure model' 'Structure summary'         
7  5 'Structure model' 'Data collection'           
8  5 'Structure model' 'Refinement description'    
9  6 'Structure model' 'Data collection'           
10 6 'Structure model' 'Refinement description'    
11 7 'Structure model' Advisory                    
12 7 'Structure model' 'Data collection'           
13 7 'Structure model' 'Database references'       
14 7 'Structure model' 'Derived calculations'      
# 
loop_
_pdbx_audit_revision_category.ordinal 
_pdbx_audit_revision_category.revision_ordinal 
_pdbx_audit_revision_category.data_content_type 
_pdbx_audit_revision_category.category 
1  4 'Structure model' pdbx_database_status         
2  4 'Structure model' pdbx_unobs_or_zero_occ_atoms 
3  4 'Structure model' struct_conf                  
4  4 'Structure model' struct_conf_type             
5  4 'Structure model' struct_keywords              
6  5 'Structure model' software                     
7  6 'Structure model' software                     
8  7 'Structure model' chem_comp_atom               
9  7 'Structure model' chem_comp_bond               
10 7 'Structure model' database_2                   
11 7 'Structure model' pdbx_unobs_or_zero_occ_atoms 
12 7 'Structure model' struct_site                  
# 
loop_
_pdbx_audit_revision_item.ordinal 
_pdbx_audit_revision_item.revision_ordinal 
_pdbx_audit_revision_item.data_content_type 
_pdbx_audit_revision_item.item 
1 4 'Structure model' '_pdbx_database_status.process_site'  
2 4 'Structure model' '_struct_keywords.text'               
3 5 'Structure model' '_software.classification'            
4 6 'Structure model' '_software.classification'            
5 7 'Structure model' '_database_2.pdbx_DOI'                
6 7 'Structure model' '_database_2.pdbx_database_accession' 
7 7 'Structure model' '_struct_site.pdbx_auth_asym_id'      
8 7 'Structure model' '_struct_site.pdbx_auth_comp_id'      
9 7 'Structure model' '_struct_site.pdbx_auth_seq_id'       
# 
_pdbx_database_status.status_code                     REL 
_pdbx_database_status.entry_id                        1LIF 
_pdbx_database_status.recvd_initial_deposition_date   1993-12-21 
_pdbx_database_status.deposit_site                    ? 
_pdbx_database_status.process_site                    BNL 
_pdbx_database_status.SG_entry                        . 
_pdbx_database_status.pdb_format_compatible           Y 
_pdbx_database_status.status_code_mr                  ? 
_pdbx_database_status.status_code_sf                  ? 
_pdbx_database_status.status_code_cs                  ? 
_pdbx_database_status.methods_development_category    ? 
_pdbx_database_status.status_code_nmr_data            ? 
# 
loop_
_audit_author.name 
_audit_author.pdbx_ordinal 
'Zu, Z.'         1 
'Bernlohr, D.A.' 2 
'Banaszak, L.J.' 3 
# 
loop_
_citation.id 
_citation.title 
_citation.journal_abbrev 
_citation.journal_volume 
_citation.page_first 
_citation.page_last 
_citation.year 
_citation.journal_id_ASTM 
_citation.country 
_citation.journal_id_ISSN 
_citation.journal_id_CSD 
_citation.book_publisher 
_citation.pdbx_database_id_PubMed 
_citation.pdbx_database_id_DOI 
primary 
;The adipocyte lipid-binding protein at 1.6-A resolution. Crystal structures of the apoprotein and with bound saturated and unsaturated fatty acids.
;
J.Biol.Chem. 268 7874 7884 1993 JBCHA3 US 0021-9258 0071 ? 8463311 ? 
1       'Crystal Structure of Recombinant Murine Adipocyte Lipid-Binding Protein' Biochemistry 31  6    ?    1992 BICHAW US 
0006-2960 0033 ? ?       ? 
# 
loop_
_citation_author.citation_id 
_citation_author.name 
_citation_author.ordinal 
_citation_author.identifier_ORCID 
primary 'Xu, Z.'         1 ? 
primary 'Bernlohr, D.A.' 2 ? 
primary 'Banaszak, L.J.' 3 ? 
1       'Xu, Z.'         4 ? 
1       'Bernlohr, D.A.' 5 ? 
1       'Banaszak, L.J.' 6 ? 
# 
loop_
_entity.id 
_entity.type 
_entity.src_method 
_entity.pdbx_description 
_entity.formula_weight 
_entity.pdbx_number_of_molecules 
_entity.pdbx_ec 
_entity.pdbx_mutation 
_entity.pdbx_fragment 
_entity.details 
1 polymer     man 'ADIPOCYTE LIPID-BINDING PROTEIN' 14539.688 1  ? ? ? ? 
2 non-polymer syn 'STEARIC ACID'                    284.477   1  ? ? ? ? 
3 water       nat water                             18.015    97 ? ? ? ? 
# 
_entity_poly.entity_id                      1 
_entity_poly.type                           'polypeptide(L)' 
_entity_poly.nstd_linkage                   no 
_entity_poly.nstd_monomer                   no 
_entity_poly.pdbx_seq_one_letter_code       
;CDAFVGTWKLVSSENFDDYMKEVGVGFATRKVAGMAKPNMIISVNGDLVTIRSESTFKNTEISFKLGVEFDEITADDRKV
KSIITLDGGALVQVQKWDGKSTTIKRKRDGDKLVVECVMKGVTSTRVYERA
;
_entity_poly.pdbx_seq_one_letter_code_can   
;CDAFVGTWKLVSSENFDDYMKEVGVGFATRKVAGMAKPNMIISVNGDLVTIRSESTFKNTEISFKLGVEFDEITADDRKV
KSIITLDGGALVQVQKWDGKSTTIKRKRDGDKLVVECVMKGVTSTRVYERA
;
_entity_poly.pdbx_strand_id                 A 
_entity_poly.pdbx_target_identifier         ? 
# 
loop_
_pdbx_entity_nonpoly.entity_id 
_pdbx_entity_nonpoly.name 
_pdbx_entity_nonpoly.comp_id 
2 'STEARIC ACID' STE 
3 water          HOH 
# 
loop_
_entity_poly_seq.entity_id 
_entity_poly_seq.num 
_entity_poly_seq.mon_id 
_entity_poly_seq.hetero 
1 1   CYS n 
1 2   ASP n 
1 3   ALA n 
1 4   PHE n 
1 5   VAL n 
1 6   GLY n 
1 7   THR n 
1 8   TRP n 
1 9   LYS n 
1 10  LEU n 
1 11  VAL n 
1 12  SER n 
1 13  SER n 
1 14  GLU n 
1 15  ASN n 
1 16  PHE n 
1 17  ASP n 
1 18  ASP n 
1 19  TYR n 
1 20  MET n 
1 21  LYS n 
1 22  GLU n 
1 23  VAL n 
1 24  GLY n 
1 25  VAL n 
1 26  GLY n 
1 27  PHE n 
1 28  ALA n 
1 29  THR n 
1 30  ARG n 
1 31  LYS n 
1 32  VAL n 
1 33  ALA n 
1 34  GLY n 
1 35  MET n 
1 36  ALA n 
1 37  LYS n 
1 38  PRO n 
1 39  ASN n 
1 40  MET n 
1 41  ILE n 
1 42  ILE n 
1 43  SER n 
1 44  VAL n 
1 45  ASN n 
1 46  GLY n 
1 47  ASP n 
1 48  LEU n 
1 49  VAL n 
1 50  THR n 
1 51  ILE n 
1 52  ARG n 
1 53  SER n 
1 54  GLU n 
1 55  SER n 
1 56  THR n 
1 57  PHE n 
1 58  LYS n 
1 59  ASN n 
1 60  THR n 
1 61  GLU n 
1 62  ILE n 
1 63  SER n 
1 64  PHE n 
1 65  LYS n 
1 66  LEU n 
1 67  GLY n 
1 68  VAL n 
1 69  GLU n 
1 70  PHE n 
1 71  ASP n 
1 72  GLU n 
1 73  ILE n 
1 74  THR n 
1 75  ALA n 
1 76  ASP n 
1 77  ASP n 
1 78  ARG n 
1 79  LYS n 
1 80  VAL n 
1 81  LYS n 
1 82  SER n 
1 83  ILE n 
1 84  ILE n 
1 85  THR n 
1 86  LEU n 
1 87  ASP n 
1 88  GLY n 
1 89  GLY n 
1 90  ALA n 
1 91  LEU n 
1 92  VAL n 
1 93  GLN n 
1 94  VAL n 
1 95  GLN n 
1 96  LYS n 
1 97  TRP n 
1 98  ASP n 
1 99  GLY n 
1 100 LYS n 
1 101 SER n 
1 102 THR n 
1 103 THR n 
1 104 ILE n 
1 105 LYS n 
1 106 ARG n 
1 107 LYS n 
1 108 ARG n 
1 109 ASP n 
1 110 GLY n 
1 111 ASP n 
1 112 LYS n 
1 113 LEU n 
1 114 VAL n 
1 115 VAL n 
1 116 GLU n 
1 117 CYS n 
1 118 VAL n 
1 119 MET n 
1 120 LYS n 
1 121 GLY n 
1 122 VAL n 
1 123 THR n 
1 124 SER n 
1 125 THR n 
1 126 ARG n 
1 127 VAL n 
1 128 TYR n 
1 129 GLU n 
1 130 ARG n 
1 131 ALA n 
# 
_entity_src_gen.entity_id                          1 
_entity_src_gen.pdbx_src_id                        1 
_entity_src_gen.pdbx_alt_source_flag               sample 
_entity_src_gen.pdbx_seq_type                      ? 
_entity_src_gen.pdbx_beg_seq_num                   ? 
_entity_src_gen.pdbx_end_seq_num                   ? 
_entity_src_gen.gene_src_common_name               'house mouse' 
_entity_src_gen.gene_src_genus                     Mus 
_entity_src_gen.pdbx_gene_src_gene                 ? 
_entity_src_gen.gene_src_species                   ? 
_entity_src_gen.gene_src_strain                    ? 
_entity_src_gen.gene_src_tissue                    ? 
_entity_src_gen.gene_src_tissue_fraction           ? 
_entity_src_gen.gene_src_details                   ? 
_entity_src_gen.pdbx_gene_src_fragment             ? 
_entity_src_gen.pdbx_gene_src_scientific_name      'Mus musculus' 
_entity_src_gen.pdbx_gene_src_ncbi_taxonomy_id     10090 
_entity_src_gen.pdbx_gene_src_variant              ? 
_entity_src_gen.pdbx_gene_src_cell_line            ? 
_entity_src_gen.pdbx_gene_src_atcc                 ? 
_entity_src_gen.pdbx_gene_src_organ                ? 
_entity_src_gen.pdbx_gene_src_organelle            ? 
_entity_src_gen.pdbx_gene_src_cell                 ? 
_entity_src_gen.pdbx_gene_src_cellular_location    ? 
_entity_src_gen.host_org_common_name               ? 
_entity_src_gen.pdbx_host_org_scientific_name      'Escherichia coli' 
_entity_src_gen.pdbx_host_org_ncbi_taxonomy_id     562 
_entity_src_gen.host_org_genus                     Escherichia 
_entity_src_gen.pdbx_host_org_gene                 ? 
_entity_src_gen.pdbx_host_org_organ                ? 
_entity_src_gen.host_org_species                   ? 
_entity_src_gen.pdbx_host_org_tissue               ? 
_entity_src_gen.pdbx_host_org_tissue_fraction      ? 
_entity_src_gen.pdbx_host_org_strain               ? 
_entity_src_gen.pdbx_host_org_variant              ? 
_entity_src_gen.pdbx_host_org_cell_line            ? 
_entity_src_gen.pdbx_host_org_atcc                 ? 
_entity_src_gen.pdbx_host_org_culture_collection   ? 
_entity_src_gen.pdbx_host_org_cell                 ? 
_entity_src_gen.pdbx_host_org_organelle            ? 
_entity_src_gen.pdbx_host_org_cellular_location    ? 
_entity_src_gen.pdbx_host_org_vector_type          ? 
_entity_src_gen.pdbx_host_org_vector               ? 
_entity_src_gen.host_org_details                   ? 
_entity_src_gen.expression_system_id               ? 
_entity_src_gen.plasmid_name                       ? 
_entity_src_gen.plasmid_details                    ? 
_entity_src_gen.pdbx_description                   ? 
# 
loop_
_chem_comp.id 
_chem_comp.type 
_chem_comp.mon_nstd_flag 
_chem_comp.name 
_chem_comp.pdbx_synonyms 
_chem_comp.formula 
_chem_comp.formula_weight 
ALA 'L-peptide linking' y ALANINE         ? 'C3 H7 N O2'     89.093  
ARG 'L-peptide linking' y ARGININE        ? 'C6 H15 N4 O2 1' 175.209 
ASN 'L-peptide linking' y ASPARAGINE      ? 'C4 H8 N2 O3'    132.118 
ASP 'L-peptide linking' y 'ASPARTIC ACID' ? 'C4 H7 N O4'     133.103 
CYS 'L-peptide linking' y CYSTEINE        ? 'C3 H7 N O2 S'   121.158 
GLN 'L-peptide linking' y GLUTAMINE       ? 'C5 H10 N2 O3'   146.144 
GLU 'L-peptide linking' y 'GLUTAMIC ACID' ? 'C5 H9 N O4'     147.129 
GLY 'peptide linking'   y GLYCINE         ? 'C2 H5 N O2'     75.067  
HOH non-polymer         . WATER           ? 'H2 O'           18.015  
ILE 'L-peptide linking' y ISOLEUCINE      ? 'C6 H13 N O2'    131.173 
LEU 'L-peptide linking' y LEUCINE         ? 'C6 H13 N O2'    131.173 
LYS 'L-peptide linking' y LYSINE          ? 'C6 H15 N2 O2 1' 147.195 
MET 'L-peptide linking' y METHIONINE      ? 'C5 H11 N O2 S'  149.211 
PHE 'L-peptide linking' y PHENYLALANINE   ? 'C9 H11 N O2'    165.189 
PRO 'L-peptide linking' y PROLINE         ? 'C5 H9 N O2'     115.130 
SER 'L-peptide linking' y SERINE          ? 'C3 H7 N O3'     105.093 
STE non-polymer         . 'STEARIC ACID'  ? 'C18 H36 O2'     284.477 
THR 'L-peptide linking' y THREONINE       ? 'C4 H9 N O3'     119.119 
TRP 'L-peptide linking' y TRYPTOPHAN      ? 'C11 H12 N2 O2'  204.225 
TYR 'L-peptide linking' y TYROSINE        ? 'C9 H11 N O3'    181.189 
VAL 'L-peptide linking' y VALINE          ? 'C5 H11 N O2'    117.146 
# 
loop_
_pdbx_poly_seq_scheme.asym_id 
_pdbx_poly_seq_scheme.entity_id 
_pdbx_poly_seq_scheme.seq_id 
_pdbx_poly_seq_scheme.mon_id 
_pdbx_poly_seq_scheme.ndb_seq_num 
_pdbx_poly_seq_scheme.pdb_seq_num 
_pdbx_poly_seq_scheme.auth_seq_num 
_pdbx_poly_seq_scheme.pdb_mon_id 
_pdbx_poly_seq_scheme.auth_mon_id 
_pdbx_poly_seq_scheme.pdb_strand_id 
_pdbx_poly_seq_scheme.pdb_ins_code 
_pdbx_poly_seq_scheme.hetero 
A 1 1   CYS 1   1   1   CYS CYS A . n 
A 1 2   ASP 2   2   2   ASP ASP A . n 
A 1 3   ALA 3   3   3   ALA ALA A . n 
A 1 4   PHE 4   4   4   PHE PHE A . n 
A 1 5   VAL 5   5   5   VAL VAL A . n 
A 1 6   GLY 6   6   6   GLY GLY A . n 
A 1 7   THR 7   7   7   THR THR A . n 
A 1 8   TRP 8   8   8   TRP TRP A . n 
A 1 9   LYS 9   9   9   LYS LYS A . n 
A 1 10  LEU 10  10  10  LEU LEU A . n 
A 1 11  VAL 11  11  11  VAL VAL A . n 
A 1 12  SER 12  12  12  SER SER A . n 
A 1 13  SER 13  13  13  SER SER A . n 
A 1 14  GLU 14  14  14  GLU GLU A . n 
A 1 15  ASN 15  15  15  ASN ASN A . n 
A 1 16  PHE 16  16  16  PHE PHE A . n 
A 1 17  ASP 17  17  17  ASP ASP A . n 
A 1 18  ASP 18  18  18  ASP ASP A . n 
A 1 19  TYR 19  19  19  TYR TYR A . n 
A 1 20  MET 20  20  20  MET MET A . n 
A 1 21  LYS 21  21  21  LYS LYS A . n 
A 1 22  GLU 22  22  22  GLU GLU A . n 
A 1 23  VAL 23  23  23  VAL VAL A . n 
A 1 24  GLY 24  24  24  GLY GLY A . n 
A 1 25  VAL 25  25  25  VAL VAL A . n 
A 1 26  GLY 26  26  26  GLY GLY A . n 
A 1 27  PHE 27  27  27  PHE PHE A . n 
A 1 28  ALA 28  28  28  ALA ALA A . n 
A 1 29  THR 29  29  29  THR THR A . n 
A 1 30  ARG 30  30  30  ARG ARG A . n 
A 1 31  LYS 31  31  31  LYS LYS A . n 
A 1 32  VAL 32  32  32  VAL VAL A . n 
A 1 33  ALA 33  33  33  ALA ALA A . n 
A 1 34  GLY 34  34  34  GLY GLY A . n 
A 1 35  MET 35  35  35  MET MET A . n 
A 1 36  ALA 36  36  36  ALA ALA A . n 
A 1 37  LYS 37  37  37  LYS LYS A . n 
A 1 38  PRO 38  38  38  PRO PRO A . n 
A 1 39  ASN 39  39  39  ASN ASN A . n 
A 1 40  MET 40  40  40  MET MET A . n 
A 1 41  ILE 41  41  41  ILE ILE A . n 
A 1 42  ILE 42  42  42  ILE ILE A . n 
A 1 43  SER 43  43  43  SER SER A . n 
A 1 44  VAL 44  44  44  VAL VAL A . n 
A 1 45  ASN 45  45  45  ASN ASN A . n 
A 1 46  GLY 46  46  46  GLY GLY A . n 
A 1 47  ASP 47  47  47  ASP ASP A . n 
A 1 48  LEU 48  48  48  LEU LEU A . n 
A 1 49  VAL 49  49  49  VAL VAL A . n 
A 1 50  THR 50  50  50  THR THR A . n 
A 1 51  ILE 51  51  51  ILE ILE A . n 
A 1 52  ARG 52  52  52  ARG ARG A . n 
A 1 53  SER 53  53  53  SER SER A . n 
A 1 54  GLU 54  54  54  GLU GLU A . n 
A 1 55  SER 55  55  55  SER SER A . n 
A 1 56  THR 56  56  56  THR THR A . n 
A 1 57  PHE 57  57  57  PHE PHE A . n 
A 1 58  LYS 58  58  58  LYS LYS A . n 
A 1 59  ASN 59  59  59  ASN ASN A . n 
A 1 60  THR 60  60  60  THR THR A . n 
A 1 61  GLU 61  61  61  GLU GLU A . n 
A 1 62  ILE 62  62  62  ILE ILE A . n 
A 1 63  SER 63  63  63  SER SER A . n 
A 1 64  PHE 64  64  64  PHE PHE A . n 
A 1 65  LYS 65  65  65  LYS LYS A . n 
A 1 66  LEU 66  66  66  LEU LEU A . n 
A 1 67  GLY 67  67  67  GLY GLY A . n 
A 1 68  VAL 68  68  68  VAL VAL A . n 
A 1 69  GLU 69  69  69  GLU GLU A . n 
A 1 70  PHE 70  70  70  PHE PHE A . n 
A 1 71  ASP 71  71  71  ASP ASP A . n 
A 1 72  GLU 72  72  72  GLU GLU A . n 
A 1 73  ILE 73  73  73  ILE ILE A . n 
A 1 74  THR 74  74  74  THR THR A . n 
A 1 75  ALA 75  75  75  ALA ALA A . n 
A 1 76  ASP 76  76  76  ASP ASP A . n 
A 1 77  ASP 77  77  77  ASP ASP A . n 
A 1 78  ARG 78  78  78  ARG ARG A . n 
A 1 79  LYS 79  79  79  LYS LYS A . n 
A 1 80  VAL 80  80  80  VAL VAL A . n 
A 1 81  LYS 81  81  81  LYS LYS A . n 
A 1 82  SER 82  82  82  SER SER A . n 
A 1 83  ILE 83  83  83  ILE ILE A . n 
A 1 84  ILE 84  84  84  ILE ILE A . n 
A 1 85  THR 85  85  85  THR THR A . n 
A 1 86  LEU 86  86  86  LEU LEU A . n 
A 1 87  ASP 87  87  87  ASP ASP A . n 
A 1 88  GLY 88  88  88  GLY GLY A . n 
A 1 89  GLY 89  89  89  GLY GLY A . n 
A 1 90  ALA 90  90  90  ALA ALA A . n 
A 1 91  LEU 91  91  91  LEU LEU A . n 
A 1 92  VAL 92  92  92  VAL VAL A . n 
A 1 93  GLN 93  93  93  GLN GLN A . n 
A 1 94  VAL 94  94  94  VAL VAL A . n 
A 1 95  GLN 95  95  95  GLN GLN A . n 
A 1 96  LYS 96  96  96  LYS LYS A . n 
A 1 97  TRP 97  97  97  TRP TRP A . n 
A 1 98  ASP 98  98  98  ASP ASP A . n 
A 1 99  GLY 99  99  99  GLY GLY A . n 
A 1 100 LYS 100 100 100 LYS LYS A . n 
A 1 101 SER 101 101 101 SER SER A . n 
A 1 102 THR 102 102 102 THR THR A . n 
A 1 103 THR 103 103 103 THR THR A . n 
A 1 104 ILE 104 104 104 ILE ILE A . n 
A 1 105 LYS 105 105 105 LYS LYS A . n 
A 1 106 ARG 106 106 106 ARG ARG A . n 
A 1 107 LYS 107 107 107 LYS LYS A . n 
A 1 108 ARG 108 108 108 ARG ARG A . n 
A 1 109 ASP 109 109 109 ASP ASP A . n 
A 1 110 GLY 110 110 110 GLY GLY A . n 
A 1 111 ASP 111 111 111 ASP ASP A . n 
A 1 112 LYS 112 112 112 LYS LYS A . n 
A 1 113 LEU 113 113 113 LEU LEU A . n 
A 1 114 VAL 114 114 114 VAL VAL A . n 
A 1 115 VAL 115 115 115 VAL VAL A . n 
A 1 116 GLU 116 116 116 GLU GLU A . n 
A 1 117 CYS 117 117 117 CYS CYS A . n 
A 1 118 VAL 118 118 118 VAL VAL A . n 
A 1 119 MET 119 119 119 MET MET A . n 
A 1 120 LYS 120 120 120 LYS LYS A . n 
A 1 121 GLY 121 121 121 GLY GLY A . n 
A 1 122 VAL 122 122 122 VAL VAL A . n 
A 1 123 THR 123 123 123 THR THR A . n 
A 1 124 SER 124 124 124 SER SER A . n 
A 1 125 THR 125 125 125 THR THR A . n 
A 1 126 ARG 126 126 126 ARG ARG A . n 
A 1 127 VAL 127 127 127 VAL VAL A . n 
A 1 128 TYR 128 128 128 TYR TYR A . n 
A 1 129 GLU 129 129 129 GLU GLU A . n 
A 1 130 ARG 130 130 130 ARG ARG A . n 
A 1 131 ALA 131 131 131 ALA ALA A . n 
# 
loop_
_pdbx_nonpoly_scheme.asym_id 
_pdbx_nonpoly_scheme.entity_id 
_pdbx_nonpoly_scheme.mon_id 
_pdbx_nonpoly_scheme.ndb_seq_num 
_pdbx_nonpoly_scheme.pdb_seq_num 
_pdbx_nonpoly_scheme.auth_seq_num 
_pdbx_nonpoly_scheme.pdb_mon_id 
_pdbx_nonpoly_scheme.auth_mon_id 
_pdbx_nonpoly_scheme.pdb_strand_id 
_pdbx_nonpoly_scheme.pdb_ins_code 
B 2 STE 1  132 132 STE STE A . 
C 3 HOH 1  133 133 HOH HOH A . 
C 3 HOH 2  134 134 HOH HOH A . 
C 3 HOH 3  135 135 HOH HOH A . 
C 3 HOH 4  136 136 HOH HOH A . 
C 3 HOH 5  137 137 HOH HOH A . 
C 3 HOH 6  138 138 HOH HOH A . 
C 3 HOH 7  139 139 HOH HOH A . 
C 3 HOH 8  140 140 HOH HOH A . 
C 3 HOH 9  141 141 HOH HOH A . 
C 3 HOH 10 142 142 HOH HOH A . 
C 3 HOH 11 143 143 HOH HOH A . 
C 3 HOH 12 144 144 HOH HOH A . 
C 3 HOH 13 145 145 HOH HOH A . 
C 3 HOH 14 146 146 HOH HOH A . 
C 3 HOH 15 147 147 HOH HOH A . 
C 3 HOH 16 148 148 HOH HOH A . 
C 3 HOH 17 149 149 HOH HOH A . 
C 3 HOH 18 150 150 HOH HOH A . 
C 3 HOH 19 151 151 HOH HOH A . 
C 3 HOH 20 152 152 HOH HOH A . 
C 3 HOH 21 153 153 HOH HOH A . 
C 3 HOH 22 154 154 HOH HOH A . 
C 3 HOH 23 155 155 HOH HOH A . 
C 3 HOH 24 156 156 HOH HOH A . 
C 3 HOH 25 157 157 HOH HOH A . 
C 3 HOH 26 158 158 HOH HOH A . 
C 3 HOH 27 159 159 HOH HOH A . 
C 3 HOH 28 160 160 HOH HOH A . 
C 3 HOH 29 161 161 HOH HOH A . 
C 3 HOH 30 162 162 HOH HOH A . 
C 3 HOH 31 163 163 HOH HOH A . 
C 3 HOH 32 164 164 HOH HOH A . 
C 3 HOH 33 165 165 HOH HOH A . 
C 3 HOH 34 166 166 HOH HOH A . 
C 3 HOH 35 167 167 HOH HOH A . 
C 3 HOH 36 168 168 HOH HOH A . 
C 3 HOH 37 169 169 HOH HOH A . 
C 3 HOH 38 170 170 HOH HOH A . 
C 3 HOH 39 171 171 HOH HOH A . 
C 3 HOH 40 172 172 HOH HOH A . 
C 3 HOH 41 173 173 HOH HOH A . 
C 3 HOH 42 174 174 HOH HOH A . 
C 3 HOH 43 175 175 HOH HOH A . 
C 3 HOH 44 176 176 HOH HOH A . 
C 3 HOH 45 177 177 HOH HOH A . 
C 3 HOH 46 178 178 HOH HOH A . 
C 3 HOH 47 179 179 HOH HOH A . 
C 3 HOH 48 180 180 HOH HOH A . 
C 3 HOH 49 181 181 HOH HOH A . 
C 3 HOH 50 182 182 HOH HOH A . 
C 3 HOH 51 183 183 HOH HOH A . 
C 3 HOH 52 184 184 HOH HOH A . 
C 3 HOH 53 185 185 HOH HOH A . 
C 3 HOH 54 186 186 HOH HOH A . 
C 3 HOH 55 187 187 HOH HOH A . 
C 3 HOH 56 188 188 HOH HOH A . 
C 3 HOH 57 189 189 HOH HOH A . 
C 3 HOH 58 190 190 HOH HOH A . 
C 3 HOH 59 191 191 HOH HOH A . 
C 3 HOH 60 192 192 HOH HOH A . 
C 3 HOH 61 193 193 HOH HOH A . 
C 3 HOH 62 194 194 HOH HOH A . 
C 3 HOH 63 195 195 HOH HOH A . 
C 3 HOH 64 196 196 HOH HOH A . 
C 3 HOH 65 197 197 HOH HOH A . 
C 3 HOH 66 198 198 HOH HOH A . 
C 3 HOH 67 199 199 HOH HOH A . 
C 3 HOH 68 200 200 HOH HOH A . 
C 3 HOH 69 201 201 HOH HOH A . 
C 3 HOH 70 202 202 HOH HOH A . 
C 3 HOH 71 203 203 HOH HOH A . 
C 3 HOH 72 204 204 HOH HOH A . 
C 3 HOH 73 205 205 HOH HOH A . 
C 3 HOH 74 206 206 HOH HOH A . 
C 3 HOH 75 207 207 HOH HOH A . 
C 3 HOH 76 208 208 HOH HOH A . 
C 3 HOH 77 209 209 HOH HOH A . 
C 3 HOH 78 210 210 HOH HOH A . 
C 3 HOH 79 211 211 HOH HOH A . 
C 3 HOH 80 212 212 HOH HOH A . 
C 3 HOH 81 213 213 HOH HOH A . 
C 3 HOH 82 214 214 HOH HOH A . 
C 3 HOH 83 215 215 HOH HOH A . 
C 3 HOH 84 216 216 HOH HOH A . 
C 3 HOH 85 217 217 HOH HOH A . 
C 3 HOH 86 218 218 HOH HOH A . 
C 3 HOH 87 219 219 HOH HOH A . 
C 3 HOH 88 220 220 HOH HOH A . 
C 3 HOH 89 221 221 HOH HOH A . 
C 3 HOH 90 222 222 HOH HOH A . 
C 3 HOH 91 223 223 HOH HOH A . 
C 3 HOH 92 224 224 HOH HOH A . 
C 3 HOH 93 225 225 HOH HOH A . 
C 3 HOH 94 226 226 HOH HOH A . 
C 3 HOH 95 227 227 HOH HOH A . 
C 3 HOH 96 228 228 HOH HOH A . 
C 3 HOH 97 229 229 HOH HOH A . 
# 
loop_
_pdbx_unobs_or_zero_occ_atoms.id 
_pdbx_unobs_or_zero_occ_atoms.PDB_model_num 
_pdbx_unobs_or_zero_occ_atoms.polymer_flag 
_pdbx_unobs_or_zero_occ_atoms.occupancy_flag 
_pdbx_unobs_or_zero_occ_atoms.auth_asym_id 
_pdbx_unobs_or_zero_occ_atoms.auth_comp_id 
_pdbx_unobs_or_zero_occ_atoms.auth_seq_id 
_pdbx_unobs_or_zero_occ_atoms.PDB_ins_code 
_pdbx_unobs_or_zero_occ_atoms.auth_atom_id 
_pdbx_unobs_or_zero_occ_atoms.label_alt_id 
_pdbx_unobs_or_zero_occ_atoms.label_asym_id 
_pdbx_unobs_or_zero_occ_atoms.label_comp_id 
_pdbx_unobs_or_zero_occ_atoms.label_seq_id 
_pdbx_unobs_or_zero_occ_atoms.label_atom_id 
1  1 Y 0 A LYS 9   ? NZ ? A LYS 9   NZ 
2  1 Y 0 A LYS 21  ? CD ? A LYS 21  CD 
3  1 Y 0 A LYS 21  ? CE ? A LYS 21  CE 
4  1 Y 0 A LYS 21  ? NZ ? A LYS 21  NZ 
5  1 Y 0 A MET 35  ? CE ? A MET 35  CE 
6  1 Y 0 A LYS 37  ? CG ? A LYS 37  CG 
7  1 Y 0 A LYS 37  ? CD ? A LYS 37  CD 
8  1 Y 0 A LYS 37  ? CE ? A LYS 37  CE 
9  1 Y 0 A LYS 37  ? NZ ? A LYS 37  NZ 
10 1 Y 0 A LYS 79  ? CD ? A LYS 79  CD 
11 1 Y 0 A LYS 79  ? CE ? A LYS 79  CE 
12 1 Y 0 A LYS 79  ? NZ ? A LYS 79  NZ 
13 1 Y 0 A LYS 120 ? CD ? A LYS 120 CD 
14 1 Y 0 A LYS 120 ? CE ? A LYS 120 CE 
15 1 Y 0 A LYS 120 ? NZ ? A LYS 120 NZ 
# 
loop_
_software.name 
_software.classification 
_software.version 
_software.citation_id 
_software.pdbx_ordinal 
X-PLOR 'model building' . ? 1 
TNT    refinement       . ? 2 
X-PLOR refinement       . ? 3 
X-PLOR phasing          . ? 4 
# 
_cell.entry_id           1LIF 
_cell.length_a           120.530 
_cell.length_b           37.860 
_cell.length_c           28.730 
_cell.angle_alpha        90.00 
_cell.angle_beta         92.49 
_cell.angle_gamma        90.00 
_cell.Z_PDB              4 
_cell.pdbx_unique_axis   ? 
# 
_symmetry.entry_id                         1LIF 
_symmetry.space_group_name_H-M             'C 1 2 1' 
_symmetry.pdbx_full_space_group_name_H-M   ? 
_symmetry.cell_setting                     ? 
_symmetry.Int_Tables_number                5 
# 
_exptl.entry_id          1LIF 
_exptl.method            'X-RAY DIFFRACTION' 
_exptl.crystals_number   ? 
# 
_exptl_crystal.id                    1 
_exptl_crystal.density_meas          ? 
_exptl_crystal.density_Matthews      2.25 
_exptl_crystal.density_percent_sol   45.38 
_exptl_crystal.description           ? 
# 
_diffrn.id                     1 
_diffrn.ambient_temp           ? 
_diffrn.ambient_temp_details   ? 
_diffrn.crystal_id             1 
# 
_diffrn_radiation.diffrn_id                        1 
_diffrn_radiation.wavelength_id                    1 
_diffrn_radiation.pdbx_monochromatic_or_laue_m_l   ? 
_diffrn_radiation.monochromator                    ? 
_diffrn_radiation.pdbx_diffrn_protocol             ? 
_diffrn_radiation.pdbx_scattering_type             x-ray 
# 
_diffrn_radiation_wavelength.id           1 
_diffrn_radiation_wavelength.wavelength   . 
_diffrn_radiation_wavelength.wt           1.0 
# 
_refine.entry_id                                 1LIF 
_refine.ls_number_reflns_obs                     ? 
_refine.ls_number_reflns_all                     ? 
_refine.pdbx_ls_sigma_I                          ? 
_refine.pdbx_ls_sigma_F                          ? 
_refine.pdbx_data_cutoff_high_absF               ? 
_refine.pdbx_data_cutoff_low_absF                ? 
_refine.pdbx_data_cutoff_high_rms_absF           ? 
_refine.ls_d_res_low                             ? 
_refine.ls_d_res_high                            1.6 
_refine.ls_percent_reflns_obs                    ? 
_refine.ls_R_factor_obs                          0.1800000 
_refine.ls_R_factor_all                          ? 
_refine.ls_R_factor_R_work                       0.1800000 
_refine.ls_R_factor_R_free                       ? 
_refine.ls_R_factor_R_free_error                 ? 
_refine.ls_R_factor_R_free_error_details         ? 
_refine.ls_percent_reflns_R_free                 ? 
_refine.ls_number_reflns_R_free                  ? 
_refine.ls_number_parameters                     ? 
_refine.ls_number_restraints                     ? 
_refine.occupancy_min                            ? 
_refine.occupancy_max                            ? 
_refine.B_iso_mean                               ? 
_refine.aniso_B[1][1]                            ? 
_refine.aniso_B[2][2]                            ? 
_refine.aniso_B[3][3]                            ? 
_refine.aniso_B[1][2]                            ? 
_refine.aniso_B[1][3]                            ? 
_refine.aniso_B[2][3]                            ? 
_refine.solvent_model_details                    ? 
_refine.solvent_model_param_ksol                 ? 
_refine.solvent_model_param_bsol                 ? 
_refine.pdbx_ls_cross_valid_method               ? 
_refine.details                                  
;LYS 9, LYS 21, MET 35, LYS 37, LYS 79, AND LYS 120
POSITIONS ARE NOT ACCURATE.
;
_refine.pdbx_starting_model                      ? 
_refine.pdbx_method_to_determine_struct          ? 
_refine.pdbx_isotropic_thermal_model             ? 
_refine.pdbx_stereochemistry_target_values       ? 
_refine.pdbx_stereochem_target_val_spec_case     ? 
_refine.pdbx_R_Free_selection_details            ? 
_refine.pdbx_overall_ESU_R                       ? 
_refine.pdbx_overall_ESU_R_Free                  ? 
_refine.overall_SU_ML                            ? 
_refine.overall_SU_B                             ? 
_refine.pdbx_refine_id                           'X-RAY DIFFRACTION' 
_refine.pdbx_diffrn_id                           1 
_refine.pdbx_TLS_residual_ADP_flag               ? 
_refine.correlation_coeff_Fo_to_Fc               ? 
_refine.correlation_coeff_Fo_to_Fc_free          ? 
_refine.pdbx_solvent_vdw_probe_radii             ? 
_refine.pdbx_solvent_ion_probe_radii             ? 
_refine.pdbx_solvent_shrinkage_radii             ? 
_refine.pdbx_overall_phase_error                 ? 
_refine.overall_SU_R_Cruickshank_DPI             ? 
_refine.pdbx_overall_SU_R_free_Cruickshank_DPI   ? 
_refine.pdbx_overall_SU_R_Blow_DPI               ? 
_refine.pdbx_overall_SU_R_free_Blow_DPI          ? 
# 
_refine_hist.pdbx_refine_id                   'X-RAY DIFFRACTION' 
_refine_hist.cycle_id                         LAST 
_refine_hist.pdbx_number_atoms_protein        1017 
_refine_hist.pdbx_number_atoms_nucleic_acid   0 
_refine_hist.pdbx_number_atoms_ligand         20 
_refine_hist.number_atoms_solvent             97 
_refine_hist.number_atoms_total               1134 
_refine_hist.d_res_high                       1.6 
_refine_hist.d_res_low                        . 
# 
loop_
_refine_ls_restr.type 
_refine_ls_restr.dev_ideal 
_refine_ls_restr.dev_ideal_target 
_refine_ls_restr.weight 
_refine_ls_restr.number 
_refine_ls_restr.pdbx_refine_id 
_refine_ls_restr.pdbx_restraint_function 
x_bond_d                0.013 ? ? ? 'X-RAY DIFFRACTION' ? 
x_bond_d_na             ?     ? ? ? 'X-RAY DIFFRACTION' ? 
x_bond_d_prot           ?     ? ? ? 'X-RAY DIFFRACTION' ? 
x_angle_d               ?     ? ? ? 'X-RAY DIFFRACTION' ? 
x_angle_d_na            ?     ? ? ? 'X-RAY DIFFRACTION' ? 
x_angle_d_prot          ?     ? ? ? 'X-RAY DIFFRACTION' ? 
x_angle_deg             2.8   ? ? ? 'X-RAY DIFFRACTION' ? 
x_angle_deg_na          ?     ? ? ? 'X-RAY DIFFRACTION' ? 
x_angle_deg_prot        ?     ? ? ? 'X-RAY DIFFRACTION' ? 
x_dihedral_angle_d      ?     ? ? ? 'X-RAY DIFFRACTION' ? 
x_dihedral_angle_d_na   ?     ? ? ? 'X-RAY DIFFRACTION' ? 
x_dihedral_angle_d_prot ?     ? ? ? 'X-RAY DIFFRACTION' ? 
x_improper_angle_d      ?     ? ? ? 'X-RAY DIFFRACTION' ? 
x_improper_angle_d_na   ?     ? ? ? 'X-RAY DIFFRACTION' ? 
x_improper_angle_d_prot ?     ? ? ? 'X-RAY DIFFRACTION' ? 
x_mcbond_it             ?     ? ? ? 'X-RAY DIFFRACTION' ? 
x_mcangle_it            ?     ? ? ? 'X-RAY DIFFRACTION' ? 
x_scbond_it             ?     ? ? ? 'X-RAY DIFFRACTION' ? 
x_scangle_it            ?     ? ? ? 'X-RAY DIFFRACTION' ? 
# 
_struct.entry_id                  1LIF 
_struct.title                     
;THE ADIPOCYTE LIPID-BINDING PROTEIN AT 1.6 ANGSTROMS RESOLUTION: CRYSTAL STRUCTURES OF THE APOPROTEIN AND WITH BOUND SATURATED AND UNSATURATED FATTY ACIDS
;
_struct.pdbx_model_details        ? 
_struct.pdbx_CASP_flag            ? 
_struct.pdbx_model_type_details   ? 
# 
_struct_keywords.entry_id        1LIF 
_struct_keywords.pdbx_keywords   'LIPID BINDING PROTEIN' 
_struct_keywords.text            'LIPID-BINDING PROTEIN, LIPID BINDING PROTEIN' 
# 
loop_
_struct_asym.id 
_struct_asym.pdbx_blank_PDB_chainid_flag 
_struct_asym.pdbx_modified 
_struct_asym.entity_id 
_struct_asym.details 
A N N 1 ? 
B N N 2 ? 
C N N 3 ? 
# 
_struct_ref.id                         1 
_struct_ref.db_name                    UNP 
_struct_ref.db_code                    FABPA_MOUSE 
_struct_ref.entity_id                  1 
_struct_ref.pdbx_db_accession          P04117 
_struct_ref.pdbx_align_begin           1 
_struct_ref.pdbx_seq_one_letter_code   
;CDAFVGTWKLVSSENFDDYMKEVGVGFATRKVAGMAKPNMIISVNGDLVTIRSESTFKNTEISFKLGVEFDEITADDRKV
KSIITLDGGALVQVQKWDGKSTTIKRKRDGDKLVVECVMKGVTSTRVYERA
;
_struct_ref.pdbx_db_isoform            ? 
# 
_struct_ref_seq.align_id                      1 
_struct_ref_seq.ref_id                        1 
_struct_ref_seq.pdbx_PDB_id_code              1LIF 
_struct_ref_seq.pdbx_strand_id                A 
_struct_ref_seq.seq_align_beg                 1 
_struct_ref_seq.pdbx_seq_align_beg_ins_code   ? 
_struct_ref_seq.seq_align_end                 131 
_struct_ref_seq.pdbx_seq_align_end_ins_code   ? 
_struct_ref_seq.pdbx_db_accession             P04117 
_struct_ref_seq.db_align_beg                  1 
_struct_ref_seq.pdbx_db_align_beg_ins_code    ? 
_struct_ref_seq.db_align_end                  131 
_struct_ref_seq.pdbx_db_align_end_ins_code    ? 
_struct_ref_seq.pdbx_auth_seq_align_beg       1 
_struct_ref_seq.pdbx_auth_seq_align_end       131 
# 
_pdbx_struct_assembly.id                   1 
_pdbx_struct_assembly.details              author_defined_assembly 
_pdbx_struct_assembly.method_details       ? 
_pdbx_struct_assembly.oligomeric_details   dimeric 
_pdbx_struct_assembly.oligomeric_count     2 
# 
_pdbx_struct_assembly_gen.assembly_id       1 
_pdbx_struct_assembly_gen.oper_expression   1,2 
_pdbx_struct_assembly_gen.asym_id_list      A,B,C 
# 
loop_
_pdbx_struct_oper_list.id 
_pdbx_struct_oper_list.type 
_pdbx_struct_oper_list.name 
_pdbx_struct_oper_list.symmetry_operation 
_pdbx_struct_oper_list.matrix[1][1] 
_pdbx_struct_oper_list.matrix[1][2] 
_pdbx_struct_oper_list.matrix[1][3] 
_pdbx_struct_oper_list.vector[1] 
_pdbx_struct_oper_list.matrix[2][1] 
_pdbx_struct_oper_list.matrix[2][2] 
_pdbx_struct_oper_list.matrix[2][3] 
_pdbx_struct_oper_list.vector[2] 
_pdbx_struct_oper_list.matrix[3][1] 
_pdbx_struct_oper_list.matrix[3][2] 
_pdbx_struct_oper_list.matrix[3][3] 
_pdbx_struct_oper_list.vector[3] 
1 'identity operation'         1_555 x,y,z     1.0000000000 0.0000000000  0.0000000000  0.0000000000   0.0000000000  1.0000000000  0.0000000000 0.0000000000   0.0000000000  0.0000000000 1.0000000000  0.0000000000   
2 'crystal symmetry operation' 2_455 -x-1,y,-z 0.2744220165 -0.2047697911 -0.9395540908 -22.0229448743 -0.2047697911 -0.9670982871 0.1509643528 -16.4929679276 -0.9395540908 0.1509643528 -0.3073237295 -26.2776400652 
# 
_struct_biol.id   1 
# 
loop_
_struct_conf.conf_type_id 
_struct_conf.id 
_struct_conf.pdbx_PDB_helix_id 
_struct_conf.beg_label_comp_id 
_struct_conf.beg_label_asym_id 
_struct_conf.beg_label_seq_id 
_struct_conf.pdbx_beg_PDB_ins_code 
_struct_conf.end_label_comp_id 
_struct_conf.end_label_asym_id 
_struct_conf.end_label_seq_id 
_struct_conf.pdbx_end_PDB_ins_code 
_struct_conf.beg_auth_comp_id 
_struct_conf.beg_auth_asym_id 
_struct_conf.beg_auth_seq_id 
_struct_conf.end_auth_comp_id 
_struct_conf.end_auth_asym_id 
_struct_conf.end_auth_seq_id 
_struct_conf.pdbx_PDB_helix_class 
_struct_conf.details 
_struct_conf.pdbx_PDB_helix_length 
HELX_P HELX_P1 H1 PHE A 16 ? VAL A 23 ? PHE A 16 VAL A 23 1 ? 8 
HELX_P HELX_P2 H2 PHE A 27 ? MET A 35 ? PHE A 27 MET A 35 1 ? 9 
# 
_struct_conf_type.id          HELX_P 
_struct_conf_type.criteria    ? 
_struct_conf_type.reference   ? 
# 
_struct_sheet.id               S1 
_struct_sheet.type             ? 
_struct_sheet.number_strands   11 
_struct_sheet.details          ? 
# 
loop_
_struct_sheet_order.sheet_id 
_struct_sheet_order.range_id_1 
_struct_sheet_order.range_id_2 
_struct_sheet_order.offset 
_struct_sheet_order.sense 
S1 1  2  ? parallel 
S1 2  3  ? parallel 
S1 3  4  ? parallel 
S1 4  5  ? parallel 
S1 5  6  ? parallel 
S1 6  7  ? parallel 
S1 7  8  ? parallel 
S1 8  9  ? parallel 
S1 9  10 ? parallel 
S1 10 11 ? parallel 
# 
loop_
_struct_sheet_range.sheet_id 
_struct_sheet_range.id 
_struct_sheet_range.beg_label_comp_id 
_struct_sheet_range.beg_label_asym_id 
_struct_sheet_range.beg_label_seq_id 
_struct_sheet_range.pdbx_beg_PDB_ins_code 
_struct_sheet_range.end_label_comp_id 
_struct_sheet_range.end_label_asym_id 
_struct_sheet_range.end_label_seq_id 
_struct_sheet_range.pdbx_end_PDB_ins_code 
_struct_sheet_range.beg_auth_comp_id 
_struct_sheet_range.beg_auth_asym_id 
_struct_sheet_range.beg_auth_seq_id 
_struct_sheet_range.end_auth_comp_id 
_struct_sheet_range.end_auth_asym_id 
_struct_sheet_range.end_auth_seq_id 
S1 1  GLY A 6   ? GLU A 14  ? GLY A 6   GLU A 14  
S1 2  ASN A 39  ? ASN A 45  ? ASN A 39  ASN A 45  
S1 3  LEU A 48  ? GLU A 54  ? LEU A 48  GLU A 54  
S1 4  ASN A 59  ? PHE A 64  ? ASN A 59  PHE A 64  
S1 5  PHE A 70  ? ILE A 73  ? PHE A 70  ILE A 73  
S1 6  LYS A 79  ? ASP A 87  ? LYS A 79  ASP A 87  
S1 7  ALA A 90  ? TRP A 97  ? ALA A 90  TRP A 97  
S1 8  LYS A 100 ? ASP A 109 ? LYS A 100 ASP A 109 
S1 9  LYS A 112 ? MET A 119 ? LYS A 112 MET A 119 
S1 10 VAL A 122 ? ARG A 130 ? VAL A 122 ARG A 130 
S1 11 GLY A 6   ? GLU A 14  ? GLY A 6   GLU A 14  
# 
_struct_site.id                   AC1 
_struct_site.pdbx_evidence_code   Software 
_struct_site.pdbx_auth_asym_id    A 
_struct_site.pdbx_auth_comp_id    STE 
_struct_site.pdbx_auth_seq_id     132 
_struct_site.pdbx_auth_ins_code   ? 
_struct_site.pdbx_num_residues    10 
_struct_site.details              'BINDING SITE FOR RESIDUE STE A 132' 
# 
loop_
_struct_site_gen.id 
_struct_site_gen.site_id 
_struct_site_gen.pdbx_num_res 
_struct_site_gen.label_comp_id 
_struct_site_gen.label_asym_id 
_struct_site_gen.label_seq_id 
_struct_site_gen.pdbx_auth_ins_code 
_struct_site_gen.auth_comp_id 
_struct_site_gen.auth_asym_id 
_struct_site_gen.auth_seq_id 
_struct_site_gen.label_atom_id 
_struct_site_gen.label_alt_id 
_struct_site_gen.symmetry 
_struct_site_gen.details 
1  AC1 10 ALA A 33  ? ALA A 33  . ? 1_555 ? 
2  AC1 10 MET A 40  ? MET A 40  . ? 1_555 ? 
3  AC1 10 PHE A 57  ? PHE A 57  . ? 1_555 ? 
4  AC1 10 ASP A 76  ? ASP A 76  . ? 1_555 ? 
5  AC1 10 CYS A 117 ? CYS A 117 . ? 1_555 ? 
6  AC1 10 ARG A 126 ? ARG A 126 . ? 1_555 ? 
7  AC1 10 TYR A 128 ? TYR A 128 . ? 1_555 ? 
8  AC1 10 HOH C .   ? HOH A 163 . ? 1_555 ? 
9  AC1 10 HOH C .   ? HOH A 183 . ? 1_555 ? 
10 AC1 10 HOH C .   ? HOH A 184 . ? 1_555 ? 
# 
loop_
_pdbx_validate_symm_contact.id 
_pdbx_validate_symm_contact.PDB_model_num 
_pdbx_validate_symm_contact.auth_atom_id_1 
_pdbx_validate_symm_contact.auth_asym_id_1 
_pdbx_validate_symm_contact.auth_comp_id_1 
_pdbx_validate_symm_contact.auth_seq_id_1 
_pdbx_validate_symm_contact.PDB_ins_code_1 
_pdbx_validate_symm_contact.label_alt_id_1 
_pdbx_validate_symm_contact.site_symmetry_1 
_pdbx_validate_symm_contact.auth_atom_id_2 
_pdbx_validate_symm_contact.auth_asym_id_2 
_pdbx_validate_symm_contact.auth_comp_id_2 
_pdbx_validate_symm_contact.auth_seq_id_2 
_pdbx_validate_symm_contact.PDB_ins_code_2 
_pdbx_validate_symm_contact.label_alt_id_2 
_pdbx_validate_symm_contact.site_symmetry_2 
_pdbx_validate_symm_contact.dist 
1 1 CE  A MET 35 ? ? 1_555 CZ  A PHE 57 ? ? 2_454 1.91 
2 1 CG  A LYS 21 ? ? 1_555 NZ  A LYS 21 ? ? 2_455 1.93 
3 1 CE  A MET 35 ? ? 1_555 CE1 A PHE 57 ? ? 2_454 1.97 
4 1 OD2 A ASP 17 ? ? 1_555 NZ  A LYS 21 ? ? 2_455 2.01 
# 
loop_
_pdbx_validate_rmsd_angle.id 
_pdbx_validate_rmsd_angle.PDB_model_num 
_pdbx_validate_rmsd_angle.auth_atom_id_1 
_pdbx_validate_rmsd_angle.auth_asym_id_1 
_pdbx_validate_rmsd_angle.auth_comp_id_1 
_pdbx_validate_rmsd_angle.auth_seq_id_1 
_pdbx_validate_rmsd_angle.PDB_ins_code_1 
_pdbx_validate_rmsd_angle.label_alt_id_1 
_pdbx_validate_rmsd_angle.auth_atom_id_2 
_pdbx_validate_rmsd_angle.auth_asym_id_2 
_pdbx_validate_rmsd_angle.auth_comp_id_2 
_pdbx_validate_rmsd_angle.auth_seq_id_2 
_pdbx_validate_rmsd_angle.PDB_ins_code_2 
_pdbx_validate_rmsd_angle.label_alt_id_2 
_pdbx_validate_rmsd_angle.auth_atom_id_3 
_pdbx_validate_rmsd_angle.auth_asym_id_3 
_pdbx_validate_rmsd_angle.auth_comp_id_3 
_pdbx_validate_rmsd_angle.auth_seq_id_3 
_pdbx_validate_rmsd_angle.PDB_ins_code_3 
_pdbx_validate_rmsd_angle.label_alt_id_3 
_pdbx_validate_rmsd_angle.angle_value 
_pdbx_validate_rmsd_angle.angle_target_value 
_pdbx_validate_rmsd_angle.angle_deviation 
_pdbx_validate_rmsd_angle.angle_standard_deviation 
_pdbx_validate_rmsd_angle.linker_flag 
1  1 CD1 A TRP 8   ? ? CG  A TRP 8   ? ? CD2 A TRP 8   ? ? 112.28 106.30 5.98  0.80 N 
2  1 CE2 A TRP 8   ? ? CD2 A TRP 8   ? ? CG  A TRP 8   ? ? 101.75 107.30 -5.55 0.80 N 
3  1 CG  A MET 35  ? ? SD  A MET 35  ? ? CE  A MET 35  ? ? 109.99 100.20 9.79  1.60 N 
4  1 CA  A LEU 66  ? ? CB  A LEU 66  ? ? CG  A LEU 66  ? ? 130.93 115.30 15.63 2.30 N 
5  1 NE  A ARG 78  ? ? CZ  A ARG 78  ? ? NH1 A ARG 78  ? ? 124.37 120.30 4.07  0.50 N 
6  1 NE  A ARG 78  ? ? CZ  A ARG 78  ? ? NH2 A ARG 78  ? ? 115.08 120.30 -5.22 0.50 N 
7  1 CD1 A TRP 97  ? ? CG  A TRP 97  ? ? CD2 A TRP 97  ? ? 112.76 106.30 6.46  0.80 N 
8  1 CE2 A TRP 97  ? ? CD2 A TRP 97  ? ? CG  A TRP 97  ? ? 101.08 107.30 -6.22 0.80 N 
9  1 CG  A TRP 97  ? ? CD2 A TRP 97  ? ? CE3 A TRP 97  ? ? 139.42 133.90 5.52  0.90 N 
10 1 NE  A ARG 106 ? ? CZ  A ARG 106 ? ? NH1 A ARG 106 ? ? 123.68 120.30 3.38  0.50 N 
# 
_pdbx_validate_torsion.id              1 
_pdbx_validate_torsion.PDB_model_num   1 
_pdbx_validate_torsion.auth_comp_id    LYS 
_pdbx_validate_torsion.auth_asym_id    A 
_pdbx_validate_torsion.auth_seq_id     37 
_pdbx_validate_torsion.PDB_ins_code    ? 
_pdbx_validate_torsion.label_alt_id    ? 
_pdbx_validate_torsion.phi             -118.43 
_pdbx_validate_torsion.psi             76.80 
# 
loop_
_chem_comp_atom.comp_id 
_chem_comp_atom.atom_id 
_chem_comp_atom.type_symbol 
_chem_comp_atom.pdbx_aromatic_flag 
_chem_comp_atom.pdbx_stereo_config 
_chem_comp_atom.pdbx_ordinal 
ALA N    N N N 1   
ALA CA   C N S 2   
ALA C    C N N 3   
ALA O    O N N 4   
ALA CB   C N N 5   
ALA OXT  O N N 6   
ALA H    H N N 7   
ALA H2   H N N 8   
ALA HA   H N N 9   
ALA HB1  H N N 10  
ALA HB2  H N N 11  
ALA HB3  H N N 12  
ALA HXT  H N N 13  
ARG N    N N N 14  
ARG CA   C N S 15  
ARG C    C N N 16  
ARG O    O N N 17  
ARG CB   C N N 18  
ARG CG   C N N 19  
ARG CD   C N N 20  
ARG NE   N N N 21  
ARG CZ   C N N 22  
ARG NH1  N N N 23  
ARG NH2  N N N 24  
ARG OXT  O N N 25  
ARG H    H N N 26  
ARG H2   H N N 27  
ARG HA   H N N 28  
ARG HB2  H N N 29  
ARG HB3  H N N 30  
ARG HG2  H N N 31  
ARG HG3  H N N 32  
ARG HD2  H N N 33  
ARG HD3  H N N 34  
ARG HE   H N N 35  
ARG HH11 H N N 36  
ARG HH12 H N N 37  
ARG HH21 H N N 38  
ARG HH22 H N N 39  
ARG HXT  H N N 40  
ASN N    N N N 41  
ASN CA   C N S 42  
ASN C    C N N 43  
ASN O    O N N 44  
ASN CB   C N N 45  
ASN CG   C N N 46  
ASN OD1  O N N 47  
ASN ND2  N N N 48  
ASN OXT  O N N 49  
ASN H    H N N 50  
ASN H2   H N N 51  
ASN HA   H N N 52  
ASN HB2  H N N 53  
ASN HB3  H N N 54  
ASN HD21 H N N 55  
ASN HD22 H N N 56  
ASN HXT  H N N 57  
ASP N    N N N 58  
ASP CA   C N S 59  
ASP C    C N N 60  
ASP O    O N N 61  
ASP CB   C N N 62  
ASP CG   C N N 63  
ASP OD1  O N N 64  
ASP OD2  O N N 65  
ASP OXT  O N N 66  
ASP H    H N N 67  
ASP H2   H N N 68  
ASP HA   H N N 69  
ASP HB2  H N N 70  
ASP HB3  H N N 71  
ASP HD2  H N N 72  
ASP HXT  H N N 73  
CYS N    N N N 74  
CYS CA   C N R 75  
CYS C    C N N 76  
CYS O    O N N 77  
CYS CB   C N N 78  
CYS SG   S N N 79  
CYS OXT  O N N 80  
CYS H    H N N 81  
CYS H2   H N N 82  
CYS HA   H N N 83  
CYS HB2  H N N 84  
CYS HB3  H N N 85  
CYS HG   H N N 86  
CYS HXT  H N N 87  
GLN N    N N N 88  
GLN CA   C N S 89  
GLN C    C N N 90  
GLN O    O N N 91  
GLN CB   C N N 92  
GLN CG   C N N 93  
GLN CD   C N N 94  
GLN OE1  O N N 95  
GLN NE2  N N N 96  
GLN OXT  O N N 97  
GLN H    H N N 98  
GLN H2   H N N 99  
GLN HA   H N N 100 
GLN HB2  H N N 101 
GLN HB3  H N N 102 
GLN HG2  H N N 103 
GLN HG3  H N N 104 
GLN HE21 H N N 105 
GLN HE22 H N N 106 
GLN HXT  H N N 107 
GLU N    N N N 108 
GLU CA   C N S 109 
GLU C    C N N 110 
GLU O    O N N 111 
GLU CB   C N N 112 
GLU CG   C N N 113 
GLU CD   C N N 114 
GLU OE1  O N N 115 
GLU OE2  O N N 116 
GLU OXT  O N N 117 
GLU H    H N N 118 
GLU H2   H N N 119 
GLU HA   H N N 120 
GLU HB2  H N N 121 
GLU HB3  H N N 122 
GLU HG2  H N N 123 
GLU HG3  H N N 124 
GLU HE2  H N N 125 
GLU HXT  H N N 126 
GLY N    N N N 127 
GLY CA   C N N 128 
GLY C    C N N 129 
GLY O    O N N 130 
GLY OXT  O N N 131 
GLY H    H N N 132 
GLY H2   H N N 133 
GLY HA2  H N N 134 
GLY HA3  H N N 135 
GLY HXT  H N N 136 
HOH O    O N N 137 
HOH H1   H N N 138 
HOH H2   H N N 139 
ILE N    N N N 140 
ILE CA   C N S 141 
ILE C    C N N 142 
ILE O    O N N 143 
ILE CB   C N S 144 
ILE CG1  C N N 145 
ILE CG2  C N N 146 
ILE CD1  C N N 147 
ILE OXT  O N N 148 
ILE H    H N N 149 
ILE H2   H N N 150 
ILE HA   H N N 151 
ILE HB   H N N 152 
ILE HG12 H N N 153 
ILE HG13 H N N 154 
ILE HG21 H N N 155 
ILE HG22 H N N 156 
ILE HG23 H N N 157 
ILE HD11 H N N 158 
ILE HD12 H N N 159 
ILE HD13 H N N 160 
ILE HXT  H N N 161 
LEU N    N N N 162 
LEU CA   C N S 163 
LEU C    C N N 164 
LEU O    O N N 165 
LEU CB   C N N 166 
LEU CG   C N N 167 
LEU CD1  C N N 168 
LEU CD2  C N N 169 
LEU OXT  O N N 170 
LEU H    H N N 171 
LEU H2   H N N 172 
LEU HA   H N N 173 
LEU HB2  H N N 174 
LEU HB3  H N N 175 
LEU HG   H N N 176 
LEU HD11 H N N 177 
LEU HD12 H N N 178 
LEU HD13 H N N 179 
LEU HD21 H N N 180 
LEU HD22 H N N 181 
LEU HD23 H N N 182 
LEU HXT  H N N 183 
LYS N    N N N 184 
LYS CA   C N S 185 
LYS C    C N N 186 
LYS O    O N N 187 
LYS CB   C N N 188 
LYS CG   C N N 189 
LYS CD   C N N 190 
LYS CE   C N N 191 
LYS NZ   N N N 192 
LYS OXT  O N N 193 
LYS H    H N N 194 
LYS H2   H N N 195 
LYS HA   H N N 196 
LYS HB2  H N N 197 
LYS HB3  H N N 198 
LYS HG2  H N N 199 
LYS HG3  H N N 200 
LYS HD2  H N N 201 
LYS HD3  H N N 202 
LYS HE2  H N N 203 
LYS HE3  H N N 204 
LYS HZ1  H N N 205 
LYS HZ2  H N N 206 
LYS HZ3  H N N 207 
LYS HXT  H N N 208 
MET N    N N N 209 
MET CA   C N S 210 
MET C    C N N 211 
MET O    O N N 212 
MET CB   C N N 213 
MET CG   C N N 214 
MET SD   S N N 215 
MET CE   C N N 216 
MET OXT  O N N 217 
MET H    H N N 218 
MET H2   H N N 219 
MET HA   H N N 220 
MET HB2  H N N 221 
MET HB3  H N N 222 
MET HG2  H N N 223 
MET HG3  H N N 224 
MET HE1  H N N 225 
MET HE2  H N N 226 
MET HE3  H N N 227 
MET HXT  H N N 228 
PHE N    N N N 229 
PHE CA   C N S 230 
PHE C    C N N 231 
PHE O    O N N 232 
PHE CB   C N N 233 
PHE CG   C Y N 234 
PHE CD1  C Y N 235 
PHE CD2  C Y N 236 
PHE CE1  C Y N 237 
PHE CE2  C Y N 238 
PHE CZ   C Y N 239 
PHE OXT  O N N 240 
PHE H    H N N 241 
PHE H2   H N N 242 
PHE HA   H N N 243 
PHE HB2  H N N 244 
PHE HB3  H N N 245 
PHE HD1  H N N 246 
PHE HD2  H N N 247 
PHE HE1  H N N 248 
PHE HE2  H N N 249 
PHE HZ   H N N 250 
PHE HXT  H N N 251 
PRO N    N N N 252 
PRO CA   C N S 253 
PRO C    C N N 254 
PRO O    O N N 255 
PRO CB   C N N 256 
PRO CG   C N N 257 
PRO CD   C N N 258 
PRO OXT  O N N 259 
PRO H    H N N 260 
PRO HA   H N N 261 
PRO HB2  H N N 262 
PRO HB3  H N N 263 
PRO HG2  H N N 264 
PRO HG3  H N N 265 
PRO HD2  H N N 266 
PRO HD3  H N N 267 
PRO HXT  H N N 268 
SER N    N N N 269 
SER CA   C N S 270 
SER C    C N N 271 
SER O    O N N 272 
SER CB   C N N 273 
SER OG   O N N 274 
SER OXT  O N N 275 
SER H    H N N 276 
SER H2   H N N 277 
SER HA   H N N 278 
SER HB2  H N N 279 
SER HB3  H N N 280 
SER HG   H N N 281 
SER HXT  H N N 282 
STE C1   C N N 283 
STE O1   O N N 284 
STE O2   O N N 285 
STE C2   C N N 286 
STE C3   C N N 287 
STE C4   C N N 288 
STE C5   C N N 289 
STE C6   C N N 290 
STE C7   C N N 291 
STE C8   C N N 292 
STE C9   C N N 293 
STE C10  C N N 294 
STE C11  C N N 295 
STE C12  C N N 296 
STE C13  C N N 297 
STE C14  C N N 298 
STE C15  C N N 299 
STE C16  C N N 300 
STE C17  C N N 301 
STE C18  C N N 302 
STE HO2  H N N 303 
STE H21  H N N 304 
STE H22  H N N 305 
STE H31  H N N 306 
STE H32  H N N 307 
STE H41  H N N 308 
STE H42  H N N 309 
STE H51  H N N 310 
STE H52  H N N 311 
STE H61  H N N 312 
STE H62  H N N 313 
STE H71  H N N 314 
STE H72  H N N 315 
STE H81  H N N 316 
STE H82  H N N 317 
STE H91  H N N 318 
STE H92  H N N 319 
STE H101 H N N 320 
STE H102 H N N 321 
STE H111 H N N 322 
STE H112 H N N 323 
STE H121 H N N 324 
STE H122 H N N 325 
STE H131 H N N 326 
STE H132 H N N 327 
STE H141 H N N 328 
STE H142 H N N 329 
STE H151 H N N 330 
STE H152 H N N 331 
STE H161 H N N 332 
STE H162 H N N 333 
STE H171 H N N 334 
STE H172 H N N 335 
STE H181 H N N 336 
STE H182 H N N 337 
STE H183 H N N 338 
THR N    N N N 339 
THR CA   C N S 340 
THR C    C N N 341 
THR O    O N N 342 
THR CB   C N R 343 
THR OG1  O N N 344 
THR CG2  C N N 345 
THR OXT  O N N 346 
THR H    H N N 347 
THR H2   H N N 348 
THR HA   H N N 349 
THR HB   H N N 350 
THR HG1  H N N 351 
THR HG21 H N N 352 
THR HG22 H N N 353 
THR HG23 H N N 354 
THR HXT  H N N 355 
TRP N    N N N 356 
TRP CA   C N S 357 
TRP C    C N N 358 
TRP O    O N N 359 
TRP CB   C N N 360 
TRP CG   C Y N 361 
TRP CD1  C Y N 362 
TRP CD2  C Y N 363 
TRP NE1  N Y N 364 
TRP CE2  C Y N 365 
TRP CE3  C Y N 366 
TRP CZ2  C Y N 367 
TRP CZ3  C Y N 368 
TRP CH2  C Y N 369 
TRP OXT  O N N 370 
TRP H    H N N 371 
TRP H2   H N N 372 
TRP HA   H N N 373 
TRP HB2  H N N 374 
TRP HB3  H N N 375 
TRP HD1  H N N 376 
TRP HE1  H N N 377 
TRP HE3  H N N 378 
TRP HZ2  H N N 379 
TRP HZ3  H N N 380 
TRP HH2  H N N 381 
TRP HXT  H N N 382 
TYR N    N N N 383 
TYR CA   C N S 384 
TYR C    C N N 385 
TYR O    O N N 386 
TYR CB   C N N 387 
TYR CG   C Y N 388 
TYR CD1  C Y N 389 
TYR CD2  C Y N 390 
TYR CE1  C Y N 391 
TYR CE2  C Y N 392 
TYR CZ   C Y N 393 
TYR OH   O N N 394 
TYR OXT  O N N 395 
TYR H    H N N 396 
TYR H2   H N N 397 
TYR HA   H N N 398 
TYR HB2  H N N 399 
TYR HB3  H N N 400 
TYR HD1  H N N 401 
TYR HD2  H N N 402 
TYR HE1  H N N 403 
TYR HE2  H N N 404 
TYR HH   H N N 405 
TYR HXT  H N N 406 
VAL N    N N N 407 
VAL CA   C N S 408 
VAL C    C N N 409 
VAL O    O N N 410 
VAL CB   C N N 411 
VAL CG1  C N N 412 
VAL CG2  C N N 413 
VAL OXT  O N N 414 
VAL H    H N N 415 
VAL H2   H N N 416 
VAL HA   H N N 417 
VAL HB   H N N 418 
VAL HG11 H N N 419 
VAL HG12 H N N 420 
VAL HG13 H N N 421 
VAL HG21 H N N 422 
VAL HG22 H N N 423 
VAL HG23 H N N 424 
VAL HXT  H N N 425 
# 
loop_
_chem_comp_bond.comp_id 
_chem_comp_bond.atom_id_1 
_chem_comp_bond.atom_id_2 
_chem_comp_bond.value_order 
_chem_comp_bond.pdbx_aromatic_flag 
_chem_comp_bond.pdbx_stereo_config 
_chem_comp_bond.pdbx_ordinal 
ALA N   CA   sing N N 1   
ALA N   H    sing N N 2   
ALA N   H2   sing N N 3   
ALA CA  C    sing N N 4   
ALA CA  CB   sing N N 5   
ALA CA  HA   sing N N 6   
ALA C   O    doub N N 7   
ALA C   OXT  sing N N 8   
ALA CB  HB1  sing N N 9   
ALA CB  HB2  sing N N 10  
ALA CB  HB3  sing N N 11  
ALA OXT HXT  sing N N 12  
ARG N   CA   sing N N 13  
ARG N   H    sing N N 14  
ARG N   H2   sing N N 15  
ARG CA  C    sing N N 16  
ARG CA  CB   sing N N 17  
ARG CA  HA   sing N N 18  
ARG C   O    doub N N 19  
ARG C   OXT  sing N N 20  
ARG CB  CG   sing N N 21  
ARG CB  HB2  sing N N 22  
ARG CB  HB3  sing N N 23  
ARG CG  CD   sing N N 24  
ARG CG  HG2  sing N N 25  
ARG CG  HG3  sing N N 26  
ARG CD  NE   sing N N 27  
ARG CD  HD2  sing N N 28  
ARG CD  HD3  sing N N 29  
ARG NE  CZ   sing N N 30  
ARG NE  HE   sing N N 31  
ARG CZ  NH1  sing N N 32  
ARG CZ  NH2  doub N N 33  
ARG NH1 HH11 sing N N 34  
ARG NH1 HH12 sing N N 35  
ARG NH2 HH21 sing N N 36  
ARG NH2 HH22 sing N N 37  
ARG OXT HXT  sing N N 38  
ASN N   CA   sing N N 39  
ASN N   H    sing N N 40  
ASN N   H2   sing N N 41  
ASN CA  C    sing N N 42  
ASN CA  CB   sing N N 43  
ASN CA  HA   sing N N 44  
ASN C   O    doub N N 45  
ASN C   OXT  sing N N 46  
ASN CB  CG   sing N N 47  
ASN CB  HB2  sing N N 48  
ASN CB  HB3  sing N N 49  
ASN CG  OD1  doub N N 50  
ASN CG  ND2  sing N N 51  
ASN ND2 HD21 sing N N 52  
ASN ND2 HD22 sing N N 53  
ASN OXT HXT  sing N N 54  
ASP N   CA   sing N N 55  
ASP N   H    sing N N 56  
ASP N   H2   sing N N 57  
ASP CA  C    sing N N 58  
ASP CA  CB   sing N N 59  
ASP CA  HA   sing N N 60  
ASP C   O    doub N N 61  
ASP C   OXT  sing N N 62  
ASP CB  CG   sing N N 63  
ASP CB  HB2  sing N N 64  
ASP CB  HB3  sing N N 65  
ASP CG  OD1  doub N N 66  
ASP CG  OD2  sing N N 67  
ASP OD2 HD2  sing N N 68  
ASP OXT HXT  sing N N 69  
CYS N   CA   sing N N 70  
CYS N   H    sing N N 71  
CYS N   H2   sing N N 72  
CYS CA  C    sing N N 73  
CYS CA  CB   sing N N 74  
CYS CA  HA   sing N N 75  
CYS C   O    doub N N 76  
CYS C   OXT  sing N N 77  
CYS CB  SG   sing N N 78  
CYS CB  HB2  sing N N 79  
CYS CB  HB3  sing N N 80  
CYS SG  HG   sing N N 81  
CYS OXT HXT  sing N N 82  
GLN N   CA   sing N N 83  
GLN N   H    sing N N 84  
GLN N   H2   sing N N 85  
GLN CA  C    sing N N 86  
GLN CA  CB   sing N N 87  
GLN CA  HA   sing N N 88  
GLN C   O    doub N N 89  
GLN C   OXT  sing N N 90  
GLN CB  CG   sing N N 91  
GLN CB  HB2  sing N N 92  
GLN CB  HB3  sing N N 93  
GLN CG  CD   sing N N 94  
GLN CG  HG2  sing N N 95  
GLN CG  HG3  sing N N 96  
GLN CD  OE1  doub N N 97  
GLN CD  NE2  sing N N 98  
GLN NE2 HE21 sing N N 99  
GLN NE2 HE22 sing N N 100 
GLN OXT HXT  sing N N 101 
GLU N   CA   sing N N 102 
GLU N   H    sing N N 103 
GLU N   H2   sing N N 104 
GLU CA  C    sing N N 105 
GLU CA  CB   sing N N 106 
GLU CA  HA   sing N N 107 
GLU C   O    doub N N 108 
GLU C   OXT  sing N N 109 
GLU CB  CG   sing N N 110 
GLU CB  HB2  sing N N 111 
GLU CB  HB3  sing N N 112 
GLU CG  CD   sing N N 113 
GLU CG  HG2  sing N N 114 
GLU CG  HG3  sing N N 115 
GLU CD  OE1  doub N N 116 
GLU CD  OE2  sing N N 117 
GLU OE2 HE2  sing N N 118 
GLU OXT HXT  sing N N 119 
GLY N   CA   sing N N 120 
GLY N   H    sing N N 121 
GLY N   H2   sing N N 122 
GLY CA  C    sing N N 123 
GLY CA  HA2  sing N N 124 
GLY CA  HA3  sing N N 125 
GLY C   O    doub N N 126 
GLY C   OXT  sing N N 127 
GLY OXT HXT  sing N N 128 
HOH O   H1   sing N N 129 
HOH O   H2   sing N N 130 
ILE N   CA   sing N N 131 
ILE N   H    sing N N 132 
ILE N   H2   sing N N 133 
ILE CA  C    sing N N 134 
ILE CA  CB   sing N N 135 
ILE CA  HA   sing N N 136 
ILE C   O    doub N N 137 
ILE C   OXT  sing N N 138 
ILE CB  CG1  sing N N 139 
ILE CB  CG2  sing N N 140 
ILE CB  HB   sing N N 141 
ILE CG1 CD1  sing N N 142 
ILE CG1 HG12 sing N N 143 
ILE CG1 HG13 sing N N 144 
ILE CG2 HG21 sing N N 145 
ILE CG2 HG22 sing N N 146 
ILE CG2 HG23 sing N N 147 
ILE CD1 HD11 sing N N 148 
ILE CD1 HD12 sing N N 149 
ILE CD1 HD13 sing N N 150 
ILE OXT HXT  sing N N 151 
LEU N   CA   sing N N 152 
LEU N   H    sing N N 153 
LEU N   H2   sing N N 154 
LEU CA  C    sing N N 155 
LEU CA  CB   sing N N 156 
LEU CA  HA   sing N N 157 
LEU C   O    doub N N 158 
LEU C   OXT  sing N N 159 
LEU CB  CG   sing N N 160 
LEU CB  HB2  sing N N 161 
LEU CB  HB3  sing N N 162 
LEU CG  CD1  sing N N 163 
LEU CG  CD2  sing N N 164 
LEU CG  HG   sing N N 165 
LEU CD1 HD11 sing N N 166 
LEU CD1 HD12 sing N N 167 
LEU CD1 HD13 sing N N 168 
LEU CD2 HD21 sing N N 169 
LEU CD2 HD22 sing N N 170 
LEU CD2 HD23 sing N N 171 
LEU OXT HXT  sing N N 172 
LYS N   CA   sing N N 173 
LYS N   H    sing N N 174 
LYS N   H2   sing N N 175 
LYS CA  C    sing N N 176 
LYS CA  CB   sing N N 177 
LYS CA  HA   sing N N 178 
LYS C   O    doub N N 179 
LYS C   OXT  sing N N 180 
LYS CB  CG   sing N N 181 
LYS CB  HB2  sing N N 182 
LYS CB  HB3  sing N N 183 
LYS CG  CD   sing N N 184 
LYS CG  HG2  sing N N 185 
LYS CG  HG3  sing N N 186 
LYS CD  CE   sing N N 187 
LYS CD  HD2  sing N N 188 
LYS CD  HD3  sing N N 189 
LYS CE  NZ   sing N N 190 
LYS CE  HE2  sing N N 191 
LYS CE  HE3  sing N N 192 
LYS NZ  HZ1  sing N N 193 
LYS NZ  HZ2  sing N N 194 
LYS NZ  HZ3  sing N N 195 
LYS OXT HXT  sing N N 196 
MET N   CA   sing N N 197 
MET N   H    sing N N 198 
MET N   H2   sing N N 199 
MET CA  C    sing N N 200 
MET CA  CB   sing N N 201 
MET CA  HA   sing N N 202 
MET C   O    doub N N 203 
MET C   OXT  sing N N 204 
MET CB  CG   sing N N 205 
MET CB  HB2  sing N N 206 
MET CB  HB3  sing N N 207 
MET CG  SD   sing N N 208 
MET CG  HG2  sing N N 209 
MET CG  HG3  sing N N 210 
MET SD  CE   sing N N 211 
MET CE  HE1  sing N N 212 
MET CE  HE2  sing N N 213 
MET CE  HE3  sing N N 214 
MET OXT HXT  sing N N 215 
PHE N   CA   sing N N 216 
PHE N   H    sing N N 217 
PHE N   H2   sing N N 218 
PHE CA  C    sing N N 219 
PHE CA  CB   sing N N 220 
PHE CA  HA   sing N N 221 
PHE C   O    doub N N 222 
PHE C   OXT  sing N N 223 
PHE CB  CG   sing N N 224 
PHE CB  HB2  sing N N 225 
PHE CB  HB3  sing N N 226 
PHE CG  CD1  doub Y N 227 
PHE CG  CD2  sing Y N 228 
PHE CD1 CE1  sing Y N 229 
PHE CD1 HD1  sing N N 230 
PHE CD2 CE2  doub Y N 231 
PHE CD2 HD2  sing N N 232 
PHE CE1 CZ   doub Y N 233 
PHE CE1 HE1  sing N N 234 
PHE CE2 CZ   sing Y N 235 
PHE CE2 HE2  sing N N 236 
PHE CZ  HZ   sing N N 237 
PHE OXT HXT  sing N N 238 
PRO N   CA   sing N N 239 
PRO N   CD   sing N N 240 
PRO N   H    sing N N 241 
PRO CA  C    sing N N 242 
PRO CA  CB   sing N N 243 
PRO CA  HA   sing N N 244 
PRO C   O    doub N N 245 
PRO C   OXT  sing N N 246 
PRO CB  CG   sing N N 247 
PRO CB  HB2  sing N N 248 
PRO CB  HB3  sing N N 249 
PRO CG  CD   sing N N 250 
PRO CG  HG2  sing N N 251 
PRO CG  HG3  sing N N 252 
PRO CD  HD2  sing N N 253 
PRO CD  HD3  sing N N 254 
PRO OXT HXT  sing N N 255 
SER N   CA   sing N N 256 
SER N   H    sing N N 257 
SER N   H2   sing N N 258 
SER CA  C    sing N N 259 
SER CA  CB   sing N N 260 
SER CA  HA   sing N N 261 
SER C   O    doub N N 262 
SER C   OXT  sing N N 263 
SER CB  OG   sing N N 264 
SER CB  HB2  sing N N 265 
SER CB  HB3  sing N N 266 
SER OG  HG   sing N N 267 
SER OXT HXT  sing N N 268 
STE C1  O1   doub N N 269 
STE C1  O2   sing N N 270 
STE C1  C2   sing N N 271 
STE O2  HO2  sing N N 272 
STE C2  C3   sing N N 273 
STE C2  H21  sing N N 274 
STE C2  H22  sing N N 275 
STE C3  C4   sing N N 276 
STE C3  H31  sing N N 277 
STE C3  H32  sing N N 278 
STE C4  C5   sing N N 279 
STE C4  H41  sing N N 280 
STE C4  H42  sing N N 281 
STE C5  C6   sing N N 282 
STE C5  H51  sing N N 283 
STE C5  H52  sing N N 284 
STE C6  C7   sing N N 285 
STE C6  H61  sing N N 286 
STE C6  H62  sing N N 287 
STE C7  C8   sing N N 288 
STE C7  H71  sing N N 289 
STE C7  H72  sing N N 290 
STE C8  C9   sing N N 291 
STE C8  H81  sing N N 292 
STE C8  H82  sing N N 293 
STE C9  C10  sing N N 294 
STE C9  H91  sing N N 295 
STE C9  H92  sing N N 296 
STE C10 C11  sing N N 297 
STE C10 H101 sing N N 298 
STE C10 H102 sing N N 299 
STE C11 C12  sing N N 300 
STE C11 H111 sing N N 301 
STE C11 H112 sing N N 302 
STE C12 C13  sing N N 303 
STE C12 H121 sing N N 304 
STE C12 H122 sing N N 305 
STE C13 C14  sing N N 306 
STE C13 H131 sing N N 307 
STE C13 H132 sing N N 308 
STE C14 C15  sing N N 309 
STE C14 H141 sing N N 310 
STE C14 H142 sing N N 311 
STE C15 C16  sing N N 312 
STE C15 H151 sing N N 313 
STE C15 H152 sing N N 314 
STE C16 C17  sing N N 315 
STE C16 H161 sing N N 316 
STE C16 H162 sing N N 317 
STE C17 C18  sing N N 318 
STE C17 H171 sing N N 319 
STE C17 H172 sing N N 320 
STE C18 H181 sing N N 321 
STE C18 H182 sing N N 322 
STE C18 H183 sing N N 323 
THR N   CA   sing N N 324 
THR N   H    sing N N 325 
THR N   H2   sing N N 326 
THR CA  C    sing N N 327 
THR CA  CB   sing N N 328 
THR CA  HA   sing N N 329 
THR C   O    doub N N 330 
THR C   OXT  sing N N 331 
THR CB  OG1  sing N N 332 
THR CB  CG2  sing N N 333 
THR CB  HB   sing N N 334 
THR OG1 HG1  sing N N 335 
THR CG2 HG21 sing N N 336 
THR CG2 HG22 sing N N 337 
THR CG2 HG23 sing N N 338 
THR OXT HXT  sing N N 339 
TRP N   CA   sing N N 340 
TRP N   H    sing N N 341 
TRP N   H2   sing N N 342 
TRP CA  C    sing N N 343 
TRP CA  CB   sing N N 344 
TRP CA  HA   sing N N 345 
TRP C   O    doub N N 346 
TRP C   OXT  sing N N 347 
TRP CB  CG   sing N N 348 
TRP CB  HB2  sing N N 349 
TRP CB  HB3  sing N N 350 
TRP CG  CD1  doub Y N 351 
TRP CG  CD2  sing Y N 352 
TRP CD1 NE1  sing Y N 353 
TRP CD1 HD1  sing N N 354 
TRP CD2 CE2  doub Y N 355 
TRP CD2 CE3  sing Y N 356 
TRP NE1 CE2  sing Y N 357 
TRP NE1 HE1  sing N N 358 
TRP CE2 CZ2  sing Y N 359 
TRP CE3 CZ3  doub Y N 360 
TRP CE3 HE3  sing N N 361 
TRP CZ2 CH2  doub Y N 362 
TRP CZ2 HZ2  sing N N 363 
TRP CZ3 CH2  sing Y N 364 
TRP CZ3 HZ3  sing N N 365 
TRP CH2 HH2  sing N N 366 
TRP OXT HXT  sing N N 367 
TYR N   CA   sing N N 368 
TYR N   H    sing N N 369 
TYR N   H2   sing N N 370 
TYR CA  C    sing N N 371 
TYR CA  CB   sing N N 372 
TYR CA  HA   sing N N 373 
TYR C   O    doub N N 374 
TYR C   OXT  sing N N 375 
TYR CB  CG   sing N N 376 
TYR CB  HB2  sing N N 377 
TYR CB  HB3  sing N N 378 
TYR CG  CD1  doub Y N 379 
TYR CG  CD2  sing Y N 380 
TYR CD1 CE1  sing Y N 381 
TYR CD1 HD1  sing N N 382 
TYR CD2 CE2  doub Y N 383 
TYR CD2 HD2  sing N N 384 
TYR CE1 CZ   doub Y N 385 
TYR CE1 HE1  sing N N 386 
TYR CE2 CZ   sing Y N 387 
TYR CE2 HE2  sing N N 388 
TYR CZ  OH   sing N N 389 
TYR OH  HH   sing N N 390 
TYR OXT HXT  sing N N 391 
VAL N   CA   sing N N 392 
VAL N   H    sing N N 393 
VAL N   H2   sing N N 394 
VAL CA  C    sing N N 395 
VAL CA  CB   sing N N 396 
VAL CA  HA   sing N N 397 
VAL C   O    doub N N 398 
VAL C   OXT  sing N N 399 
VAL CB  CG1  sing N N 400 
VAL CB  CG2  sing N N 401 
VAL CB  HB   sing N N 402 
VAL CG1 HG11 sing N N 403 
VAL CG1 HG12 sing N N 404 
VAL CG1 HG13 sing N N 405 
VAL CG2 HG21 sing N N 406 
VAL CG2 HG22 sing N N 407 
VAL CG2 HG23 sing N N 408 
VAL OXT HXT  sing N N 409 
# 
_atom_sites.entry_id                    1LIF 
_atom_sites.fract_transf_matrix[1][1]   0.00498284 
_atom_sites.fract_transf_matrix[1][2]   0.00069354 
_atom_sites.fract_transf_matrix[1][3]   0.00660763 
_atom_sites.fract_transf_matrix[2][1]   -0.02108431 
_atom_sites.fract_transf_matrix[2][2]   0.00338775 
_atom_sites.fract_transf_matrix[2][3]   0.01554418 
_atom_sites.fract_transf_matrix[3][1]   -0.00093274 
_atom_sites.fract_transf_matrix[3][2]   -0.03427051 
_atom_sites.fract_transf_matrix[3][3]   0.00620386 
_atom_sites.fract_transf_vector[1]      -0.352615 
_atom_sites.fract_transf_vector[2]      1.840282 
_atom_sites.fract_transf_vector[3]      -0.211371 
# 
loop_
_atom_type.symbol 
C 
N 
O 
S 
# 
loop_
_atom_site.group_PDB 
_atom_site.id 
_atom_site.type_symbol 
_atom_site.label_atom_id 
_atom_site.label_alt_id 
_atom_site.label_comp_id 
_atom_site.label_asym_id 
_atom_site.label_entity_id 
_atom_site.label_seq_id 
_atom_site.pdbx_PDB_ins_code 
_atom_site.Cartn_x 
_atom_site.Cartn_y 
_atom_site.Cartn_z 
_atom_site.occupancy 
_atom_site.B_iso_or_equiv 
_atom_site.pdbx_formal_charge 
_atom_site.auth_seq_id 
_atom_site.auth_comp_id 
_atom_site.auth_asym_id 
_atom_site.auth_atom_id 
_atom_site.pdbx_PDB_model_num 
ATOM   1    N N   . CYS A 1 1   ? 12.773  0.837   10.195  1.00 23.32 ? 1   CYS A N   1 
ATOM   2    C CA  . CYS A 1 1   ? 12.453  0.344   8.851   1.00 22.09 ? 1   CYS A CA  1 
ATOM   3    C C   . CYS A 1 1   ? 13.407  0.868   7.769   1.00 19.69 ? 1   CYS A C   1 
ATOM   4    O O   . CYS A 1 1   ? 13.038  1.183   6.638   1.00 18.14 ? 1   CYS A O   1 
ATOM   5    C CB  . CYS A 1 1   ? 11.025  0.743   8.527   1.00 23.61 ? 1   CYS A CB  1 
ATOM   6    S SG  . CYS A 1 1   ? 10.528  1.835   9.874   1.00 28.70 ? 1   CYS A SG  1 
ATOM   7    N N   . ASP A 1 2   ? 14.695  0.865   8.094   1.00 17.88 ? 2   ASP A N   1 
ATOM   8    C CA  . ASP A 1 2   ? 15.749  1.328   7.206   1.00 18.16 ? 2   ASP A CA  1 
ATOM   9    C C   . ASP A 1 2   ? 15.829  0.567   5.893   1.00 16.11 ? 2   ASP A C   1 
ATOM   10   O O   . ASP A 1 2   ? 16.134  1.161   4.870   1.00 15.58 ? 2   ASP A O   1 
ATOM   11   C CB  . ASP A 1 2   ? 17.103  1.198   7.858   1.00 22.77 ? 2   ASP A CB  1 
ATOM   12   C CG  . ASP A 1 2   ? 17.285  2.164   9.023   1.00 28.73 ? 2   ASP A CG  1 
ATOM   13   O OD1 . ASP A 1 2   ? 16.782  1.902   10.123  1.00 30.81 ? 2   ASP A OD1 1 
ATOM   14   O OD2 . ASP A 1 2   ? 17.944  3.177   8.805   1.00 33.00 ? 2   ASP A OD2 1 
ATOM   15   N N   . ALA A 1 3   ? 15.517  -0.732  5.901   1.00 14.41 ? 3   ALA A N   1 
ATOM   16   C CA  . ALA A 1 3   ? 15.553  -1.551  4.693   1.00 13.67 ? 3   ALA A CA  1 
ATOM   17   C C   . ALA A 1 3   ? 14.476  -1.106  3.697   1.00 13.05 ? 3   ALA A C   1 
ATOM   18   O O   . ALA A 1 3   ? 14.488  -1.519  2.544   1.00 11.62 ? 3   ALA A O   1 
ATOM   19   C CB  . ALA A 1 3   ? 15.299  -3.001  5.056   1.00 14.79 ? 3   ALA A CB  1 
ATOM   20   N N   . PHE A 1 4   ? 13.511  -0.280  4.120   1.00 10.58 ? 4   PHE A N   1 
ATOM   21   C CA  . PHE A 1 4   ? 12.451  0.167   3.241   1.00 9.43  ? 4   PHE A CA  1 
ATOM   22   C C   . PHE A 1 4   ? 12.694  1.519   2.610   1.00 10.33 ? 4   PHE A C   1 
ATOM   23   O O   . PHE A 1 4   ? 12.033  1.859   1.615   1.00 9.55  ? 4   PHE A O   1 
ATOM   24   C CB  . PHE A 1 4   ? 11.119  0.222   4.012   1.00 7.93  ? 4   PHE A CB  1 
ATOM   25   C CG  . PHE A 1 4   ? 10.634  -1.168  4.378   1.00 10.28 ? 4   PHE A CG  1 
ATOM   26   C CD1 . PHE A 1 4   ? 9.920   -1.919  3.451   1.00 11.58 ? 4   PHE A CD1 1 
ATOM   27   C CD2 . PHE A 1 4   ? 10.897  -1.691  5.633   1.00 11.89 ? 4   PHE A CD2 1 
ATOM   28   C CE1 . PHE A 1 4   ? 9.476   -3.181  3.801   1.00 11.62 ? 4   PHE A CE1 1 
ATOM   29   C CE2 . PHE A 1 4   ? 10.449  -2.955  5.971   1.00 12.35 ? 4   PHE A CE2 1 
ATOM   30   C CZ  . PHE A 1 4   ? 9.740   -3.704  5.056   1.00 10.62 ? 4   PHE A CZ  1 
ATOM   31   N N   . VAL A 1 5   ? 13.608  2.304   3.162   1.00 8.71  ? 5   VAL A N   1 
ATOM   32   C CA  . VAL A 1 5   ? 13.815  3.658   2.697   1.00 9.99  ? 5   VAL A CA  1 
ATOM   33   C C   . VAL A 1 5   ? 14.336  3.698   1.268   1.00 10.04 ? 5   VAL A C   1 
ATOM   34   O O   . VAL A 1 5   ? 15.244  2.926   0.917   1.00 10.67 ? 5   VAL A O   1 
ATOM   35   C CB  . VAL A 1 5   ? 14.790  4.365   3.704   1.00 9.26  ? 5   VAL A CB  1 
ATOM   36   C CG1 . VAL A 1 5   ? 15.230  5.741   3.207   1.00 10.04 ? 5   VAL A CG1 1 
ATOM   37   C CG2 . VAL A 1 5   ? 14.041  4.541   5.047   1.00 9.99  ? 5   VAL A CG2 1 
ATOM   38   N N   . GLY A 1 6   ? 13.700  4.551   0.447   1.00 9.58  ? 6   GLY A N   1 
ATOM   39   C CA  . GLY A 1 6   ? 14.097  4.698   -0.940  1.00 8.96  ? 6   GLY A CA  1 
ATOM   40   C C   . GLY A 1 6   ? 12.911  4.974   -1.824  1.00 8.35  ? 6   GLY A C   1 
ATOM   41   O O   . GLY A 1 6   ? 11.791  5.177   -1.348  1.00 9.19  ? 6   GLY A O   1 
ATOM   42   N N   . THR A 1 7   ? 13.220  5.001   -3.110  1.00 9.36  ? 7   THR A N   1 
ATOM   43   C CA  . THR A 1 7   ? 12.219  5.191   -4.143  1.00 9.64  ? 7   THR A CA  1 
ATOM   44   C C   . THR A 1 7   ? 12.185  3.862   -4.884  1.00 9.88  ? 7   THR A C   1 
ATOM   45   O O   . THR A 1 7   ? 13.247  3.336   -5.257  1.00 10.34 ? 7   THR A O   1 
ATOM   46   C CB  . THR A 1 7   ? 12.607  6.297   -5.111  1.00 10.11 ? 7   THR A CB  1 
ATOM   47   O OG1 . THR A 1 7   ? 12.685  7.499   -4.342  1.00 12.26 ? 7   THR A OG1 1 
ATOM   48   C CG2 . THR A 1 7   ? 11.600  6.426   -6.277  1.00 12.53 ? 7   THR A CG2 1 
ATOM   49   N N   . TRP A 1 8   ? 10.973  3.352   -5.098  1.00 7.95  ? 8   TRP A N   1 
ATOM   50   C CA  . TRP A 1 8   ? 10.738  2.029   -5.655  1.00 8.88  ? 8   TRP A CA  1 
ATOM   51   C C   . TRP A 1 8   ? 9.806   2.162   -6.870  1.00 9.56  ? 8   TRP A C   1 
ATOM   52   O O   . TRP A 1 8   ? 8.922   3.030   -6.875  1.00 11.02 ? 8   TRP A O   1 
ATOM   53   C CB  . TRP A 1 8   ? 10.109  1.146   -4.549  1.00 9.36  ? 8   TRP A CB  1 
ATOM   54   C CG  . TRP A 1 8   ? 10.947  0.933   -3.275  1.00 9.34  ? 8   TRP A CG  1 
ATOM   55   C CD1 . TRP A 1 8   ? 10.912  1.816   -2.223  1.00 9.25  ? 8   TRP A CD1 1 
ATOM   56   C CD2 . TRP A 1 8   ? 11.836  -0.101  -3.061  1.00 8.55  ? 8   TRP A CD2 1 
ATOM   57   N NE1 . TRP A 1 8   ? 11.762  1.343   -1.335  1.00 10.09 ? 8   TRP A NE1 1 
ATOM   58   C CE2 . TRP A 1 8   ? 12.341  0.214   -1.792  1.00 10.04 ? 8   TRP A CE2 1 
ATOM   59   C CE3 . TRP A 1 8   ? 12.244  -1.238  -3.742  1.00 7.20  ? 8   TRP A CE3 1 
ATOM   60   C CZ2 . TRP A 1 8   ? 13.267  -0.613  -1.166  1.00 9.14  ? 8   TRP A CZ2 1 
ATOM   61   C CZ3 . TRP A 1 8   ? 13.182  -2.049  -3.124  1.00 9.70  ? 8   TRP A CZ3 1 
ATOM   62   C CH2 . TRP A 1 8   ? 13.684  -1.740  -1.857  1.00 8.91  ? 8   TRP A CH2 1 
ATOM   63   N N   . LYS A 1 9   ? 9.962   1.368   -7.926  1.00 9.49  ? 9   LYS A N   1 
ATOM   64   C CA  . LYS A 1 9   ? 9.110   1.489   -9.110  1.00 9.07  ? 9   LYS A CA  1 
ATOM   65   C C   . LYS A 1 9   ? 8.491   0.131   -9.348  1.00 8.36  ? 9   LYS A C   1 
ATOM   66   O O   . LYS A 1 9   ? 9.143   -0.892  -9.100  1.00 8.42  ? 9   LYS A O   1 
ATOM   67   C CB  . LYS A 1 9   ? 9.927   1.914   -10.325 1.00 10.58 ? 9   LYS A CB  1 
ATOM   68   C CG  . LYS A 1 9   ? 11.199  1.121   -10.502 1.00 15.15 ? 9   LYS A CG  1 
ATOM   69   C CD  . LYS A 1 9   ? 12.104  1.584   -11.630 1.00 19.41 ? 9   LYS A CD  1 
ATOM   70   C CE  . LYS A 1 9   ? 11.624  1.001   -12.970 1.00 23.60 ? 9   LYS A CE  1 
ATOM   71   N NZ  . LYS A 1 9   ? 12.459  1.411   -14.108 0.00 0.00  ? 9   LYS A NZ  1 
ATOM   72   N N   . LEU A 1 10  ? 7.222   0.108   -9.759  1.00 8.86  ? 10  LEU A N   1 
ATOM   73   C CA  . LEU A 1 10  ? 6.502   -1.138  -9.907  1.00 9.86  ? 10  LEU A CA  1 
ATOM   74   C C   . LEU A 1 10  ? 7.070   -1.974  -11.041 1.00 11.40 ? 10  LEU A C   1 
ATOM   75   O O   . LEU A 1 10  ? 7.309   -1.453  -12.127 1.00 13.28 ? 10  LEU A O   1 
ATOM   76   C CB  . LEU A 1 10  ? 5.031   -0.808  -10.149 1.00 9.69  ? 10  LEU A CB  1 
ATOM   77   C CG  . LEU A 1 10  ? 4.143   -2.029  -10.302 1.00 8.94  ? 10  LEU A CG  1 
ATOM   78   C CD1 . LEU A 1 10  ? 3.857   -2.710  -8.987  1.00 9.53  ? 10  LEU A CD1 1 
ATOM   79   C CD2 . LEU A 1 10  ? 2.888   -1.557  -10.968 1.00 11.45 ? 10  LEU A CD2 1 
ATOM   80   N N   . VAL A 1 11  ? 7.301   -3.256  -10.815 1.00 11.12 ? 11  VAL A N   1 
ATOM   81   C CA  . VAL A 1 11  ? 7.816   -4.162  -11.823 1.00 13.45 ? 11  VAL A CA  1 
ATOM   82   C C   . VAL A 1 11  ? 6.740   -5.173  -12.240 1.00 14.06 ? 11  VAL A C   1 
ATOM   83   O O   . VAL A 1 11  ? 6.657   -5.486  -13.430 1.00 14.93 ? 11  VAL A O   1 
ATOM   84   C CB  . VAL A 1 11  ? 9.067   -4.865  -11.252 1.00 16.21 ? 11  VAL A CB  1 
ATOM   85   C CG1 . VAL A 1 11  ? 9.579   -6.074  -12.036 1.00 19.80 ? 11  VAL A CG1 1 
ATOM   86   C CG2 . VAL A 1 11  ? 10.133  -3.815  -11.338 1.00 18.19 ? 11  VAL A CG2 1 
ATOM   87   N N   . SER A 1 12  ? 5.915   -5.733  -11.355 1.00 11.48 ? 12  SER A N   1 
ATOM   88   C CA  . SER A 1 12  ? 4.894   -6.661  -11.792 1.00 12.44 ? 12  SER A CA  1 
ATOM   89   C C   . SER A 1 12  ? 3.732   -6.608  -10.824 1.00 12.39 ? 12  SER A C   1 
ATOM   90   O O   . SER A 1 12  ? 3.875   -6.122  -9.694  1.00 10.64 ? 12  SER A O   1 
ATOM   91   C CB  . SER A 1 12  ? 5.457   -8.078  -11.872 1.00 12.53 ? 12  SER A CB  1 
ATOM   92   O OG  . SER A 1 12  ? 5.900   -8.544  -10.625 1.00 16.76 ? 12  SER A OG  1 
ATOM   93   N N   . SER A 1 13  ? 2.562   -7.017  -11.303 1.00 11.64 ? 13  SER A N   1 
ATOM   94   C CA  . SER A 1 13  ? 1.382   -7.034  -10.484 1.00 12.30 ? 13  SER A CA  1 
ATOM   95   C C   . SER A 1 13  ? 0.607   -8.301  -10.811 1.00 13.37 ? 13  SER A C   1 
ATOM   96   O O   . SER A 1 13  ? 0.527   -8.708  -11.987 1.00 15.85 ? 13  SER A O   1 
ATOM   97   C CB  . SER A 1 13  ? 0.593   -5.770  -10.793 1.00 13.78 ? 13  SER A CB  1 
ATOM   98   O OG  . SER A 1 13  ? -0.653  -5.706  -10.112 1.00 16.48 ? 13  SER A OG  1 
ATOM   99   N N   . GLU A 1 14  ? 0.060   -8.949  -9.798  1.00 10.13 ? 14  GLU A N   1 
ATOM   100  C CA  . GLU A 1 14  ? -0.724  -10.138 -9.987  1.00 11.63 ? 14  GLU A CA  1 
ATOM   101  C C   . GLU A 1 14  ? -2.028  -9.974  -9.225  1.00 11.48 ? 14  GLU A C   1 
ATOM   102  O O   . GLU A 1 14  ? -2.019  -9.582  -8.057  1.00 10.28 ? 14  GLU A O   1 
ATOM   103  C CB  . GLU A 1 14  ? 0.108   -11.276 -9.481  1.00 15.81 ? 14  GLU A CB  1 
ATOM   104  C CG  . GLU A 1 14  ? -0.557  -12.614 -9.418  1.00 24.73 ? 14  GLU A CG  1 
ATOM   105  C CD  . GLU A 1 14  ? 0.373   -13.686 -8.838  1.00 30.76 ? 14  GLU A CD  1 
ATOM   106  O OE1 . GLU A 1 14  ? 1.381   -13.974 -9.498  1.00 34.57 ? 14  GLU A OE1 1 
ATOM   107  O OE2 . GLU A 1 14  ? 0.097   -14.228 -7.750  1.00 31.45 ? 14  GLU A OE2 1 
ATOM   108  N N   . ASN A 1 15  ? -3.174  -10.227 -9.866  1.00 9.57  ? 15  ASN A N   1 
ATOM   109  C CA  . ASN A 1 15  ? -4.502  -10.189 -9.264  1.00 9.92  ? 15  ASN A CA  1 
ATOM   110  C C   . ASN A 1 15  ? -4.925  -8.871  -8.651  1.00 7.73  ? 15  ASN A C   1 
ATOM   111  O O   . ASN A 1 15  ? -5.864  -8.835  -7.852  1.00 8.92  ? 15  ASN A O   1 
ATOM   112  C CB  . ASN A 1 15  ? -4.683  -11.252 -8.161  1.00 12.48 ? 15  ASN A CB  1 
ATOM   113  C CG  . ASN A 1 15  ? -4.411  -12.662 -8.621  1.00 16.02 ? 15  ASN A CG  1 
ATOM   114  O OD1 . ASN A 1 15  ? -4.693  -13.038 -9.763  1.00 17.05 ? 15  ASN A OD1 1 
ATOM   115  N ND2 . ASN A 1 15  ? -3.807  -13.467 -7.763  1.00 16.43 ? 15  ASN A ND2 1 
ATOM   116  N N   . PHE A 1 16  ? -4.327  -7.742  -9.030  1.00 8.98  ? 16  PHE A N   1 
ATOM   117  C CA  . PHE A 1 16  ? -4.698  -6.475  -8.415  1.00 8.19  ? 16  PHE A CA  1 
ATOM   118  C C   . PHE A 1 16  ? -6.088  -6.025  -8.835  1.00 8.09  ? 16  PHE A C   1 
ATOM   119  O O   . PHE A 1 16  ? -6.824  -5.494  -8.002  1.00 8.32  ? 16  PHE A O   1 
ATOM   120  C CB  . PHE A 1 16  ? -3.639  -5.442  -8.778  1.00 11.11 ? 16  PHE A CB  1 
ATOM   121  C CG  . PHE A 1 16  ? -3.750  -4.143  -7.999  1.00 10.63 ? 16  PHE A CG  1 
ATOM   122  C CD1 . PHE A 1 16  ? -3.793  -4.189  -6.617  1.00 12.07 ? 16  PHE A CD1 1 
ATOM   123  C CD2 . PHE A 1 16  ? -3.831  -2.947  -8.689  1.00 11.47 ? 16  PHE A CD2 1 
ATOM   124  C CE1 . PHE A 1 16  ? -3.933  -2.998  -5.924  1.00 15.13 ? 16  PHE A CE1 1 
ATOM   125  C CE2 . PHE A 1 16  ? -3.969  -1.769  -7.991  1.00 13.22 ? 16  PHE A CE2 1 
ATOM   126  C CZ  . PHE A 1 16  ? -4.016  -1.803  -6.617  1.00 13.50 ? 16  PHE A CZ  1 
ATOM   127  N N   . ASP A 1 17  ? -6.549  -6.294  -10.068 1.00 8.91  ? 17  ASP A N   1 
ATOM   128  C CA  . ASP A 1 17  ? -7.892  -5.892  -10.440 1.00 9.88  ? 17  ASP A CA  1 
ATOM   129  C C   . ASP A 1 17  ? -8.883  -6.719  -9.622  1.00 9.44  ? 17  ASP A C   1 
ATOM   130  O O   . ASP A 1 17  ? -9.875  -6.170  -9.134  1.00 10.42 ? 17  ASP A O   1 
ATOM   131  C CB  . ASP A 1 17  ? -8.157  -6.116  -11.922 1.00 12.47 ? 17  ASP A CB  1 
ATOM   132  C CG  . ASP A 1 17  ? -9.485  -5.478  -12.323 1.00 15.11 ? 17  ASP A CG  1 
ATOM   133  O OD1 . ASP A 1 17  ? -9.488  -4.283  -12.620 1.00 17.74 ? 17  ASP A OD1 1 
ATOM   134  O OD2 . ASP A 1 17  ? -10.515 -6.164  -12.317 1.00 20.48 ? 17  ASP A OD2 1 
ATOM   135  N N   . ASP A 1 18  ? -8.626  -8.002  -9.363  1.00 9.12  ? 18  ASP A N   1 
ATOM   136  C CA  . ASP A 1 18  ? -9.515  -8.787  -8.518  1.00 10.60 ? 18  ASP A CA  1 
ATOM   137  C C   . ASP A 1 18  ? -9.582  -8.306  -7.084  1.00 10.01 ? 18  ASP A C   1 
ATOM   138  O O   . ASP A 1 18  ? -10.650 -8.346  -6.460  1.00 10.27 ? 18  ASP A O   1 
ATOM   139  C CB  . ASP A 1 18  ? -9.089  -10.239 -8.505  1.00 13.14 ? 18  ASP A CB  1 
ATOM   140  C CG  . ASP A 1 18  ? -9.270  -10.910 -9.860  1.00 18.57 ? 18  ASP A CG  1 
ATOM   141  O OD1 . ASP A 1 18  ? -10.340 -10.773 -10.454 1.00 19.13 ? 18  ASP A OD1 1 
ATOM   142  O OD2 . ASP A 1 18  ? -8.341  -11.556 -10.326 1.00 21.87 ? 18  ASP A OD2 1 
ATOM   143  N N   . TYR A 1 19  ? -8.430  -7.843  -6.557  1.00 9.45  ? 19  TYR A N   1 
ATOM   144  C CA  . TYR A 1 19  ? -8.390  -7.284  -5.213  1.00 10.03 ? 19  TYR A CA  1 
ATOM   145  C C   . TYR A 1 19  ? -9.247  -6.018  -5.179  1.00 8.65  ? 19  TYR A C   1 
ATOM   146  O O   . TYR A 1 19  ? -10.062 -5.836  -4.265  1.00 9.21  ? 19  TYR A O   1 
ATOM   147  C CB  . TYR A 1 19  ? -6.921  -6.960  -4.817  1.00 8.58  ? 19  TYR A CB  1 
ATOM   148  C CG  . TYR A 1 19  ? -6.796  -6.168  -3.502  1.00 9.39  ? 19  TYR A CG  1 
ATOM   149  C CD1 . TYR A 1 19  ? -7.002  -6.791  -2.266  1.00 8.78  ? 19  TYR A CD1 1 
ATOM   150  C CD2 . TYR A 1 19  ? -6.526  -4.797  -3.564  1.00 9.08  ? 19  TYR A CD2 1 
ATOM   151  C CE1 . TYR A 1 19  ? -6.938  -6.019  -1.107  1.00 9.42  ? 19  TYR A CE1 1 
ATOM   152  C CE2 . TYR A 1 19  ? -6.464  -4.035  -2.410  1.00 9.37  ? 19  TYR A CE2 1 
ATOM   153  C CZ  . TYR A 1 19  ? -6.676  -4.661  -1.190  1.00 9.98  ? 19  TYR A CZ  1 
ATOM   154  O OH  . TYR A 1 19  ? -6.599  -3.886  -0.047  1.00 10.76 ? 19  TYR A OH  1 
ATOM   155  N N   . MET A 1 20  ? -9.076  -5.117  -6.143  1.00 9.92  ? 20  MET A N   1 
ATOM   156  C CA  . MET A 1 20  ? -9.859  -3.886  -6.171  1.00 10.04 ? 20  MET A CA  1 
ATOM   157  C C   . MET A 1 20  ? -11.347 -4.162  -6.306  1.00 10.92 ? 20  MET A C   1 
ATOM   158  O O   . MET A 1 20  ? -12.165 -3.490  -5.666  1.00 10.87 ? 20  MET A O   1 
ATOM   159  C CB  . MET A 1 20  ? -9.400  -3.010  -7.313  1.00 10.70 ? 20  MET A CB  1 
ATOM   160  C CG  . MET A 1 20  ? -8.053  -2.334  -7.042  1.00 11.44 ? 20  MET A CG  1 
ATOM   161  S SD  . MET A 1 20  ? -7.658  -1.060  -8.279  1.00 13.96 ? 20  MET A SD  1 
ATOM   162  C CE  . MET A 1 20  ? -7.352  -2.086  -9.701  1.00 15.30 ? 20  MET A CE  1 
ATOM   163  N N   . LYS A 1 21  ? -11.708 -5.193  -7.069  1.00 12.91 ? 21  LYS A N   1 
ATOM   164  C CA  . LYS A 1 21  ? -13.126 -5.574  -7.186  1.00 14.47 ? 21  LYS A CA  1 
ATOM   165  C C   . LYS A 1 21  ? -13.663 -5.961  -5.810  1.00 15.14 ? 21  LYS A C   1 
ATOM   166  O O   . LYS A 1 21  ? -14.711 -5.484  -5.384  1.00 16.03 ? 21  LYS A O   1 
ATOM   167  C CB  . LYS A 1 21  ? -13.341 -6.787  -8.102  1.00 14.91 ? 21  LYS A CB  1 
ATOM   168  C CG  . LYS A 1 21  ? -13.129 -6.642  -9.630  1.00 18.90 ? 21  LYS A CG  1 
ATOM   169  C CD  . LYS A 1 21  ? -13.384 -7.941  -10.395 0.00 0.00  ? 21  LYS A CD  1 
ATOM   170  C CE  . LYS A 1 21  ? -13.175 -7.797  -11.904 0.00 0.00  ? 21  LYS A CE  1 
ATOM   171  N NZ  . LYS A 1 21  ? -13.420 -9.047  -12.640 0.00 0.00  ? 21  LYS A NZ  1 
ATOM   172  N N   . GLU A 1 22  ? -12.929 -6.780  -5.064  1.00 14.08 ? 22  GLU A N   1 
ATOM   173  C CA  . GLU A 1 22  ? -13.338 -7.209  -3.742  1.00 15.76 ? 22  GLU A CA  1 
ATOM   174  C C   . GLU A 1 22  ? -13.461 -6.037  -2.768  1.00 16.21 ? 22  GLU A C   1 
ATOM   175  O O   . GLU A 1 22  ? -14.323 -6.017  -1.892  1.00 16.48 ? 22  GLU A O   1 
ATOM   176  C CB  . GLU A 1 22  ? -12.304 -8.218  -3.291  1.00 17.68 ? 22  GLU A CB  1 
ATOM   177  C CG  . GLU A 1 22  ? -12.817 -9.380  -2.509  1.00 23.71 ? 22  GLU A CG  1 
ATOM   178  C CD  . GLU A 1 22  ? -13.892 -10.171 -3.246  1.00 26.45 ? 22  GLU A CD  1 
ATOM   179  O OE1 . GLU A 1 22  ? -13.656 -10.707 -4.336  1.00 29.74 ? 22  GLU A OE1 1 
ATOM   180  O OE2 . GLU A 1 22  ? -14.986 -10.237 -2.702  1.00 29.75 ? 22  GLU A OE2 1 
ATOM   181  N N   . VAL A 1 23  ? -12.587 -5.036  -2.888  1.00 15.60 ? 23  VAL A N   1 
ATOM   182  C CA  . VAL A 1 23  ? -12.643 -3.839  -2.065  1.00 18.00 ? 23  VAL A CA  1 
ATOM   183  C C   . VAL A 1 23  ? -13.831 -2.959  -2.465  1.00 19.26 ? 23  VAL A C   1 
ATOM   184  O O   . VAL A 1 23  ? -14.227 -2.035  -1.746  1.00 21.26 ? 23  VAL A O   1 
ATOM   185  C CB  . VAL A 1 23  ? -11.270 -3.119  -2.237  1.00 18.44 ? 23  VAL A CB  1 
ATOM   186  C CG1 . VAL A 1 23  ? -11.258 -1.676  -1.738  1.00 20.29 ? 23  VAL A CG1 1 
ATOM   187  C CG2 . VAL A 1 23  ? -10.264 -3.930  -1.423  1.00 16.54 ? 23  VAL A CG2 1 
ATOM   188  N N   . GLY A 1 24  ? -14.370 -3.170  -3.654  1.00 18.51 ? 24  GLY A N   1 
ATOM   189  C CA  . GLY A 1 24  ? -15.531 -2.431  -4.084  1.00 18.50 ? 24  GLY A CA  1 
ATOM   190  C C   . GLY A 1 24  ? -15.149 -1.249  -4.946  1.00 18.32 ? 24  GLY A C   1 
ATOM   191  O O   . GLY A 1 24  ? -15.929 -0.303  -5.068  1.00 19.95 ? 24  GLY A O   1 
ATOM   192  N N   . VAL A 1 25  ? -13.979 -1.229  -5.574  1.00 16.16 ? 25  VAL A N   1 
ATOM   193  C CA  . VAL A 1 25  ? -13.604 -0.101  -6.416  1.00 16.72 ? 25  VAL A CA  1 
ATOM   194  C C   . VAL A 1 25  ? -14.369 -0.209  -7.765  1.00 16.60 ? 25  VAL A C   1 
ATOM   195  O O   . VAL A 1 25  ? -14.481 -1.277  -8.372  1.00 16.06 ? 25  VAL A O   1 
ATOM   196  C CB  . VAL A 1 25  ? -12.068 -0.131  -6.618  1.00 15.60 ? 25  VAL A CB  1 
ATOM   197  C CG1 . VAL A 1 25  ? -11.625 1.036   -7.514  1.00 14.49 ? 25  VAL A CG1 1 
ATOM   198  C CG2 . VAL A 1 25  ? -11.367 -0.075  -5.251  1.00 14.23 ? 25  VAL A CG2 1 
ATOM   199  N N   . GLY A 1 26  ? -14.887 0.934   -8.214  1.00 18.86 ? 26  GLY A N   1 
ATOM   200  C CA  . GLY A 1 26  ? -15.628 1.002   -9.467  1.00 19.34 ? 26  GLY A CA  1 
ATOM   201  C C   . GLY A 1 26  ? -14.764 0.820   -10.699 1.00 18.77 ? 26  GLY A C   1 
ATOM   202  O O   . GLY A 1 26  ? -13.555 1.079   -10.681 1.00 19.11 ? 26  GLY A O   1 
ATOM   203  N N   . PHE A 1 27  ? -15.432 0.441   -11.785 1.00 19.80 ? 27  PHE A N   1 
ATOM   204  C CA  . PHE A 1 27  ? -14.832 0.176   -13.081 1.00 20.56 ? 27  PHE A CA  1 
ATOM   205  C C   . PHE A 1 27  ? -13.851 1.245   -13.543 1.00 19.76 ? 27  PHE A C   1 
ATOM   206  O O   . PHE A 1 27  ? -12.686 0.927   -13.828 1.00 19.77 ? 27  PHE A O   1 
ATOM   207  C CB  . PHE A 1 27  ? -15.939 0.020   -14.168 1.00 22.17 ? 27  PHE A CB  1 
ATOM   208  C CG  . PHE A 1 27  ? -15.434 -0.463  -15.527 1.00 21.98 ? 27  PHE A CG  1 
ATOM   209  C CD1 . PHE A 1 27  ? -15.005 -1.769  -15.677 1.00 22.08 ? 27  PHE A CD1 1 
ATOM   210  C CD2 . PHE A 1 27  ? -15.358 0.411   -16.593 1.00 23.06 ? 27  PHE A CD2 1 
ATOM   211  C CE1 . PHE A 1 27  ? -14.489 -2.203  -16.881 1.00 22.83 ? 27  PHE A CE1 1 
ATOM   212  C CE2 . PHE A 1 27  ? -14.838 -0.037  -17.799 1.00 24.38 ? 27  PHE A CE2 1 
ATOM   213  C CZ  . PHE A 1 27  ? -14.403 -1.342  -17.949 1.00 24.08 ? 27  PHE A CZ  1 
ATOM   214  N N   . ALA A 1 28  ? -14.259 2.509   -13.579 1.00 20.06 ? 28  ALA A N   1 
ATOM   215  C CA  . ALA A 1 28  ? -13.383 3.538   -14.121 1.00 18.45 ? 28  ALA A CA  1 
ATOM   216  C C   . ALA A 1 28  ? -12.118 3.695   -13.301 1.00 18.01 ? 28  ALA A C   1 
ATOM   217  O O   . ALA A 1 28  ? -11.022 3.727   -13.867 1.00 17.77 ? 28  ALA A O   1 
ATOM   218  C CB  . ALA A 1 28  ? -14.098 4.865   -14.155 1.00 19.72 ? 28  ALA A CB  1 
ATOM   219  N N   . THR A 1 29  ? -12.229 3.713   -11.976 1.00 17.27 ? 29  THR A N   1 
ATOM   220  C CA  . THR A 1 29  ? -11.055 3.831   -11.123 1.00 17.41 ? 29  THR A CA  1 
ATOM   221  C C   . THR A 1 29  ? -10.204 2.579   -11.231 1.00 16.63 ? 29  THR A C   1 
ATOM   222  O O   . THR A 1 29  ? -8.971  2.677   -11.251 1.00 16.26 ? 29  THR A O   1 
ATOM   223  C CB  . THR A 1 29  ? -11.495 4.045   -9.684  1.00 18.55 ? 29  THR A CB  1 
ATOM   224  O OG1 . THR A 1 29  ? -12.324 5.193   -9.779  1.00 21.64 ? 29  THR A OG1 1 
ATOM   225  C CG2 . THR A 1 29  ? -10.384 4.278   -8.668  1.00 15.54 ? 29  THR A CG2 1 
ATOM   226  N N   . ARG A 1 30  ? -10.803 1.397   -11.383 1.00 15.90 ? 30  ARG A N   1 
ATOM   227  C CA  . ARG A 1 30  ? -9.998  0.202   -11.542 1.00 15.98 ? 30  ARG A CA  1 
ATOM   228  C C   . ARG A 1 30  ? -9.194  0.260   -12.823 1.00 15.77 ? 30  ARG A C   1 
ATOM   229  O O   . ARG A 1 30  ? -8.018  -0.144  -12.864 1.00 15.70 ? 30  ARG A O   1 
ATOM   230  C CB  . ARG A 1 30  ? -10.846 -1.075  -11.581 1.00 16.82 ? 30  ARG A CB  1 
ATOM   231  C CG  . ARG A 1 30  ? -11.545 -1.424  -10.281 1.00 16.86 ? 30  ARG A CG  1 
ATOM   232  C CD  . ARG A 1 30  ? -11.862 -2.910  -10.192 1.00 18.19 ? 30  ARG A CD  1 
ATOM   233  N NE  . ARG A 1 30  ? -12.387 -3.479  -11.429 1.00 22.23 ? 30  ARG A NE  1 
ATOM   234  C CZ  . ARG A 1 30  ? -13.679 -3.504  -11.724 1.00 21.99 ? 30  ARG A CZ  1 
ATOM   235  N NH1 . ARG A 1 30  ? -14.612 -3.007  -10.928 1.00 22.92 ? 30  ARG A NH1 1 
ATOM   236  N NH2 . ARG A 1 30  ? -14.036 -4.053  -12.865 1.00 24.14 ? 30  ARG A NH2 1 
ATOM   237  N N   . LYS A 1 31  ? -9.773  0.804   -13.893 1.00 15.49 ? 31  LYS A N   1 
ATOM   238  C CA  . LYS A 1 31  ? -9.052  0.917   -15.149 1.00 16.89 ? 31  LYS A CA  1 
ATOM   239  C C   . LYS A 1 31  ? -7.944  1.960   -15.061 1.00 16.50 ? 31  LYS A C   1 
ATOM   240  O O   . LYS A 1 31  ? -6.845  1.679   -15.541 1.00 16.69 ? 31  LYS A O   1 
ATOM   241  C CB  . LYS A 1 31  ? -10.027 1.262   -16.287 1.00 19.18 ? 31  LYS A CB  1 
ATOM   242  C CG  . LYS A 1 31  ? -11.053 0.168   -16.688 1.00 20.37 ? 31  LYS A CG  1 
ATOM   243  C CD  . LYS A 1 31  ? -10.543 -1.277  -16.756 1.00 22.56 ? 31  LYS A CD  1 
ATOM   244  C CE  . LYS A 1 31  ? -10.971 -2.081  -15.518 1.00 24.76 ? 31  LYS A CE  1 
ATOM   245  N NZ  . LYS A 1 31  ? -10.334 -3.393  -15.452 1.00 25.74 ? 31  LYS A NZ  1 
ATOM   246  N N   . VAL A 1 32  ? -8.126  3.097   -14.384 1.00 16.23 ? 32  VAL A N   1 
ATOM   247  C CA  . VAL A 1 32  ? -7.056  4.076   -14.253 1.00 18.71 ? 32  VAL A CA  1 
ATOM   248  C C   . VAL A 1 32  ? -5.909  3.476   -13.428 1.00 20.29 ? 32  VAL A C   1 
ATOM   249  O O   . VAL A 1 32  ? -4.728  3.545   -13.793 1.00 19.68 ? 32  VAL A O   1 
ATOM   250  C CB  . VAL A 1 32  ? -7.503  5.348   -13.525 1.00 20.63 ? 32  VAL A CB  1 
ATOM   251  C CG1 . VAL A 1 32  ? -6.484  6.394   -13.856 1.00 22.77 ? 32  VAL A CG1 1 
ATOM   252  C CG2 . VAL A 1 32  ? -8.828  5.893   -13.985 1.00 23.84 ? 32  VAL A CG2 1 
ATOM   253  N N   . ALA A 1 33  ? -6.273  2.819   -12.322 1.00 19.53 ? 33  ALA A N   1 
ATOM   254  C CA  . ALA A 1 33  ? -5.333  2.169   -11.416 1.00 21.12 ? 33  ALA A CA  1 
ATOM   255  C C   . ALA A 1 33  ? -4.475  1.119   -12.067 1.00 22.32 ? 33  ALA A C   1 
ATOM   256  O O   . ALA A 1 33  ? -3.299  0.987   -11.765 1.00 24.00 ? 33  ALA A O   1 
ATOM   257  C CB  . ALA A 1 33  ? -6.043  1.466   -10.276 1.00 21.93 ? 33  ALA A CB  1 
ATOM   258  N N   . GLY A 1 34  ? -5.030  0.340   -12.972 1.00 22.80 ? 34  GLY A N   1 
ATOM   259  C CA  . GLY A 1 34  ? -4.250  -0.664  -13.644 1.00 25.52 ? 34  GLY A CA  1 
ATOM   260  C C   . GLY A 1 34  ? -3.395  -0.056  -14.737 1.00 27.08 ? 34  GLY A C   1 
ATOM   261  O O   . GLY A 1 34  ? -2.576  -0.748  -15.325 1.00 28.96 ? 34  GLY A O   1 
ATOM   262  N N   . MET A 1 35  ? -3.595  1.193   -15.114 1.00 28.08 ? 35  MET A N   1 
ATOM   263  C CA  . MET A 1 35  ? -2.735  1.807   -16.108 1.00 31.10 ? 35  MET A CA  1 
ATOM   264  C C   . MET A 1 35  ? -1.550  2.473   -15.417 1.00 30.76 ? 35  MET A C   1 
ATOM   265  O O   . MET A 1 35  ? -0.524  2.750   -16.051 1.00 30.89 ? 35  MET A O   1 
ATOM   266  C CB  . MET A 1 35  ? -3.486  2.876   -16.920 1.00 33.01 ? 35  MET A CB  1 
ATOM   267  C CG  . MET A 1 35  ? -4.417  2.267   -17.944 1.00 38.10 ? 35  MET A CG  1 
ATOM   268  S SD  . MET A 1 35  ? -5.544  3.522   -18.603 1.00 48.56 ? 35  MET A SD  1 
ATOM   269  C CE  . MET A 1 35  ? -6.632  2.791   -19.807 0.00 0.00  ? 35  MET A CE  1 
ATOM   270  N N   . ALA A 1 36  ? -1.702  2.791   -14.122 1.00 29.27 ? 36  ALA A N   1 
ATOM   271  C CA  . ALA A 1 36  ? -0.643  3.479   -13.402 1.00 28.73 ? 36  ALA A CA  1 
ATOM   272  C C   . ALA A 1 36  ? 0.517   2.544   -13.076 1.00 28.26 ? 36  ALA A C   1 
ATOM   273  O O   . ALA A 1 36  ? 0.363   1.358   -12.770 1.00 27.81 ? 36  ALA A O   1 
ATOM   274  C CB  . ALA A 1 36  ? -1.197  4.067   -12.104 1.00 26.83 ? 36  ALA A CB  1 
ATOM   275  N N   . LYS A 1 37  ? 1.738   3.047   -13.200 1.00 28.20 ? 37  LYS A N   1 
ATOM   276  C CA  . LYS A 1 37  ? 2.886   2.277   -12.757 1.00 26.58 ? 37  LYS A CA  1 
ATOM   277  C C   . LYS A 1 37  ? 3.456   3.187   -11.670 1.00 24.58 ? 37  LYS A C   1 
ATOM   278  O O   . LYS A 1 37  ? 4.357   3.973   -11.967 1.00 24.55 ? 37  LYS A O   1 
ATOM   279  C CB  . LYS A 1 37  ? 3.862   2.112   -13.919 1.00 28.08 ? 37  LYS A CB  1 
ATOM   280  C CG  . LYS A 1 37  ? 5.109   1.309   -13.542 0.00 0.00  ? 37  LYS A CG  1 
ATOM   281  C CD  . LYS A 1 37  ? 6.087   1.143   -14.707 0.00 0.00  ? 37  LYS A CD  1 
ATOM   282  C CE  . LYS A 1 37  ? 7.334   0.341   -14.330 0.00 0.00  ? 37  LYS A CE  1 
ATOM   283  N NZ  . LYS A 1 37  ? 8.274   0.182   -15.449 0.00 0.00  ? 37  LYS A NZ  1 
ATOM   284  N N   . PRO A 1 38  ? 2.887   3.264   -10.451 1.00 23.04 ? 38  PRO A N   1 
ATOM   285  C CA  . PRO A 1 38  ? 3.360   4.169   -9.409  1.00 21.28 ? 38  PRO A CA  1 
ATOM   286  C C   . PRO A 1 38  ? 4.776   3.880   -8.939  1.00 20.00 ? 38  PRO A C   1 
ATOM   287  O O   . PRO A 1 38  ? 5.398   2.830   -9.210  1.00 19.53 ? 38  PRO A O   1 
ATOM   288  C CB  . PRO A 1 38  ? 2.337   4.053   -8.311  1.00 20.38 ? 38  PRO A CB  1 
ATOM   289  C CG  . PRO A 1 38  ? 1.830   2.651   -8.458  1.00 23.57 ? 38  PRO A CG  1 
ATOM   290  C CD  . PRO A 1 38  ? 1.732   2.518   -9.968  1.00 23.47 ? 38  PRO A CD  1 
ATOM   291  N N   . ASN A 1 39  ? 5.302   4.947   -8.368  1.00 17.10 ? 39  ASN A N   1 
ATOM   292  C CA  . ASN A 1 39  ? 6.579   4.909   -7.692  1.00 17.87 ? 39  ASN A CA  1 
ATOM   293  C C   . ASN A 1 39  ? 6.214   5.028   -6.232  1.00 16.95 ? 39  ASN A C   1 
ATOM   294  O O   . ASN A 1 39  ? 5.310   5.800   -5.892  1.00 17.33 ? 39  ASN A O   1 
ATOM   295  C CB  . ASN A 1 39  ? 7.466   6.084   -8.032  1.00 20.07 ? 39  ASN A CB  1 
ATOM   296  C CG  . ASN A 1 39  ? 8.415   5.845   -9.194  1.00 24.07 ? 39  ASN A CG  1 
ATOM   297  O OD1 . ASN A 1 39  ? 9.503   6.437   -9.236  1.00 29.10 ? 39  ASN A OD1 1 
ATOM   298  N ND2 . ASN A 1 39  ? 8.129   4.997   -10.165 1.00 25.16 ? 39  ASN A ND2 1 
ATOM   299  N N   . MET A 1 40  ? 6.846   4.255   -5.369  1.00 14.88 ? 40  MET A N   1 
ATOM   300  C CA  . MET A 1 40  ? 6.585   4.323   -3.942  1.00 13.06 ? 40  MET A CA  1 
ATOM   301  C C   . MET A 1 40  ? 7.827   4.942   -3.321  1.00 13.49 ? 40  MET A C   1 
ATOM   302  O O   . MET A 1 40  ? 8.934   4.487   -3.632  1.00 13.27 ? 40  MET A O   1 
ATOM   303  C CB  . MET A 1 40  ? 6.380   2.942   -3.406  1.00 12.36 ? 40  MET A CB  1 
ATOM   304  C CG  . MET A 1 40  ? 5.781   2.977   -2.018  1.00 16.08 ? 40  MET A CG  1 
ATOM   305  S SD  . MET A 1 40  ? 5.604   1.329   -1.310  1.00 19.29 ? 40  MET A SD  1 
ATOM   306  C CE  . MET A 1 40  ? 4.739   0.409   -2.542  1.00 20.35 ? 40  MET A CE  1 
ATOM   307  N N   . ILE A 1 41  ? 7.712   5.979   -2.491  1.00 12.09 ? 41  ILE A N   1 
ATOM   308  C CA  . ILE A 1 41  ? 8.852   6.630   -1.835  1.00 11.95 ? 41  ILE A CA  1 
ATOM   309  C C   . ILE A 1 41  ? 8.622   6.472   -0.331  1.00 11.16 ? 41  ILE A C   1 
ATOM   310  O O   . ILE A 1 41  ? 7.551   6.835   0.177   1.00 11.08 ? 41  ILE A O   1 
ATOM   311  C CB  . ILE A 1 41  ? 8.907   8.140   -2.226  1.00 14.38 ? 41  ILE A CB  1 
ATOM   312  C CG1 . ILE A 1 41  ? 8.916   8.270   -3.776  1.00 16.06 ? 41  ILE A CG1 1 
ATOM   313  C CG2 . ILE A 1 41  ? 10.163  8.793   -1.596  1.00 15.73 ? 41  ILE A CG2 1 
ATOM   314  C CD1 . ILE A 1 41  ? 8.431   9.610   -4.313  1.00 19.10 ? 41  ILE A CD1 1 
ATOM   315  N N   . ILE A 1 42  ? 9.565   5.856   0.361   1.00 8.09  ? 42  ILE A N   1 
ATOM   316  C CA  . ILE A 1 42  ? 9.430   5.661   1.792   1.00 8.64  ? 42  ILE A CA  1 
ATOM   317  C C   . ILE A 1 42  ? 10.569  6.419   2.450   1.00 9.50  ? 42  ILE A C   1 
ATOM   318  O O   . ILE A 1 42  ? 11.729  6.353   1.987   1.00 8.35  ? 42  ILE A O   1 
ATOM   319  C CB  . ILE A 1 42  ? 9.496   4.163   2.105   1.00 8.62  ? 42  ILE A CB  1 
ATOM   320  C CG1 . ILE A 1 42  ? 8.299   3.486   1.392   1.00 10.02 ? 42  ILE A CG1 1 
ATOM   321  C CG2 . ILE A 1 42  ? 9.416   3.892   3.614   1.00 8.67  ? 42  ILE A CG2 1 
ATOM   322  C CD1 . ILE A 1 42  ? 8.286   1.958   1.553   1.00 12.47 ? 42  ILE A CD1 1 
ATOM   323  N N   . SER A 1 43  ? 10.237  7.145   3.518   1.00 8.54  ? 43  SER A N   1 
ATOM   324  C CA  . SER A 1 43  ? 11.236  7.917   4.242   1.00 9.40  ? 43  SER A CA  1 
ATOM   325  C C   . SER A 1 43  ? 10.896  7.884   5.725   1.00 9.62  ? 43  SER A C   1 
ATOM   326  O O   . SER A 1 43  ? 9.750   7.621   6.118   1.00 9.67  ? 43  SER A O   1 
ATOM   327  C CB  . SER A 1 43  ? 11.231  9.354   3.714   1.00 9.17  ? 43  SER A CB  1 
ATOM   328  O OG  . SER A 1 43  ? 9.982   10.015  3.878   1.00 12.15 ? 43  SER A OG  1 
ATOM   329  N N   . VAL A 1 44  ? 11.861  8.111   6.610   1.00 9.74  ? 44  VAL A N   1 
ATOM   330  C CA  . VAL A 1 44  ? 11.647  8.064   8.059   1.00 9.70  ? 44  VAL A CA  1 
ATOM   331  C C   . VAL A 1 44  ? 12.256  9.331   8.619   1.00 9.84  ? 44  VAL A C   1 
ATOM   332  O O   . VAL A 1 44  ? 13.329  9.783   8.179   1.00 10.00 ? 44  VAL A O   1 
ATOM   333  C CB  . VAL A 1 44  ? 12.365  6.860   8.709   1.00 10.90 ? 44  VAL A CB  1 
ATOM   334  C CG1 . VAL A 1 44  ? 12.118  6.911   10.217  1.00 13.08 ? 44  VAL A CG1 1 
ATOM   335  C CG2 . VAL A 1 44  ? 11.842  5.529   8.142   1.00 13.13 ? 44  VAL A CG2 1 
ATOM   336  N N   . ASN A 1 45  ? 11.553  9.958   9.543   1.00 9.34  ? 45  ASN A N   1 
ATOM   337  C CA  . ASN A 1 45  ? 12.100  11.153  10.183  1.00 10.44 ? 45  ASN A CA  1 
ATOM   338  C C   . ASN A 1 45  ? 11.676  11.081  11.644  1.00 10.27 ? 45  ASN A C   1 
ATOM   339  O O   . ASN A 1 45  ? 10.498  11.284  11.985  1.00 9.42  ? 45  ASN A O   1 
ATOM   340  C CB  . ASN A 1 45  ? 11.527  12.411  9.506   1.00 12.59 ? 45  ASN A CB  1 
ATOM   341  C CG  . ASN A 1 45  ? 12.174  13.700  10.019  1.00 15.36 ? 45  ASN A CG  1 
ATOM   342  O OD1 . ASN A 1 45  ? 12.336  14.656  9.271   1.00 19.09 ? 45  ASN A OD1 1 
ATOM   343  N ND2 . ASN A 1 45  ? 12.520  13.903  11.255  1.00 16.01 ? 45  ASN A ND2 1 
ATOM   344  N N   . GLY A 1 46  ? 12.605  10.725  12.527  1.00 10.21 ? 46  GLY A N   1 
ATOM   345  C CA  . GLY A 1 46  ? 12.287  10.587  13.930  1.00 11.18 ? 46  GLY A CA  1 
ATOM   346  C C   . GLY A 1 46  ? 11.412  9.340   14.026  1.00 12.49 ? 46  GLY A C   1 
ATOM   347  O O   . GLY A 1 46  ? 11.710  8.312   13.425  1.00 12.47 ? 46  GLY A O   1 
ATOM   348  N N   . ASP A 1 47  ? 10.265  9.550   14.652  1.00 13.30 ? 47  ASP A N   1 
ATOM   349  C CA  . ASP A 1 47  ? 9.254   8.538   14.869  1.00 16.65 ? 47  ASP A CA  1 
ATOM   350  C C   . ASP A 1 47  ? 8.287   8.366   13.716  1.00 15.47 ? 47  ASP A C   1 
ATOM   351  O O   . ASP A 1 47  ? 7.442   7.474   13.809  1.00 15.36 ? 47  ASP A O   1 
ATOM   352  C CB  . ASP A 1 47  ? 8.367   8.881   16.043  1.00 22.01 ? 47  ASP A CB  1 
ATOM   353  C CG  . ASP A 1 47  ? 8.851   8.530   17.419  1.00 29.79 ? 47  ASP A CG  1 
ATOM   354  O OD1 . ASP A 1 47  ? 9.847   7.804   17.555  1.00 34.35 ? 47  ASP A OD1 1 
ATOM   355  O OD2 . ASP A 1 47  ? 8.191   8.983   18.364  1.00 33.40 ? 47  ASP A OD2 1 
ATOM   356  N N   . LEU A 1 48  ? 8.300   9.254   12.733  1.00 11.89 ? 48  LEU A N   1 
ATOM   357  C CA  . LEU A 1 48  ? 7.263   9.228   11.722  1.00 11.63 ? 48  LEU A CA  1 
ATOM   358  C C   . LEU A 1 48  ? 7.807   8.616   10.461  1.00 10.16 ? 48  LEU A C   1 
ATOM   359  O O   . LEU A 1 48  ? 8.874   9.001   9.970   1.00 10.74 ? 48  LEU A O   1 
ATOM   360  C CB  . LEU A 1 48  ? 6.753   10.629  11.381  1.00 14.03 ? 48  LEU A CB  1 
ATOM   361  C CG  . LEU A 1 48  ? 5.867   11.301  12.416  1.00 18.19 ? 48  LEU A CG  1 
ATOM   362  C CD1 . LEU A 1 48  ? 5.504   12.694  11.941  1.00 19.13 ? 48  LEU A CD1 1 
ATOM   363  C CD2 . LEU A 1 48  ? 4.602   10.475  12.633  1.00 18.05 ? 48  LEU A CD2 1 
ATOM   364  N N   . VAL A 1 49  ? 7.077   7.648   9.941   1.00 9.43  ? 49  VAL A N   1 
ATOM   365  C CA  . VAL A 1 49  ? 7.401   7.004   8.683   1.00 8.37  ? 49  VAL A CA  1 
ATOM   366  C C   . VAL A 1 49  ? 6.437   7.607   7.651   1.00 9.11  ? 49  VAL A C   1 
ATOM   367  O O   . VAL A 1 49  ? 5.241   7.785   7.954   1.00 8.55  ? 49  VAL A O   1 
ATOM   368  C CB  . VAL A 1 49  ? 7.171   5.496   8.800   1.00 9.46  ? 49  VAL A CB  1 
ATOM   369  C CG1 . VAL A 1 49  ? 7.653   4.846   7.511   1.00 10.64 ? 49  VAL A CG1 1 
ATOM   370  C CG2 . VAL A 1 49  ? 7.914   4.902   9.970   1.00 9.81  ? 49  VAL A CG2 1 
ATOM   371  N N   . THR A 1 50  ? 6.927   7.931   6.455   1.00 7.94  ? 50  THR A N   1 
ATOM   372  C CA  . THR A 1 50  ? 6.069   8.449   5.398   1.00 7.51  ? 50  THR A CA  1 
ATOM   373  C C   . THR A 1 50  ? 6.124   7.500   4.209   1.00 8.18  ? 50  THR A C   1 
ATOM   374  O O   . THR A 1 50  ? 7.220   7.058   3.818   1.00 8.91  ? 50  THR A O   1 
ATOM   375  C CB  . THR A 1 50  ? 6.520   9.862   4.937   1.00 7.76  ? 50  THR A CB  1 
ATOM   376  O OG1 . THR A 1 50  ? 6.374   10.750  6.044   1.00 10.30 ? 50  THR A OG1 1 
ATOM   377  C CG2 . THR A 1 50  ? 5.670   10.379  3.769   1.00 8.74  ? 50  THR A CG2 1 
ATOM   378  N N   . ILE A 1 51  ? 4.943   7.159   3.680   1.00 6.67  ? 51  ILE A N   1 
ATOM   379  C CA  . ILE A 1 51  ? 4.883   6.361   2.455   1.00 7.80  ? 51  ILE A CA  1 
ATOM   380  C C   . ILE A 1 51  ? 4.085   7.176   1.439   1.00 8.05  ? 51  ILE A C   1 
ATOM   381  O O   . ILE A 1 51  ? 2.910   7.512   1.668   1.00 7.88  ? 51  ILE A O   1 
ATOM   382  C CB  . ILE A 1 51  ? 4.183   4.989   2.663   1.00 8.82  ? 51  ILE A CB  1 
ATOM   383  C CG1 . ILE A 1 51  ? 4.894   4.119   3.699   1.00 7.91  ? 51  ILE A CG1 1 
ATOM   384  C CG2 . ILE A 1 51  ? 4.220   4.245   1.306   1.00 8.93  ? 51  ILE A CG2 1 
ATOM   385  C CD1 . ILE A 1 51  ? 4.221   2.776   4.011   1.00 10.19 ? 51  ILE A CD1 1 
ATOM   386  N N   . ARG A 1 52  ? 4.741   7.528   0.336   1.00 7.40  ? 52  ARG A N   1 
ATOM   387  C CA  . ARG A 1 52  ? 4.146   8.302   -0.734  1.00 8.97  ? 52  ARG A CA  1 
ATOM   388  C C   . ARG A 1 52  ? 4.036   7.453   -2.015  1.00 10.40 ? 52  ARG A C   1 
ATOM   389  O O   . ARG A 1 52  ? 4.972   6.721   -2.354  1.00 11.17 ? 52  ARG A O   1 
ATOM   390  C CB  . ARG A 1 52  ? 5.034   9.523   -0.921  1.00 11.37 ? 52  ARG A CB  1 
ATOM   391  C CG  . ARG A 1 52  ? 4.632   10.420  -2.006  1.00 13.39 ? 52  ARG A CG  1 
ATOM   392  C CD  . ARG A 1 52  ? 5.462   11.677  -1.819  1.00 16.34 ? 52  ARG A CD  1 
ATOM   393  N NE  . ARG A 1 52  ? 5.196   12.485  -2.984  1.00 18.01 ? 52  ARG A NE  1 
ATOM   394  C CZ  . ARG A 1 52  ? 4.136   13.274  -3.076  1.00 15.92 ? 52  ARG A CZ  1 
ATOM   395  N NH1 . ARG A 1 52  ? 3.355   13.508  -2.025  1.00 20.43 ? 52  ARG A NH1 1 
ATOM   396  N NH2 . ARG A 1 52  ? 3.939   13.930  -4.204  1.00 19.57 ? 52  ARG A NH2 1 
ATOM   397  N N   . SER A 1 53  ? 2.905   7.460   -2.719  1.00 10.09 ? 53  SER A N   1 
ATOM   398  C CA  . SER A 1 53  ? 2.783   6.739   -3.961  1.00 11.14 ? 53  SER A CA  1 
ATOM   399  C C   . SER A 1 53  ? 2.486   7.826   -4.980  1.00 11.22 ? 53  SER A C   1 
ATOM   400  O O   . SER A 1 53  ? 1.655   8.722   -4.739  1.00 11.96 ? 53  SER A O   1 
ATOM   401  C CB  . SER A 1 53  ? 1.648   5.776   -3.833  1.00 13.93 ? 53  SER A CB  1 
ATOM   402  O OG  . SER A 1 53  ? 1.478   5.010   -5.026  1.00 20.82 ? 53  SER A OG  1 
ATOM   403  N N   . GLU A 1 54  ? 3.266   7.863   -6.054  1.00 9.66  ? 54  GLU A N   1 
ATOM   404  C CA  . GLU A 1 54  ? 3.110   8.895   -7.056  1.00 11.35 ? 54  GLU A CA  1 
ATOM   405  C C   . GLU A 1 54  ? 2.725   8.333   -8.419  1.00 11.68 ? 54  GLU A C   1 
ATOM   406  O O   . GLU A 1 54  ? 3.359   7.371   -8.899  1.00 10.98 ? 54  GLU A O   1 
ATOM   407  C CB  . GLU A 1 54  ? 4.391   9.676   -7.268  1.00 11.97 ? 54  GLU A CB  1 
ATOM   408  C CG  . GLU A 1 54  ? 4.922   10.374  -6.029  1.00 16.61 ? 54  GLU A CG  1 
ATOM   409  C CD  . GLU A 1 54  ? 6.086   11.320  -6.316  1.00 19.62 ? 54  GLU A CD  1 
ATOM   410  O OE1 . GLU A 1 54  ? 6.850   11.122  -7.274  1.00 22.82 ? 54  GLU A OE1 1 
ATOM   411  O OE2 . GLU A 1 54  ? 6.231   12.292  -5.580  1.00 21.35 ? 54  GLU A OE2 1 
ATOM   412  N N   . SER A 1 55  ? 1.711   8.906   -9.052  1.00 10.70 ? 55  SER A N   1 
ATOM   413  C CA  . SER A 1 55  ? 1.418   8.528   -10.399 1.00 13.97 ? 55  SER A CA  1 
ATOM   414  C C   . SER A 1 55  ? 0.876   9.757   -11.122 1.00 15.56 ? 55  SER A C   1 
ATOM   415  O O   . SER A 1 55  ? 0.509   10.761  -10.507 1.00 14.51 ? 55  SER A O   1 
ATOM   416  C CB  . SER A 1 55  ? 0.413   7.379   -10.386 1.00 14.27 ? 55  SER A CB  1 
ATOM   417  O OG  . SER A 1 55  ? -0.936  7.731   -10.122 1.00 18.70 ? 55  SER A OG  1 
ATOM   418  N N   . THR A 1 56  ? 0.740   9.672   -12.446 1.00 18.85 ? 56  THR A N   1 
ATOM   419  C CA  . THR A 1 56  ? 0.250   10.777  -13.275 1.00 21.64 ? 56  THR A CA  1 
ATOM   420  C C   . THR A 1 56  ? -1.124  11.204  -12.788 1.00 21.93 ? 56  THR A C   1 
ATOM   421  O O   . THR A 1 56  ? -1.430  12.377  -12.652 1.00 24.36 ? 56  THR A O   1 
ATOM   422  C CB  . THR A 1 56  ? 0.175   10.309  -14.753 1.00 23.09 ? 56  THR A CB  1 
ATOM   423  O OG1 . THR A 1 56  ? -0.582  9.103   -14.743 1.00 27.33 ? 56  THR A OG1 1 
ATOM   424  C CG2 . THR A 1 56  ? 1.518   9.952   -15.363 1.00 25.59 ? 56  THR A CG2 1 
ATOM   425  N N   . PHE A 1 57  ? -1.917  10.186  -12.472 1.00 21.63 ? 57  PHE A N   1 
ATOM   426  C CA  . PHE A 1 57  ? -3.287  10.311  -12.017 1.00 23.83 ? 57  PHE A CA  1 
ATOM   427  C C   . PHE A 1 57  ? -3.556  10.736  -10.581 1.00 22.87 ? 57  PHE A C   1 
ATOM   428  O O   . PHE A 1 57  ? -4.436  11.582  -10.382 1.00 20.23 ? 57  PHE A O   1 
ATOM   429  C CB  . PHE A 1 57  ? -3.996  8.985   -12.249 1.00 28.42 ? 57  PHE A CB  1 
ATOM   430  C CG  . PHE A 1 57  ? -3.711  8.421   -13.641 1.00 33.69 ? 57  PHE A CG  1 
ATOM   431  C CD1 . PHE A 1 57  ? -4.139  9.114   -14.784 1.00 34.42 ? 57  PHE A CD1 1 
ATOM   432  C CD2 . PHE A 1 57  ? -3.003  7.218   -13.740 1.00 35.31 ? 57  PHE A CD2 1 
ATOM   433  C CE1 . PHE A 1 57  ? -3.863  8.585   -16.034 1.00 35.65 ? 57  PHE A CE1 1 
ATOM   434  C CE2 . PHE A 1 57  ? -2.733  6.696   -14.996 1.00 36.40 ? 57  PHE A CE2 1 
ATOM   435  C CZ  . PHE A 1 57  ? -3.161  7.384   -16.128 1.00 37.01 ? 57  PHE A CZ  1 
ATOM   436  N N   . LYS A 1 58  ? -2.858  10.163  -9.581  1.00 20.42 ? 58  LYS A N   1 
ATOM   437  C CA  . LYS A 1 58  ? -3.151  10.414  -8.175  1.00 20.14 ? 58  LYS A CA  1 
ATOM   438  C C   . LYS A 1 58  ? -1.859  10.205  -7.398  1.00 17.34 ? 58  LYS A C   1 
ATOM   439  O O   . LYS A 1 58  ? -1.105  9.271   -7.688  1.00 15.87 ? 58  LYS A O   1 
ATOM   440  C CB  . LYS A 1 58  ? -4.175  9.412   -7.686  1.00 24.13 ? 58  LYS A CB  1 
ATOM   441  C CG  . LYS A 1 58  ? -4.817  9.697   -6.333  1.00 28.78 ? 58  LYS A CG  1 
ATOM   442  C CD  . LYS A 1 58  ? -6.210  10.225  -6.635  1.00 30.95 ? 58  LYS A CD  1 
ATOM   443  C CE  . LYS A 1 58  ? -7.103  10.247  -5.401  1.00 33.04 ? 58  LYS A CE  1 
ATOM   444  N NZ  . LYS A 1 58  ? -8.451  10.627  -5.785  1.00 33.36 ? 58  LYS A NZ  1 
ATOM   445  N N   . ASN A 1 59  ? -1.573  11.118  -6.486  1.00 14.11 ? 59  ASN A N   1 
ATOM   446  C CA  . ASN A 1 59  ? -0.463  10.949  -5.560  1.00 13.91 ? 59  ASN A CA  1 
ATOM   447  C C   . ASN A 1 59  ? -1.109  10.699  -4.215  1.00 14.00 ? 59  ASN A C   1 
ATOM   448  O O   . ASN A 1 59  ? -2.172  11.279  -3.942  1.00 14.85 ? 59  ASN A O   1 
ATOM   449  C CB  . ASN A 1 59  ? 0.403   12.203  -5.428  1.00 12.27 ? 59  ASN A CB  1 
ATOM   450  C CG  . ASN A 1 59  ? 1.209   12.532  -6.662  1.00 13.75 ? 59  ASN A CG  1 
ATOM   451  O OD1 . ASN A 1 59  ? 1.447   11.699  -7.541  1.00 13.46 ? 59  ASN A OD1 1 
ATOM   452  N ND2 . ASN A 1 59  ? 1.693   13.743  -6.846  1.00 17.17 ? 59  ASN A ND2 1 
ATOM   453  N N   . THR A 1 60  ? -0.608  9.805   -3.371  1.00 11.78 ? 60  THR A N   1 
ATOM   454  C CA  . THR A 1 60  ? -1.145  9.678   -2.025  1.00 12.29 ? 60  THR A CA  1 
ATOM   455  C C   . THR A 1 60  ? 0.045   9.801   -1.097  1.00 11.34 ? 60  THR A C   1 
ATOM   456  O O   . THR A 1 60  ? 1.185   9.544   -1.496  1.00 9.76  ? 60  THR A O   1 
ATOM   457  C CB  . THR A 1 60  ? -1.816  8.321   -1.729  1.00 13.06 ? 60  THR A CB  1 
ATOM   458  O OG1 . THR A 1 60  ? -0.895  7.269   -2.028  1.00 14.24 ? 60  THR A OG1 1 
ATOM   459  C CG2 . THR A 1 60  ? -3.120  8.199   -2.494  1.00 15.33 ? 60  THR A CG2 1 
ATOM   460  N N   . GLU A 1 61  ? -0.209  10.165  0.146   1.00 11.17 ? 61  GLU A N   1 
ATOM   461  C CA  . GLU A 1 61  ? 0.853   10.255  1.108   1.00 11.94 ? 61  GLU A CA  1 
ATOM   462  C C   . GLU A 1 61  ? 0.273   9.998   2.480   1.00 11.89 ? 61  GLU A C   1 
ATOM   463  O O   . GLU A 1 61  ? -0.747  10.594  2.832   1.00 13.36 ? 61  GLU A O   1 
ATOM   464  C CB  . GLU A 1 61  ? 1.466   11.632  1.032   1.00 13.43 ? 61  GLU A CB  1 
ATOM   465  C CG  . GLU A 1 61  ? 2.701   11.707  1.896   1.00 20.10 ? 61  GLU A CG  1 
ATOM   466  C CD  . GLU A 1 61  ? 3.373   13.063  1.831   1.00 22.33 ? 61  GLU A CD  1 
ATOM   467  O OE1 . GLU A 1 61  ? 3.927   13.416  0.789   1.00 26.06 ? 61  GLU A OE1 1 
ATOM   468  O OE2 . GLU A 1 61  ? 3.336   13.765  2.835   1.00 25.31 ? 61  GLU A OE2 1 
ATOM   469  N N   . ILE A 1 62  ? 0.863   9.087   3.240   1.00 10.06 ? 62  ILE A N   1 
ATOM   470  C CA  . ILE A 1 62  ? 0.475   8.860   4.633   1.00 10.05 ? 62  ILE A CA  1 
ATOM   471  C C   . ILE A 1 62  ? 1.742   8.992   5.478   1.00 8.91  ? 62  ILE A C   1 
ATOM   472  O O   . ILE A 1 62  ? 2.830   8.569   5.041   1.00 9.02  ? 62  ILE A O   1 
ATOM   473  C CB  . ILE A 1 62  ? -0.134  7.442   4.883   1.00 10.18 ? 62  ILE A CB  1 
ATOM   474  C CG1 . ILE A 1 62  ? 0.623   6.321   4.210   1.00 10.95 ? 62  ILE A CG1 1 
ATOM   475  C CG2 . ILE A 1 62  ? -1.566  7.477   4.326   1.00 12.91 ? 62  ILE A CG2 1 
ATOM   476  C CD1 . ILE A 1 62  ? 0.154   4.899   4.616   1.00 14.30 ? 62  ILE A CD1 1 
ATOM   477  N N   . SER A 1 63  ? 1.625   9.615   6.655   1.00 9.01  ? 63  SER A N   1 
ATOM   478  C CA  . SER A 1 63  ? 2.724   9.723   7.621   1.00 8.94  ? 63  SER A CA  1 
ATOM   479  C C   . SER A 1 63  ? 2.139   9.220   8.927   1.00 9.55  ? 63  SER A C   1 
ATOM   480  O O   . SER A 1 63  ? 1.000   9.560   9.289   1.00 10.89 ? 63  SER A O   1 
ATOM   481  C CB  . SER A 1 63  ? 3.212   11.159  7.863   1.00 9.92  ? 63  SER A CB  1 
ATOM   482  O OG  . SER A 1 63  ? 3.820   11.629  6.664   1.00 14.09 ? 63  SER A OG  1 
ATOM   483  N N   . PHE A 1 64  ? 2.890   8.394   9.645   1.00 8.90  ? 64  PHE A N   1 
ATOM   484  C CA  . PHE A 1 64  ? 2.348   7.683   10.794  1.00 9.36  ? 64  PHE A CA  1 
ATOM   485  C C   . PHE A 1 64  ? 3.462   7.242   11.734  1.00 8.88  ? 64  PHE A C   1 
ATOM   486  O O   . PHE A 1 64  ? 4.638   7.124   11.371  1.00 9.43  ? 64  PHE A O   1 
ATOM   487  C CB  . PHE A 1 64  ? 1.557   6.400   10.312  1.00 10.66 ? 64  PHE A CB  1 
ATOM   488  C CG  . PHE A 1 64  ? 2.394   5.494   9.392   1.00 9.94  ? 64  PHE A CG  1 
ATOM   489  C CD1 . PHE A 1 64  ? 2.392   5.735   8.007   1.00 11.46 ? 64  PHE A CD1 1 
ATOM   490  C CD2 . PHE A 1 64  ? 3.191   4.470   9.898   1.00 9.55  ? 64  PHE A CD2 1 
ATOM   491  C CE1 . PHE A 1 64  ? 3.182   4.966   7.170   1.00 10.03 ? 64  PHE A CE1 1 
ATOM   492  C CE2 . PHE A 1 64  ? 3.968   3.712   9.041   1.00 9.25  ? 64  PHE A CE2 1 
ATOM   493  C CZ  . PHE A 1 64  ? 3.969   3.954   7.682   1.00 9.76  ? 64  PHE A CZ  1 
ATOM   494  N N   . LYS A 1 65  ? 3.026   6.962   12.937  1.00 9.22  ? 65  LYS A N   1 
ATOM   495  C CA  . LYS A 1 65  ? 3.905   6.391   13.930  1.00 10.17 ? 65  LYS A CA  1 
ATOM   496  C C   . LYS A 1 65  ? 3.508   4.912   13.965  1.00 9.88  ? 65  LYS A C   1 
ATOM   497  O O   . LYS A 1 65  ? 2.305   4.609   13.941  1.00 9.87  ? 65  LYS A O   1 
ATOM   498  C CB  . LYS A 1 65  ? 3.646   7.098   15.266  1.00 13.72 ? 65  LYS A CB  1 
ATOM   499  C CG  . LYS A 1 65  ? 4.621   6.621   16.334  1.00 17.78 ? 65  LYS A CG  1 
ATOM   500  C CD  . LYS A 1 65  ? 4.546   7.423   17.622  1.00 22.26 ? 65  LYS A CD  1 
ATOM   501  C CE  . LYS A 1 65  ? 5.580   6.822   18.557  1.00 24.15 ? 65  LYS A CE  1 
ATOM   502  N NZ  . LYS A 1 65  ? 4.911   6.327   19.741  1.00 30.29 ? 65  LYS A NZ  1 
ATOM   503  N N   . LEU A 1 66  ? 4.458   3.976   14.019  1.00 9.01  ? 66  LEU A N   1 
ATOM   504  C CA  . LEU A 1 66  ? 4.165   2.563   14.074  1.00 9.49  ? 66  LEU A CA  1 
ATOM   505  C C   . LEU A 1 66  ? 3.442   2.221   15.381  1.00 10.61 ? 66  LEU A C   1 
ATOM   506  O O   . LEU A 1 66  ? 3.927   2.495   16.489  1.00 10.96 ? 66  LEU A O   1 
ATOM   507  C CB  . LEU A 1 66  ? 5.445   1.736   13.987  1.00 11.17 ? 66  LEU A CB  1 
ATOM   508  C CG  . LEU A 1 66  ? 6.274   1.258   12.748  1.00 16.27 ? 66  LEU A CG  1 
ATOM   509  C CD1 . LEU A 1 66  ? 5.407   1.136   11.503  1.00 13.51 ? 66  LEU A CD1 1 
ATOM   510  C CD2 . LEU A 1 66  ? 7.483   2.146   12.616  1.00 16.67 ? 66  LEU A CD2 1 
ATOM   511  N N   . GLY A 1 67  ? 2.239   1.668   15.247  1.00 8.92  ? 67  GLY A N   1 
ATOM   512  C CA  . GLY A 1 67  ? 1.427   1.268   16.381  1.00 9.07  ? 67  GLY A CA  1 
ATOM   513  C C   . GLY A 1 67  ? 0.316   2.240   16.727  1.00 10.04 ? 67  GLY A C   1 
ATOM   514  O O   . GLY A 1 67  ? -0.480  1.884   17.597  1.00 11.93 ? 67  GLY A O   1 
ATOM   515  N N   . VAL A 1 68  ? 0.204   3.417   16.105  1.00 8.78  ? 68  VAL A N   1 
ATOM   516  C CA  . VAL A 1 68  ? -0.808  4.398   16.480  1.00 9.07  ? 68  VAL A CA  1 
ATOM   517  C C   . VAL A 1 68  ? -1.835  4.455   15.369  1.00 9.40  ? 68  VAL A C   1 
ATOM   518  O O   . VAL A 1 68  ? -1.439  4.700   14.227  1.00 9.34  ? 68  VAL A O   1 
ATOM   519  C CB  . VAL A 1 68  ? -0.142  5.793   16.667  1.00 11.10 ? 68  VAL A CB  1 
ATOM   520  C CG1 . VAL A 1 68  ? -1.155  6.892   16.988  1.00 11.68 ? 68  VAL A CG1 1 
ATOM   521  C CG2 . VAL A 1 68  ? 0.862   5.670   17.832  1.00 12.20 ? 68  VAL A CG2 1 
ATOM   522  N N   . GLU A 1 69  ? -3.111  4.223   15.668  1.00 9.33  ? 69  GLU A N   1 
ATOM   523  C CA  . GLU A 1 69  ? -4.176  4.256   14.661  1.00 9.47  ? 69  GLU A CA  1 
ATOM   524  C C   . GLU A 1 69  ? -4.370  5.639   14.067  1.00 9.10  ? 69  GLU A C   1 
ATOM   525  O O   . GLU A 1 69  ? -4.318  6.627   14.812  1.00 10.78 ? 69  GLU A O   1 
ATOM   526  C CB  . GLU A 1 69  ? -5.477  3.797   15.283  1.00 9.93  ? 69  GLU A CB  1 
ATOM   527  C CG  . GLU A 1 69  ? -6.600  3.708   14.258  1.00 9.36  ? 69  GLU A CG  1 
ATOM   528  C CD  . GLU A 1 69  ? -7.895  3.284   14.900  1.00 11.75 ? 69  GLU A CD  1 
ATOM   529  O OE1 . GLU A 1 69  ? -8.480  4.050   15.647  1.00 14.13 ? 69  GLU A OE1 1 
ATOM   530  O OE2 . GLU A 1 69  ? -8.334  2.169   14.652  1.00 16.44 ? 69  GLU A OE2 1 
ATOM   531  N N   . PHE A 1 70  ? -4.571  5.819   12.760  1.00 8.41  ? 70  PHE A N   1 
ATOM   532  C CA  . PHE A 1 70  ? -4.716  7.162   12.185  1.00 7.40  ? 70  PHE A CA  1 
ATOM   533  C C   . PHE A 1 70  ? -5.758  7.126   11.072  1.00 7.35  ? 70  PHE A C   1 
ATOM   534  O O   . PHE A 1 70  ? -6.145  6.040   10.620  1.00 7.88  ? 70  PHE A O   1 
ATOM   535  C CB  . PHE A 1 70  ? -3.341  7.665   11.621  1.00 6.90  ? 70  PHE A CB  1 
ATOM   536  C CG  . PHE A 1 70  ? -2.711  6.831   10.512  1.00 8.24  ? 70  PHE A CG  1 
ATOM   537  C CD1 . PHE A 1 70  ? -2.095  5.625   10.799  1.00 7.95  ? 70  PHE A CD1 1 
ATOM   538  C CD2 . PHE A 1 70  ? -2.790  7.267   9.177   1.00 10.90 ? 70  PHE A CD2 1 
ATOM   539  C CE1 . PHE A 1 70  ? -1.566  4.843   9.774   1.00 9.92  ? 70  PHE A CE1 1 
ATOM   540  C CE2 . PHE A 1 70  ? -2.257  6.476   8.168   1.00 9.98  ? 70  PHE A CE2 1 
ATOM   541  C CZ  . PHE A 1 70  ? -1.652  5.273   8.462   1.00 8.55  ? 70  PHE A CZ  1 
ATOM   542  N N   . ASP A 1 71  ? -6.204  8.295   10.672  1.00 7.31  ? 71  ASP A N   1 
ATOM   543  C CA  . ASP A 1 71  ? -7.130  8.451   9.542   1.00 7.90  ? 71  ASP A CA  1 
ATOM   544  C C   . ASP A 1 71  ? -6.418  8.485   8.197   1.00 8.62  ? 71  ASP A C   1 
ATOM   545  O O   . ASP A 1 71  ? -5.415  9.201   8.031   1.00 9.37  ? 71  ASP A O   1 
ATOM   546  C CB  . ASP A 1 71  ? -7.894  9.741   9.666   1.00 8.69  ? 71  ASP A CB  1 
ATOM   547  C CG  . ASP A 1 71  ? -8.707  9.708   10.938  1.00 12.06 ? 71  ASP A CG  1 
ATOM   548  O OD1 . ASP A 1 71  ? -9.641  8.920   11.012  1.00 12.67 ? 71  ASP A OD1 1 
ATOM   549  O OD2 . ASP A 1 71  ? -8.381  10.447  11.861  1.00 13.25 ? 71  ASP A OD2 1 
ATOM   550  N N   . GLU A 1 72  ? -6.886  7.742   7.209   1.00 8.88  ? 72  GLU A N   1 
ATOM   551  C CA  . GLU A 1 72  ? -6.285  7.719   5.885   1.00 9.19  ? 72  GLU A CA  1 
ATOM   552  C C   . GLU A 1 72  ? -7.432  7.807   4.875   1.00 9.94  ? 72  GLU A C   1 
ATOM   553  O O   . GLU A 1 72  ? -8.502  7.245   5.100   1.00 10.67 ? 72  GLU A O   1 
ATOM   554  C CB  . GLU A 1 72  ? -5.547  6.405   5.666   1.00 8.26  ? 72  GLU A CB  1 
ATOM   555  C CG  . GLU A 1 72  ? -5.045  6.198   4.230   1.00 8.41  ? 72  GLU A CG  1 
ATOM   556  C CD  . GLU A 1 72  ? -4.392  4.845   3.970   1.00 10.63 ? 72  GLU A CD  1 
ATOM   557  O OE1 . GLU A 1 72  ? -4.340  3.971   4.838   1.00 11.70 ? 72  GLU A OE1 1 
ATOM   558  O OE2 . GLU A 1 72  ? -3.931  4.634   2.853   1.00 13.12 ? 72  GLU A OE2 1 
ATOM   559  N N   . ILE A 1 73  ? -7.229  8.523   3.780   1.00 11.17 ? 73  ILE A N   1 
ATOM   560  C CA  . ILE A 1 73  ? -8.188  8.559   2.677   1.00 13.07 ? 73  ILE A CA  1 
ATOM   561  C C   . ILE A 1 73  ? -7.448  7.883   1.540   1.00 12.74 ? 73  ILE A C   1 
ATOM   562  O O   . ILE A 1 73  ? -6.361  8.318   1.152   1.00 15.04 ? 73  ILE A O   1 
ATOM   563  C CB  . ILE A 1 73  ? -8.576  9.999   2.300   1.00 14.53 ? 73  ILE A CB  1 
ATOM   564  C CG1 . ILE A 1 73  ? -9.360  10.600  3.459   1.00 15.86 ? 73  ILE A CG1 1 
ATOM   565  C CG2 . ILE A 1 73  ? -9.451  10.002  1.049   1.00 15.36 ? 73  ILE A CG2 1 
ATOM   566  C CD1 . ILE A 1 73  ? -9.588  12.109  3.407   1.00 19.70 ? 73  ILE A CD1 1 
ATOM   567  N N   . THR A 1 74  ? -7.961  6.746   1.079   1.00 11.78 ? 74  THR A N   1 
ATOM   568  C CA  . THR A 1 74  ? -7.248  5.942   0.095   1.00 11.84 ? 74  THR A CA  1 
ATOM   569  C C   . THR A 1 74  ? -7.372  6.539   -1.306  1.00 11.26 ? 74  THR A C   1 
ATOM   570  O O   . THR A 1 74  ? -8.229  7.386   -1.558  1.00 11.74 ? 74  THR A O   1 
ATOM   571  C CB  . THR A 1 74  ? -7.805  4.504   0.160   1.00 10.53 ? 74  THR A CB  1 
ATOM   572  O OG1 . THR A 1 74  ? -9.174  4.534   -0.252  1.00 11.13 ? 74  THR A OG1 1 
ATOM   573  C CG2 . THR A 1 74  ? -7.796  3.944   1.580   1.00 8.71  ? 74  THR A CG2 1 
ATOM   574  N N   . ALA A 1 75  ? -6.578  6.070   -2.251  1.00 12.58 ? 75  ALA A N   1 
ATOM   575  C CA  . ALA A 1 75  ? -6.581  6.546   -3.622  1.00 13.77 ? 75  ALA A CA  1 
ATOM   576  C C   . ALA A 1 75  ? -7.960  6.422   -4.268  1.00 14.74 ? 75  ALA A C   1 
ATOM   577  O O   . ALA A 1 75  ? -8.354  7.223   -5.104  1.00 17.53 ? 75  ALA A O   1 
ATOM   578  C CB  . ALA A 1 75  ? -5.560  5.734   -4.386  1.00 12.81 ? 75  ALA A CB  1 
ATOM   579  N N   . ASP A 1 76  ? -8.746  5.434   -3.856  1.00 14.34 ? 76  ASP A N   1 
ATOM   580  C CA  . ASP A 1 76  ? -10.101 5.232   -4.352  1.00 14.58 ? 76  ASP A CA  1 
ATOM   581  C C   . ASP A 1 76  ? -11.159 5.899   -3.475  1.00 16.27 ? 76  ASP A C   1 
ATOM   582  O O   . ASP A 1 76  ? -12.361 5.612   -3.556  1.00 16.64 ? 76  ASP A O   1 
ATOM   583  C CB  . ASP A 1 76  ? -10.344 3.727   -4.457  1.00 14.43 ? 76  ASP A CB  1 
ATOM   584  C CG  . ASP A 1 76  ? -10.250 2.968   -3.144  1.00 15.05 ? 76  ASP A CG  1 
ATOM   585  O OD1 . ASP A 1 76  ? -9.208  2.990   -2.481  1.00 13.77 ? 76  ASP A OD1 1 
ATOM   586  O OD2 . ASP A 1 76  ? -11.239 2.337   -2.800  1.00 15.54 ? 76  ASP A OD2 1 
ATOM   587  N N   . ASP A 1 77  ? -10.690 6.805   -2.611  1.00 16.73 ? 77  ASP A N   1 
ATOM   588  C CA  . ASP A 1 77  ? -11.482 7.631   -1.726  1.00 18.93 ? 77  ASP A CA  1 
ATOM   589  C C   . ASP A 1 77  ? -12.345 7.007   -0.669  1.00 18.81 ? 77  ASP A C   1 
ATOM   590  O O   . ASP A 1 77  ? -13.428 7.477   -0.313  1.00 21.90 ? 77  ASP A O   1 
ATOM   591  C CB  . ASP A 1 77  ? -12.341 8.600   -2.565  1.00 24.31 ? 77  ASP A CB  1 
ATOM   592  C CG  . ASP A 1 77  ? -11.420 9.600   -3.252  1.00 29.58 ? 77  ASP A CG  1 
ATOM   593  O OD1 . ASP A 1 77  ? -10.804 10.436  -2.563  1.00 34.26 ? 77  ASP A OD1 1 
ATOM   594  O OD2 . ASP A 1 77  ? -11.286 9.499   -4.478  1.00 33.88 ? 77  ASP A OD2 1 
ATOM   595  N N   . ARG A 1 78  ? -11.822 5.956   -0.077  1.00 15.78 ? 78  ARG A N   1 
ATOM   596  C CA  . ARG A 1 78  ? -12.467 5.455   1.122   1.00 14.59 ? 78  ARG A CA  1 
ATOM   597  C C   . ARG A 1 78  ? -11.806 6.204   2.297   1.00 14.79 ? 78  ARG A C   1 
ATOM   598  O O   . ARG A 1 78  ? -10.613 6.540   2.236   1.00 13.66 ? 78  ARG A O   1 
ATOM   599  C CB  . ARG A 1 78  ? -12.216 3.979   1.282   1.00 14.49 ? 78  ARG A CB  1 
ATOM   600  C CG  . ARG A 1 78  ? -12.900 3.055   0.286   1.00 13.06 ? 78  ARG A CG  1 
ATOM   601  C CD  . ARG A 1 78  ? -12.348 1.634   0.509   1.00 13.47 ? 78  ARG A CD  1 
ATOM   602  N NE  . ARG A 1 78  ? -11.033 1.505   -0.098  1.00 12.60 ? 78  ARG A NE  1 
ATOM   603  C CZ  . ARG A 1 78  ? -9.993  0.840   0.387   1.00 12.70 ? 78  ARG A CZ  1 
ATOM   604  N NH1 . ARG A 1 78  ? -9.982  0.210   1.572   1.00 11.13 ? 78  ARG A NH1 1 
ATOM   605  N NH2 . ARG A 1 78  ? -8.898  0.870   -0.375  1.00 12.56 ? 78  ARG A NH2 1 
ATOM   606  N N   . LYS A 1 79  ? -12.529 6.475   3.384   1.00 15.01 ? 79  LYS A N   1 
ATOM   607  C CA  . LYS A 1 79  ? -11.949 7.108   4.564   1.00 15.06 ? 79  LYS A CA  1 
ATOM   608  C C   . LYS A 1 79  ? -11.895 5.953   5.555   1.00 13.76 ? 79  LYS A C   1 
ATOM   609  O O   . LYS A 1 79  ? -12.914 5.349   5.921   1.00 13.92 ? 79  LYS A O   1 
ATOM   610  C CB  . LYS A 1 79  ? -12.837 8.194   5.124   1.00 17.26 ? 79  LYS A CB  1 
ATOM   611  C CG  . LYS A 1 79  ? -12.773 9.465   4.246   1.00 22.35 ? 79  LYS A CG  1 
ATOM   612  C CD  . LYS A 1 79  ? -13.657 10.598  4.769   0.00 0.00  ? 79  LYS A CD  1 
ATOM   613  C CE  . LYS A 1 79  ? -13.593 11.856  3.900   0.00 0.00  ? 79  LYS A CE  1 
ATOM   614  N NZ  . LYS A 1 79  ? -14.442 12.946  4.404   0.00 0.00  ? 79  LYS A NZ  1 
ATOM   615  N N   . VAL A 1 80  ? -10.669 5.568   5.889   1.00 10.60 ? 80  VAL A N   1 
ATOM   616  C CA  . VAL A 1 80  ? -10.464 4.363   6.649   1.00 10.00 ? 80  VAL A CA  1 
ATOM   617  C C   . VAL A 1 80  ? -9.655  4.707   7.897   1.00 9.02  ? 80  VAL A C   1 
ATOM   618  O O   . VAL A 1 80  ? -9.034  5.775   7.972   1.00 10.52 ? 80  VAL A O   1 
ATOM   619  C CB  . VAL A 1 80  ? -9.705  3.265   5.776   1.00 9.78  ? 80  VAL A CB  1 
ATOM   620  C CG1 . VAL A 1 80  ? -10.410 3.050   4.430   1.00 11.01 ? 80  VAL A CG1 1 
ATOM   621  C CG2 . VAL A 1 80  ? -8.278  3.709   5.454   1.00 9.93  ? 80  VAL A CG2 1 
ATOM   622  N N   . LYS A 1 81  ? -9.682  3.792   8.855   1.00 8.15  ? 81  LYS A N   1 
ATOM   623  C CA  . LYS A 1 81  ? -8.813  3.868   10.028  1.00 8.25  ? 81  LYS A CA  1 
ATOM   624  C C   . LYS A 1 81  ? -7.678  2.886   9.759   1.00 8.09  ? 81  LYS A C   1 
ATOM   625  O O   . LYS A 1 81  ? -7.938  1.706   9.483   1.00 8.70  ? 81  LYS A O   1 
ATOM   626  C CB  . LYS A 1 81  ? -9.523  3.418   11.304  1.00 9.53  ? 81  LYS A CB  1 
ATOM   627  C CG  . LYS A 1 81  ? -10.676 4.293   11.779  1.00 11.25 ? 81  LYS A CG  1 
ATOM   628  C CD  . LYS A 1 81  ? -10.216 5.669   12.191  1.00 10.04 ? 81  LYS A CD  1 
ATOM   629  C CE  . LYS A 1 81  ? -11.399 6.441   12.748  1.00 11.34 ? 81  LYS A CE  1 
ATOM   630  N NZ  . LYS A 1 81  ? -11.032 7.824   13.052  1.00 10.27 ? 81  LYS A NZ  1 
ATOM   631  N N   . SER A 1 82  ? -6.430  3.324   9.792   1.00 7.98  ? 82  SER A N   1 
ATOM   632  C CA  . SER A 1 82  ? -5.300  2.456   9.530   1.00 8.15  ? 82  SER A CA  1 
ATOM   633  C C   . SER A 1 82  ? -4.378  2.313   10.734  1.00 8.37  ? 82  SER A C   1 
ATOM   634  O O   . SER A 1 82  ? -4.240  3.257   11.531  1.00 8.09  ? 82  SER A O   1 
ATOM   635  C CB  . SER A 1 82  ? -4.483  3.013   8.375   1.00 10.12 ? 82  SER A CB  1 
ATOM   636  O OG  . SER A 1 82  ? -5.189  2.835   7.147   1.00 10.61 ? 82  SER A OG  1 
ATOM   637  N N   . ILE A 1 83  ? -3.735  1.151   10.834  1.00 7.02  ? 83  ILE A N   1 
ATOM   638  C CA  . ILE A 1 83  ? -2.677  0.983   11.814  1.00 8.51  ? 83  ILE A CA  1 
ATOM   639  C C   . ILE A 1 83  ? -1.611  0.126   11.138  1.00 8.20  ? 83  ILE A C   1 
ATOM   640  O O   . ILE A 1 83  ? -1.918  -0.844  10.425  1.00 8.78  ? 83  ILE A O   1 
ATOM   641  C CB  . ILE A 1 83  ? -3.236  0.330   13.115  1.00 11.09 ? 83  ILE A CB  1 
ATOM   642  C CG1 . ILE A 1 83  ? -2.076  0.321   14.129  1.00 12.64 ? 83  ILE A CG1 1 
ATOM   643  C CG2 . ILE A 1 83  ? -3.847  -1.040  12.857  1.00 13.91 ? 83  ILE A CG2 1 
ATOM   644  C CD1 . ILE A 1 83  ? -2.523  0.059   15.584  1.00 17.33 ? 83  ILE A CD1 1 
ATOM   645  N N   . ILE A 1 84  ? -0.355  0.543   11.302  1.00 8.03  ? 84  ILE A N   1 
ATOM   646  C CA  . ILE A 1 84  ? 0.786   -0.144  10.728  1.00 7.41  ? 84  ILE A CA  1 
ATOM   647  C C   . ILE A 1 84  ? 1.771   -0.492  11.853  1.00 8.66  ? 84  ILE A C   1 
ATOM   648  O O   . ILE A 1 84  ? 2.150   0.381   12.660  1.00 7.89  ? 84  ILE A O   1 
ATOM   649  C CB  . ILE A 1 84  ? 1.468   0.763   9.680   1.00 8.37  ? 84  ILE A CB  1 
ATOM   650  C CG1 . ILE A 1 84  ? 0.464   1.203   8.628   1.00 8.71  ? 84  ILE A CG1 1 
ATOM   651  C CG2 . ILE A 1 84  ? 2.610   -0.014  9.023   1.00 9.32  ? 84  ILE A CG2 1 
ATOM   652  C CD1 . ILE A 1 84  ? 0.960   2.085   7.455   1.00 10.65 ? 84  ILE A CD1 1 
ATOM   653  N N   . THR A 1 85  ? 2.154   -1.775  11.916  1.00 8.69  ? 85  THR A N   1 
ATOM   654  C CA  . THR A 1 85  ? 3.108   -2.276  12.905  1.00 8.70  ? 85  THR A CA  1 
ATOM   655  C C   . THR A 1 85  ? 4.293   -2.917  12.176  1.00 10.03 ? 85  THR A C   1 
ATOM   656  O O   . THR A 1 85  ? 4.231   -3.210  10.956  1.00 11.32 ? 85  THR A O   1 
ATOM   657  C CB  . THR A 1 85  ? 2.414   -3.320  13.853  1.00 8.32  ? 85  THR A CB  1 
ATOM   658  O OG1 . THR A 1 85  ? 1.799   -4.339  13.082  1.00 8.99  ? 85  THR A OG1 1 
ATOM   659  C CG2 . THR A 1 85  ? 1.368   -2.656  14.733  1.00 8.93  ? 85  THR A CG2 1 
ATOM   660  N N   . LEU A 1 86  ? 5.410   -3.101  12.882  1.00 9.03  ? 86  LEU A N   1 
ATOM   661  C CA  . LEU A 1 86  ? 6.591   -3.746  12.312  1.00 9.24  ? 86  LEU A CA  1 
ATOM   662  C C   . LEU A 1 86  ? 6.640   -5.133  12.934  1.00 9.41  ? 86  LEU A C   1 
ATOM   663  O O   . LEU A 1 86  ? 6.801   -5.273  14.165  1.00 9.59  ? 86  LEU A O   1 
ATOM   664  C CB  . LEU A 1 86  ? 7.843   -2.939  12.669  1.00 10.95 ? 86  LEU A CB  1 
ATOM   665  C CG  . LEU A 1 86  ? 9.194   -3.367  12.139  1.00 14.02 ? 86  LEU A CG  1 
ATOM   666  C CD1 . LEU A 1 86  ? 9.211   -3.321  10.616  1.00 15.23 ? 86  LEU A CD1 1 
ATOM   667  C CD2 . LEU A 1 86  ? 10.253  -2.385  12.667  1.00 16.26 ? 86  LEU A CD2 1 
ATOM   668  N N   . ASP A 1 87  ? 6.487   -6.165  12.110  1.00 9.58  ? 87  ASP A N   1 
ATOM   669  C CA  . ASP A 1 87  ? 6.370   -7.520  12.606  1.00 11.76 ? 87  ASP A CA  1 
ATOM   670  C C   . ASP A 1 87  ? 7.175   -8.436  11.737  1.00 12.04 ? 87  ASP A C   1 
ATOM   671  O O   . ASP A 1 87  ? 6.956   -8.508  10.522  1.00 11.41 ? 87  ASP A O   1 
ATOM   672  C CB  . ASP A 1 87  ? 4.916   -7.986  12.576  1.00 12.50 ? 87  ASP A CB  1 
ATOM   673  C CG  . ASP A 1 87  ? 4.016   -7.233  13.521  1.00 13.35 ? 87  ASP A CG  1 
ATOM   674  O OD1 . ASP A 1 87  ? 4.336   -7.157  14.698  1.00 17.13 ? 87  ASP A OD1 1 
ATOM   675  O OD2 . ASP A 1 87  ? 2.992   -6.743  13.086  1.00 15.43 ? 87  ASP A OD2 1 
ATOM   676  N N   . GLY A 1 88  ? 8.202   -9.052  12.314  1.00 12.85 ? 88  GLY A N   1 
ATOM   677  C CA  . GLY A 1 88  ? 8.989   -10.028 11.557  1.00 13.75 ? 88  GLY A CA  1 
ATOM   678  C C   . GLY A 1 88  ? 9.705   -9.362  10.398  1.00 13.29 ? 88  GLY A C   1 
ATOM   679  O O   . GLY A 1 88  ? 9.882   -9.956  9.341   1.00 16.08 ? 88  GLY A O   1 
ATOM   680  N N   . GLY A 1 89  ? 10.110  -8.120  10.580  1.00 13.63 ? 89  GLY A N   1 
ATOM   681  C CA  . GLY A 1 89  ? 10.772  -7.388  9.515   1.00 14.54 ? 89  GLY A CA  1 
ATOM   682  C C   . GLY A 1 89  ? 9.851   -6.892  8.404   1.00 13.50 ? 89  GLY A C   1 
ATOM   683  O O   . GLY A 1 89  ? 10.367  -6.377  7.404   1.00 13.90 ? 89  GLY A O   1 
ATOM   684  N N   . ALA A 1 90  ? 8.522   -6.974  8.541   1.00 11.57 ? 90  ALA A N   1 
ATOM   685  C CA  . ALA A 1 90  ? 7.607   -6.479  7.514   1.00 10.00 ? 90  ALA A CA  1 
ATOM   686  C C   . ALA A 1 90  ? 6.701   -5.407  8.095   1.00 10.01 ? 90  ALA A C   1 
ATOM   687  O O   . ALA A 1 90  ? 6.464   -5.381  9.309   1.00 9.31  ? 90  ALA A O   1 
ATOM   688  C CB  . ALA A 1 90  ? 6.717   -7.550  7.016   1.00 9.54  ? 90  ALA A CB  1 
ATOM   689  N N   . LEU A 1 91  ? 6.270   -4.464  7.264   1.00 8.32  ? 91  LEU A N   1 
ATOM   690  C CA  . LEU A 1 91  ? 5.325   -3.444  7.692   1.00 9.24  ? 91  LEU A CA  1 
ATOM   691  C C   . LEU A 1 91  ? 3.948   -4.040  7.428   1.00 9.32  ? 91  LEU A C   1 
ATOM   692  O O   . LEU A 1 91  ? 3.632   -4.365  6.275   1.00 9.40  ? 91  LEU A O   1 
ATOM   693  C CB  . LEU A 1 91  ? 5.498   -2.155  6.882   1.00 9.58  ? 91  LEU A CB  1 
ATOM   694  C CG  . LEU A 1 91  ? 6.786   -1.372  7.096   1.00 10.58 ? 91  LEU A CG  1 
ATOM   695  C CD1 . LEU A 1 91  ? 6.983   -0.289  6.041   1.00 12.15 ? 91  LEU A CD1 1 
ATOM   696  C CD2 . LEU A 1 91  ? 6.688   -0.699  8.465   1.00 13.98 ? 91  LEU A CD2 1 
ATOM   697  N N   . VAL A 1 92  ? 3.130   -4.241  8.462   1.00 8.92  ? 92  VAL A N   1 
ATOM   698  C CA  . VAL A 1 92  ? 1.797   -4.822  8.300   1.00 7.30  ? 92  VAL A CA  1 
ATOM   699  C C   . VAL A 1 92  ? 0.777   -3.736  8.554   1.00 8.34  ? 92  VAL A C   1 
ATOM   700  O O   . VAL A 1 92  ? 0.689   -3.182  9.660   1.00 8.93  ? 92  VAL A O   1 
ATOM   701  C CB  . VAL A 1 92  ? 1.599   -5.975  9.301   1.00 9.42  ? 92  VAL A CB  1 
ATOM   702  C CG1 . VAL A 1 92  ? 0.214   -6.582  9.061   1.00 9.29  ? 92  VAL A CG1 1 
ATOM   703  C CG2 . VAL A 1 92  ? 2.728   -6.995  9.165   1.00 9.09  ? 92  VAL A CG2 1 
ATOM   704  N N   . GLN A 1 93  ? -0.033  -3.435  7.556   1.00 6.94  ? 93  GLN A N   1 
ATOM   705  C CA  . GLN A 1 93  ? -1.053  -2.404  7.627   1.00 7.00  ? 93  GLN A CA  1 
ATOM   706  C C   . GLN A 1 93  ? -2.439  -3.011  7.635   1.00 8.02  ? 93  GLN A C   1 
ATOM   707  O O   . GLN A 1 93  ? -2.731  -3.879  6.790   1.00 9.13  ? 93  GLN A O   1 
ATOM   708  C CB  . GLN A 1 93  ? -0.951  -1.472  6.433   1.00 7.64  ? 93  GLN A CB  1 
ATOM   709  C CG  . GLN A 1 93  ? -2.054  -0.430  6.409   1.00 8.05  ? 93  GLN A CG  1 
ATOM   710  C CD  . GLN A 1 93  ? -1.850  0.624   5.355   1.00 9.78  ? 93  GLN A CD  1 
ATOM   711  O OE1 . GLN A 1 93  ? -1.035  0.527   4.435   1.00 11.21 ? 93  GLN A OE1 1 
ATOM   712  N NE2 . GLN A 1 93  ? -2.613  1.691   5.478   1.00 11.26 ? 93  GLN A NE2 1 
ATOM   713  N N   . VAL A 1 94  ? -3.294  -2.600  8.558   1.00 8.00  ? 94  VAL A N   1 
ATOM   714  C CA  . VAL A 1 94  ? -4.682  -3.060  8.533   1.00 8.17  ? 94  VAL A CA  1 
ATOM   715  C C   . VAL A 1 94  ? -5.522  -1.817  8.338   1.00 8.08  ? 94  VAL A C   1 
ATOM   716  O O   . VAL A 1 94  ? -5.291  -0.813  9.030   1.00 7.93  ? 94  VAL A O   1 
ATOM   717  C CB  . VAL A 1 94  ? -5.071  -3.756  9.850   1.00 9.33  ? 94  VAL A CB  1 
ATOM   718  C CG1 . VAL A 1 94  ? -6.533  -4.176  9.752   1.00 11.05 ? 94  VAL A CG1 1 
ATOM   719  C CG2 . VAL A 1 94  ? -4.212  -5.014  10.090  1.00 11.78 ? 94  VAL A CG2 1 
ATOM   720  N N   . GLN A 1 95  ? -6.452  -1.847  7.377   1.00 7.64  ? 95  GLN A N   1 
ATOM   721  C CA  . GLN A 1 95  ? -7.351  -0.725  7.145   1.00 7.96  ? 95  GLN A CA  1 
ATOM   722  C C   . GLN A 1 95  ? -8.737  -1.209  7.485   1.00 8.64  ? 95  GLN A C   1 
ATOM   723  O O   . GLN A 1 95  ? -9.116  -2.282  7.028   1.00 9.51  ? 95  GLN A O   1 
ATOM   724  C CB  . GLN A 1 95  ? -7.396  -0.295  5.711   1.00 9.57  ? 95  GLN A CB  1 
ATOM   725  C CG  . GLN A 1 95  ? -6.098  0.267   5.175   1.00 11.35 ? 95  GLN A CG  1 
ATOM   726  C CD  . GLN A 1 95  ? -6.238  0.640   3.706   1.00 12.17 ? 95  GLN A CD  1 
ATOM   727  O OE1 . GLN A 1 95  ? -7.030  0.047   2.956   1.00 12.76 ? 95  GLN A OE1 1 
ATOM   728  N NE2 . GLN A 1 95  ? -5.468  1.600   3.238   1.00 10.42 ? 95  GLN A NE2 1 
ATOM   729  N N   . LYS A 1 96  ? -9.509  -0.463  8.257   1.00 9.43  ? 96  LYS A N   1 
ATOM   730  C CA  . LYS A 1 96  ? -10.871 -0.820  8.649   1.00 10.12 ? 96  LYS A CA  1 
ATOM   731  C C   . LYS A 1 96  ? -11.822 0.288   8.222   1.00 11.52 ? 96  LYS A C   1 
ATOM   732  O O   . LYS A 1 96  ? -11.477 1.480   8.408   1.00 11.02 ? 96  LYS A O   1 
ATOM   733  C CB  . LYS A 1 96  ? -10.998 -0.940  10.138  1.00 12.21 ? 96  LYS A CB  1 
ATOM   734  C CG  . LYS A 1 96  ? -10.283 -2.133  10.708  1.00 16.03 ? 96  LYS A CG  1 
ATOM   735  C CD  . LYS A 1 96  ? -10.276 -1.950  12.228  1.00 22.44 ? 96  LYS A CD  1 
ATOM   736  C CE  . LYS A 1 96  ? -10.240 -3.306  12.913  1.00 26.96 ? 96  LYS A CE  1 
ATOM   737  N NZ  . LYS A 1 96  ? -11.548 -3.981  12.904  1.00 29.79 ? 96  LYS A NZ  1 
ATOM   738  N N   . TRP A 1 97  ? -13.003 -0.032  7.644   1.00 10.55 ? 97  TRP A N   1 
ATOM   739  C CA  . TRP A 1 97  ? -14.009 0.976   7.262   1.00 12.09 ? 97  TRP A CA  1 
ATOM   740  C C   . TRP A 1 97  ? -15.329 0.232   7.088   1.00 12.87 ? 97  TRP A C   1 
ATOM   741  O O   . TRP A 1 97  ? -15.311 -0.920  6.667   1.00 11.47 ? 97  TRP A O   1 
ATOM   742  C CB  . TRP A 1 97  ? -13.673 1.699   5.932   1.00 12.11 ? 97  TRP A CB  1 
ATOM   743  C CG  . TRP A 1 97  ? -13.787 0.859   4.659   1.00 11.23 ? 97  TRP A CG  1 
ATOM   744  C CD1 . TRP A 1 97  ? -14.812 1.103   3.774   1.00 12.92 ? 97  TRP A CD1 1 
ATOM   745  C CD2 . TRP A 1 97  ? -12.991 -0.206  4.276   1.00 12.18 ? 97  TRP A CD2 1 
ATOM   746  N NE1 . TRP A 1 97  ? -14.681 0.191   2.846   1.00 12.70 ? 97  TRP A NE1 1 
ATOM   747  C CE2 . TRP A 1 97  ? -13.622 -0.602  3.104   1.00 12.86 ? 97  TRP A CE2 1 
ATOM   748  C CE3 . TRP A 1 97  ? -11.874 -0.900  4.719   1.00 14.33 ? 97  TRP A CE3 1 
ATOM   749  C CZ2 . TRP A 1 97  ? -13.158 -1.679  2.362   1.00 12.57 ? 97  TRP A CZ2 1 
ATOM   750  C CZ3 . TRP A 1 97  ? -11.412 -1.975  3.985   1.00 12.97 ? 97  TRP A CZ3 1 
ATOM   751  C CH2 . TRP A 1 97  ? -12.043 -2.360  2.820   1.00 12.72 ? 97  TRP A CH2 1 
ATOM   752  N N   . ASP A 1 98  ? -16.468 0.835   7.461   1.00 15.34 ? 98  ASP A N   1 
ATOM   753  C CA  . ASP A 1 98  ? -17.792 0.196   7.348   1.00 18.09 ? 98  ASP A CA  1 
ATOM   754  C C   . ASP A 1 98  ? -17.888 -1.253  7.817   1.00 17.21 ? 98  ASP A C   1 
ATOM   755  O O   . ASP A 1 98  ? -18.550 -2.085  7.184   1.00 18.29 ? 98  ASP A O   1 
ATOM   756  C CB  . ASP A 1 98  ? -18.293 0.190   5.908   1.00 23.43 ? 98  ASP A CB  1 
ATOM   757  C CG  . ASP A 1 98  ? -18.297 1.487   5.143   1.00 29.66 ? 98  ASP A CG  1 
ATOM   758  O OD1 . ASP A 1 98  ? -18.409 2.552   5.773   1.00 33.17 ? 98  ASP A OD1 1 
ATOM   759  O OD2 . ASP A 1 98  ? -18.195 1.399   3.903   1.00 34.07 ? 98  ASP A OD2 1 
ATOM   760  N N   . GLY A 1 99  ? -17.212 -1.634  8.887   1.00 14.43 ? 99  GLY A N   1 
ATOM   761  C CA  . GLY A 1 99  ? -17.291 -2.997  9.352   1.00 15.41 ? 99  GLY A CA  1 
ATOM   762  C C   . GLY A 1 99  ? -16.441 -3.954  8.513   1.00 16.62 ? 99  GLY A C   1 
ATOM   763  O O   . GLY A 1 99  ? -16.440 -5.156  8.772   1.00 18.64 ? 99  GLY A O   1 
ATOM   764  N N   . LYS A 1 100 ? -15.653 -3.483  7.551   1.00 15.47 ? 100 LYS A N   1 
ATOM   765  C CA  . LYS A 1 100 ? -14.781 -4.308  6.736   1.00 14.54 ? 100 LYS A CA  1 
ATOM   766  C C   . LYS A 1 100 ? -13.336 -4.031  7.098   1.00 13.51 ? 100 LYS A C   1 
ATOM   767  O O   . LYS A 1 100 ? -13.010 -3.030  7.745   1.00 11.14 ? 100 LYS A O   1 
ATOM   768  C CB  . LYS A 1 100 ? -14.946 -3.994  5.269   1.00 16.76 ? 100 LYS A CB  1 
ATOM   769  C CG  . LYS A 1 100 ? -16.246 -4.563  4.718   1.00 22.04 ? 100 LYS A CG  1 
ATOM   770  C CD  . LYS A 1 100 ? -17.196 -3.456  4.300   1.00 26.93 ? 100 LYS A CD  1 
ATOM   771  C CE  . LYS A 1 100 ? -16.721 -2.771  3.046   1.00 27.83 ? 100 LYS A CE  1 
ATOM   772  N NZ  . LYS A 1 100 ? -17.503 -1.556  2.893   1.00 33.39 ? 100 LYS A NZ  1 
ATOM   773  N N   . SER A 1 101 ? -12.473 -4.944  6.676   1.00 13.40 ? 101 SER A N   1 
ATOM   774  C CA  . SER A 1 101 ? -11.043 -4.693  6.775   1.00 13.32 ? 101 SER A CA  1 
ATOM   775  C C   . SER A 1 101 ? -10.244 -5.386  5.683   1.00 10.80 ? 101 SER A C   1 
ATOM   776  O O   . SER A 1 101 ? -10.682 -6.360  5.069   1.00 9.64  ? 101 SER A O   1 
ATOM   777  C CB  . SER A 1 101 ? -10.540 -5.120  8.171   1.00 15.16 ? 101 SER A CB  1 
ATOM   778  O OG  . SER A 1 101 ? -10.606 -6.500  8.442   1.00 20.55 ? 101 SER A OG  1 
ATOM   779  N N   . THR A 1 102 ? -9.059  -4.855  5.407   1.00 9.60  ? 102 THR A N   1 
ATOM   780  C CA  . THR A 1 102 ? -8.140  -5.431  4.430   1.00 9.22  ? 102 THR A CA  1 
ATOM   781  C C   . THR A 1 102 ? -6.751  -5.271  5.046   1.00 9.63  ? 102 THR A C   1 
ATOM   782  O O   . THR A 1 102 ? -6.550  -4.336  5.847   1.00 9.20  ? 102 THR A O   1 
ATOM   783  C CB  . THR A 1 102 ? -8.297  -4.666  3.075   1.00 9.60  ? 102 THR A CB  1 
ATOM   784  O OG1 . THR A 1 102 ? -7.459  -5.343  2.146   1.00 9.93  ? 102 THR A OG1 1 
ATOM   785  C CG2 . THR A 1 102 ? -7.960  -3.177  3.144   1.00 9.60  ? 102 THR A CG2 1 
ATOM   786  N N   . THR A 1 103 ? -5.841  -6.202  4.711   1.00 9.07  ? 103 THR A N   1 
ATOM   787  C CA  . THR A 1 103 ? -4.452  -6.180  5.176   1.00 10.13 ? 103 THR A CA  1 
ATOM   788  C C   . THR A 1 103 ? -3.525  -5.915  3.991   1.00 9.96  ? 103 THR A C   1 
ATOM   789  O O   . THR A 1 103 ? -3.720  -6.496  2.912   1.00 10.43 ? 103 THR A O   1 
ATOM   790  C CB  . THR A 1 103 ? -4.077  -7.514  5.805   1.00 11.09 ? 103 THR A CB  1 
ATOM   791  O OG1 . THR A 1 103 ? -4.995  -7.690  6.872   1.00 15.24 ? 103 THR A OG1 1 
ATOM   792  C CG2 . THR A 1 103 ? -2.653  -7.565  6.345   1.00 13.43 ? 103 THR A CG2 1 
ATOM   793  N N   . ILE A 1 104 ? -2.561  -5.010  4.159   1.00 8.10  ? 104 ILE A N   1 
ATOM   794  C CA  . ILE A 1 104 ? -1.553  -4.683  3.150   1.00 8.13  ? 104 ILE A CA  1 
ATOM   795  C C   . ILE A 1 104 ? -0.210  -4.914  3.850   1.00 9.49  ? 104 ILE A C   1 
ATOM   796  O O   . ILE A 1 104 ? 0.102   -4.224  4.843   1.00 9.89  ? 104 ILE A O   1 
ATOM   797  C CB  . ILE A 1 104 ? -1.661  -3.193  2.688   1.00 8.15  ? 104 ILE A CB  1 
ATOM   798  C CG1 . ILE A 1 104 ? -3.042  -2.991  2.056   1.00 10.68 ? 104 ILE A CG1 1 
ATOM   799  C CG2 . ILE A 1 104 ? -0.575  -2.832  1.676   1.00 7.78  ? 104 ILE A CG2 1 
ATOM   800  C CD1 . ILE A 1 104 ? -3.447  -1.531  1.985   1.00 15.67 ? 104 ILE A CD1 1 
ATOM   801  N N   . LYS A 1 105 ? 0.569   -5.878  3.384   1.00 8.23  ? 105 LYS A N   1 
ATOM   802  C CA  . LYS A 1 105 ? 1.856   -6.184  3.967   1.00 9.43  ? 105 LYS A CA  1 
ATOM   803  C C   . LYS A 1 105 ? 2.965   -5.725  3.033   1.00 9.45  ? 105 LYS A C   1 
ATOM   804  O O   . LYS A 1 105 ? 2.880   -5.998  1.834   1.00 9.75  ? 105 LYS A O   1 
ATOM   805  C CB  . LYS A 1 105 ? 1.866   -7.690  4.214   1.00 14.53 ? 105 LYS A CB  1 
ATOM   806  C CG  . LYS A 1 105 ? 3.021   -8.224  5.048   1.00 22.08 ? 105 LYS A CG  1 
ATOM   807  C CD  . LYS A 1 105 ? 2.658   -9.649  5.514   1.00 26.26 ? 105 LYS A CD  1 
ATOM   808  C CE  . LYS A 1 105 ? 3.862   -10.399 6.128   1.00 30.15 ? 105 LYS A CE  1 
ATOM   809  N NZ  . LYS A 1 105 ? 3.536   -11.806 6.354   1.00 32.61 ? 105 LYS A NZ  1 
ATOM   810  N N   . ARG A 1 106 ? 3.993   -5.004  3.479   1.00 7.52  ? 106 ARG A N   1 
ATOM   811  C CA  . ARG A 1 106 ? 5.095   -4.542  2.624   1.00 6.85  ? 106 ARG A CA  1 
ATOM   812  C C   . ARG A 1 106 ? 6.309   -5.231  3.209   1.00 8.23  ? 106 ARG A C   1 
ATOM   813  O O   . ARG A 1 106 ? 6.580   -5.105  4.418   1.00 7.89  ? 106 ARG A O   1 
ATOM   814  C CB  . ARG A 1 106 ? 5.283   -3.028  2.707   1.00 6.91  ? 106 ARG A CB  1 
ATOM   815  C CG  . ARG A 1 106 ? 4.036   -2.310  2.181   1.00 10.23 ? 106 ARG A CG  1 
ATOM   816  C CD  . ARG A 1 106 ? 4.103   -0.806  2.334   1.00 10.71 ? 106 ARG A CD  1 
ATOM   817  N NE  . ARG A 1 106 ? 3.023   -0.098  1.659   1.00 13.06 ? 106 ARG A NE  1 
ATOM   818  C CZ  . ARG A 1 106 ? 1.886   0.237   2.278   1.00 12.81 ? 106 ARG A CZ  1 
ATOM   819  N NH1 . ARG A 1 106 ? 1.616   -0.073  3.530   1.00 13.94 ? 106 ARG A NH1 1 
ATOM   820  N NH2 . ARG A 1 106 ? 0.947   0.897   1.615   1.00 17.94 ? 106 ARG A NH2 1 
ATOM   821  N N   . LYS A 1 107 ? 7.029   -5.999  2.415   1.00 7.79  ? 107 LYS A N   1 
ATOM   822  C CA  . LYS A 1 107 ? 8.134   -6.797  2.925   1.00 8.38  ? 107 LYS A CA  1 
ATOM   823  C C   . LYS A 1 107 ? 9.278   -6.798  1.935   1.00 8.67  ? 107 LYS A C   1 
ATOM   824  O O   . LYS A 1 107 ? 9.125   -6.456  0.766   1.00 9.71  ? 107 LYS A O   1 
ATOM   825  C CB  . LYS A 1 107 ? 7.641   -8.216  3.188   1.00 12.70 ? 107 LYS A CB  1 
ATOM   826  C CG  . LYS A 1 107 ? 7.263   -9.012  1.956   1.00 17.39 ? 107 LYS A CG  1 
ATOM   827  C CD  . LYS A 1 107 ? 6.600   -10.361 2.312   1.00 22.80 ? 107 LYS A CD  1 
ATOM   828  C CE  . LYS A 1 107 ? 6.478   -11.264 1.059   1.00 26.09 ? 107 LYS A CE  1 
ATOM   829  N NZ  . LYS A 1 107 ? 5.887   -12.557 1.383   1.00 27.83 ? 107 LYS A NZ  1 
ATOM   830  N N   . ARG A 1 108 ? 10.475  -7.094  2.388   1.00 9.08  ? 108 ARG A N   1 
ATOM   831  C CA  . ARG A 1 108 ? 11.615  -7.184  1.510   1.00 9.02  ? 108 ARG A CA  1 
ATOM   832  C C   . ARG A 1 108 ? 11.723  -8.639  1.095   1.00 8.91  ? 108 ARG A C   1 
ATOM   833  O O   . ARG A 1 108 ? 11.489  -9.571  1.886   1.00 10.14 ? 108 ARG A O   1 
ATOM   834  C CB  . ARG A 1 108 ? 12.883  -6.735  2.275   1.00 7.79  ? 108 ARG A CB  1 
ATOM   835  C CG  . ARG A 1 108 ? 12.922  -5.221  2.522   1.00 6.74  ? 108 ARG A CG  1 
ATOM   836  C CD  . ARG A 1 108 ? 12.940  -4.411  1.203   1.00 8.94  ? 108 ARG A CD  1 
ATOM   837  N NE  . ARG A 1 108 ? 13.956  -4.937  0.276   1.00 8.73  ? 108 ARG A NE  1 
ATOM   838  C CZ  . ARG A 1 108 ? 15.237  -4.593  0.349   1.00 8.69  ? 108 ARG A CZ  1 
ATOM   839  N NH1 . ARG A 1 108 ? 15.671  -3.714  1.254   1.00 8.47  ? 108 ARG A NH1 1 
ATOM   840  N NH2 . ARG A 1 108 ? 16.137  -5.235  -0.397  1.00 10.26 ? 108 ARG A NH2 1 
ATOM   841  N N   . ASP A 1 109 ? 12.111  -8.848  -0.159  1.00 9.11  ? 109 ASP A N   1 
ATOM   842  C CA  . ASP A 1 109 ? 12.354  -10.185 -0.685  1.00 10.86 ? 109 ASP A CA  1 
ATOM   843  C C   . ASP A 1 109 ? 13.572  -10.023 -1.585  1.00 10.47 ? 109 ASP A C   1 
ATOM   844  O O   . ASP A 1 109 ? 13.476  -9.434  -2.671  1.00 9.47  ? 109 ASP A O   1 
ATOM   845  C CB  . ASP A 1 109 ? 11.137  -10.657 -1.496  1.00 15.34 ? 109 ASP A CB  1 
ATOM   846  C CG  . ASP A 1 109 ? 11.199  -12.106 -1.991  1.00 19.24 ? 109 ASP A CG  1 
ATOM   847  O OD1 . ASP A 1 109 ? 12.269  -12.701 -2.088  1.00 19.76 ? 109 ASP A OD1 1 
ATOM   848  O OD2 . ASP A 1 109 ? 10.146  -12.655 -2.304  1.00 24.02 ? 109 ASP A OD2 1 
ATOM   849  N N   . GLY A 1 110 ? 14.749  -10.494 -1.172  1.00 9.74  ? 110 GLY A N   1 
ATOM   850  C CA  . GLY A 1 110 ? 15.941  -10.266 -1.981  1.00 10.05 ? 110 GLY A CA  1 
ATOM   851  C C   . GLY A 1 110 ? 16.201  -8.771  -2.092  1.00 11.17 ? 110 GLY A C   1 
ATOM   852  O O   . GLY A 1 110 ? 16.205  -8.059  -1.082  1.00 11.67 ? 110 GLY A O   1 
ATOM   853  N N   . ASP A 1 111 ? 16.410  -8.261  -3.297  1.00 10.20 ? 111 ASP A N   1 
ATOM   854  C CA  . ASP A 1 111 ? 16.602  -6.838  -3.524  1.00 10.54 ? 111 ASP A CA  1 
ATOM   855  C C   . ASP A 1 111 ? 15.315  -6.087  -3.844  1.00 10.98 ? 111 ASP A C   1 
ATOM   856  O O   . ASP A 1 111 ? 15.341  -4.907  -4.206  1.00 11.88 ? 111 ASP A O   1 
ATOM   857  C CB  . ASP A 1 111 ? 17.588  -6.592  -4.681  1.00 13.56 ? 111 ASP A CB  1 
ATOM   858  C CG  . ASP A 1 111 ? 17.268  -7.292  -5.999  1.00 17.25 ? 111 ASP A CG  1 
ATOM   859  O OD1 . ASP A 1 111 ? 16.235  -7.945  -6.132  1.00 18.17 ? 111 ASP A OD1 1 
ATOM   860  O OD2 . ASP A 1 111 ? 18.078  -7.203  -6.922  1.00 20.71 ? 111 ASP A OD2 1 
ATOM   861  N N   . LYS A 1 112 ? 14.175  -6.749  -3.739  1.00 11.05 ? 112 LYS A N   1 
ATOM   862  C CA  . LYS A 1 112 ? 12.865  -6.216  -4.110  1.00 10.35 ? 112 LYS A CA  1 
ATOM   863  C C   . LYS A 1 112 ? 12.039  -5.860  -2.881  1.00 9.86  ? 112 LYS A C   1 
ATOM   864  O O   . LYS A 1 112 ? 12.331  -6.325  -1.765  1.00 9.27  ? 112 LYS A O   1 
ATOM   865  C CB  . LYS A 1 112 ? 12.030  -7.254  -4.877  1.00 12.61 ? 112 LYS A CB  1 
ATOM   866  C CG  . LYS A 1 112 ? 12.622  -7.959  -6.085  1.00 14.56 ? 112 LYS A CG  1 
ATOM   867  C CD  . LYS A 1 112 ? 12.748  -6.980  -7.231  1.00 19.90 ? 112 LYS A CD  1 
ATOM   868  C CE  . LYS A 1 112 ? 13.124  -7.722  -8.533  1.00 22.11 ? 112 LYS A CE  1 
ATOM   869  N NZ  . LYS A 1 112 ? 14.372  -8.472  -8.408  1.00 21.60 ? 112 LYS A NZ  1 
ATOM   870  N N   . LEU A 1 113 ? 10.987  -5.061  -3.098  1.00 8.23  ? 113 LEU A N   1 
ATOM   871  C CA  . LEU A 1 113 ? 10.008  -4.798  -2.064  1.00 7.56  ? 113 LEU A CA  1 
ATOM   872  C C   . LEU A 1 113 ? 8.743   -5.433  -2.640  1.00 8.60  ? 113 LEU A C   1 
ATOM   873  O O   . LEU A 1 113 ? 8.381   -5.148  -3.791  1.00 9.31  ? 113 LEU A O   1 
ATOM   874  C CB  . LEU A 1 113 ? 9.862   -3.300  -1.878  1.00 9.33  ? 113 LEU A CB  1 
ATOM   875  C CG  . LEU A 1 113 ? 9.034   -2.803  -0.662  1.00 12.19 ? 113 LEU A CG  1 
ATOM   876  C CD1 . LEU A 1 113 ? 9.363   -1.351  -0.398  1.00 14.84 ? 113 LEU A CD1 1 
ATOM   877  C CD2 . LEU A 1 113 ? 7.572   -2.859  -0.929  1.00 15.28 ? 113 LEU A CD2 1 
ATOM   878  N N   . VAL A 1 114 ? 8.060   -6.263  -1.854  1.00 8.03  ? 114 VAL A N   1 
ATOM   879  C CA  . VAL A 1 114 ? 6.845   -6.957  -2.264  1.00 7.81  ? 114 VAL A CA  1 
ATOM   880  C C   . VAL A 1 114 ? 5.680   -6.416  -1.429  1.00 8.94  ? 114 VAL A C   1 
ATOM   881  O O   . VAL A 1 114 ? 5.773   -6.283  -0.195  1.00 8.25  ? 114 VAL A O   1 
ATOM   882  C CB  . VAL A 1 114 ? 7.021   -8.495  -2.046  1.00 9.41  ? 114 VAL A CB  1 
ATOM   883  C CG1 . VAL A 1 114 ? 5.745   -9.255  -2.386  1.00 11.28 ? 114 VAL A CG1 1 
ATOM   884  C CG2 . VAL A 1 114 ? 8.105   -9.024  -2.970  1.00 9.32  ? 114 VAL A CG2 1 
ATOM   885  N N   . VAL A 1 115 ? 4.560   -6.099  -2.091  1.00 8.26  ? 115 VAL A N   1 
ATOM   886  C CA  . VAL A 1 115 ? 3.361   -5.636  -1.425  1.00 7.65  ? 115 VAL A CA  1 
ATOM   887  C C   . VAL A 1 115 ? 2.307   -6.713  -1.641  1.00 9.99  ? 115 VAL A C   1 
ATOM   888  O O   . VAL A 1 115 ? 2.012   -7.087  -2.797  1.00 10.59 ? 115 VAL A O   1 
ATOM   889  C CB  . VAL A 1 115 ? 2.877   -4.285  -2.017  1.00 8.28  ? 115 VAL A CB  1 
ATOM   890  C CG1 . VAL A 1 115 ? 1.662   -3.764  -1.229  1.00 10.31 ? 115 VAL A CG1 1 
ATOM   891  C CG2 . VAL A 1 115 ? 3.995   -3.262  -1.914  1.00 9.62  ? 115 VAL A CG2 1 
ATOM   892  N N   . GLU A 1 116 ? 1.787   -7.253  -0.538  1.00 8.68  ? 116 GLU A N   1 
ATOM   893  C CA  . GLU A 1 116 ? 0.723   -8.233  -0.590  1.00 9.40  ? 116 GLU A CA  1 
ATOM   894  C C   . GLU A 1 116 ? -0.547  -7.606  -0.036  1.00 9.59  ? 116 GLU A C   1 
ATOM   895  O O   . GLU A 1 116 ? -0.562  -7.095  1.085   1.00 8.41  ? 116 GLU A O   1 
ATOM   896  C CB  . GLU A 1 116 ? 1.095   -9.442  0.227   1.00 12.80 ? 116 GLU A CB  1 
ATOM   897  C CG  . GLU A 1 116 ? 0.054   -10.524 -0.045  1.00 22.71 ? 116 GLU A CG  1 
ATOM   898  C CD  . GLU A 1 116 ? 0.270   -11.877 0.632   1.00 29.31 ? 116 GLU A CD  1 
ATOM   899  O OE1 . GLU A 1 116 ? 0.744   -11.927 1.783   1.00 31.21 ? 116 GLU A OE1 1 
ATOM   900  O OE2 . GLU A 1 116 ? -0.075  -12.882 -0.010  1.00 32.71 ? 116 GLU A OE2 1 
ATOM   901  N N   . CYS A 1 117 ? -1.648  -7.614  -0.784  1.00 8.73  ? 117 CYS A N   1 
ATOM   902  C CA  . CYS A 1 117 ? -2.907  -7.017  -0.357  1.00 9.17  ? 117 CYS A CA  1 
ATOM   903  C C   . CYS A 1 117 ? -3.928  -8.132  -0.268  1.00 9.50  ? 117 CYS A C   1 
ATOM   904  O O   . CYS A 1 117 ? -4.058  -8.904  -1.232  1.00 10.85 ? 117 CYS A O   1 
ATOM   905  C CB  . CYS A 1 117 ? -3.376  -5.989  -1.368  1.00 10.94 ? 117 CYS A CB  1 
ATOM   906  S SG  . CYS A 1 117 ? -2.190  -4.684  -1.753  1.00 14.89 ? 117 CYS A SG  1 
ATOM   907  N N   . VAL A 1 118 ? -4.671  -8.266  0.821   1.00 7.87  ? 118 VAL A N   1 
ATOM   908  C CA  . VAL A 1 118 ? -5.597  -9.368  0.994   1.00 9.90  ? 118 VAL A CA  1 
ATOM   909  C C   . VAL A 1 118 ? -6.958  -8.810  1.351   1.00 11.28 ? 118 VAL A C   1 
ATOM   910  O O   . VAL A 1 118 ? -7.045  -7.997  2.286   1.00 10.41 ? 118 VAL A O   1 
ATOM   911  C CB  . VAL A 1 118 ? -5.136  -10.277 2.134   1.00 11.72 ? 118 VAL A CB  1 
ATOM   912  C CG1 . VAL A 1 118 ? -6.097  -11.454 2.220   1.00 13.84 ? 118 VAL A CG1 1 
ATOM   913  C CG2 . VAL A 1 118 ? -3.702  -10.768 1.911   1.00 13.21 ? 118 VAL A CG2 1 
ATOM   914  N N   . MET A 1 119 ? -8.008  -9.224  0.648   1.00 10.88 ? 119 MET A N   1 
ATOM   915  C CA  . MET A 1 119 ? -9.368  -8.808  0.988   1.00 12.96 ? 119 MET A CA  1 
ATOM   916  C C   . MET A 1 119 ? -10.194 -10.060 0.805   1.00 14.54 ? 119 MET A C   1 
ATOM   917  O O   . MET A 1 119 ? -10.207 -10.609 -0.305  1.00 13.59 ? 119 MET A O   1 
ATOM   918  C CB  . MET A 1 119 ? -9.868  -7.726  0.040   1.00 11.91 ? 119 MET A CB  1 
ATOM   919  C CG  . MET A 1 119 ? -11.312 -7.372  0.229   1.00 14.81 ? 119 MET A CG  1 
ATOM   920  S SD  . MET A 1 119 ? -11.509 -6.518  1.795   1.00 17.97 ? 119 MET A SD  1 
ATOM   921  C CE  . MET A 1 119 ? -13.230 -6.127  1.849   1.00 14.69 ? 119 MET A CE  1 
ATOM   922  N N   . LYS A 1 120 ? -10.789 -10.533 1.904   1.00 16.70 ? 120 LYS A N   1 
ATOM   923  C CA  . LYS A 1 120 ? -11.651 -11.725 1.930   1.00 19.97 ? 120 LYS A CA  1 
ATOM   924  C C   . LYS A 1 120 ? -11.161 -12.912 1.076   1.00 21.15 ? 120 LYS A C   1 
ATOM   925  O O   . LYS A 1 120 ? -11.825 -13.396 0.143   1.00 23.13 ? 120 LYS A O   1 
ATOM   926  C CB  . LYS A 1 120 ? -13.057 -11.317 1.475   1.00 21.56 ? 120 LYS A CB  1 
ATOM   927  C CG  . LYS A 1 120 ? -13.781 -10.261 2.358   1.00 24.48 ? 120 LYS A CG  1 
ATOM   928  C CD  . LYS A 1 120 ? -15.176 -9.905  1.841   0.00 0.00  ? 120 LYS A CD  1 
ATOM   929  C CE  . LYS A 1 120 ? -15.889 -8.866  2.709   0.00 0.00  ? 120 LYS A CE  1 
ATOM   930  N NZ  . LYS A 1 120 ? -17.230 -8.525  2.213   0.00 0.00  ? 120 LYS A NZ  1 
ATOM   931  N N   . GLY A 1 121 ? -9.931  -13.348 1.319   1.00 21.13 ? 121 GLY A N   1 
ATOM   932  C CA  . GLY A 1 121 ? -9.431  -14.496 0.575   1.00 21.33 ? 121 GLY A CA  1 
ATOM   933  C C   . GLY A 1 121 ? -8.864  -14.161 -0.793  1.00 20.82 ? 121 GLY A C   1 
ATOM   934  O O   . GLY A 1 121 ? -8.210  -15.037 -1.357  1.00 23.91 ? 121 GLY A O   1 
ATOM   935  N N   . VAL A 1 122 ? -9.072  -12.995 -1.408  1.00 17.35 ? 122 VAL A N   1 
ATOM   936  C CA  . VAL A 1 122 ? -8.405  -12.655 -2.670  1.00 14.96 ? 122 VAL A CA  1 
ATOM   937  C C   . VAL A 1 122 ? -7.060  -11.985 -2.332  1.00 12.69 ? 122 VAL A C   1 
ATOM   938  O O   . VAL A 1 122 ? -7.014  -11.022 -1.563  1.00 12.43 ? 122 VAL A O   1 
ATOM   939  C CB  . VAL A 1 122 ? -9.317  -11.697 -3.493  1.00 15.05 ? 122 VAL A CB  1 
ATOM   940  C CG1 . VAL A 1 122 ? -8.622  -11.153 -4.719  1.00 13.93 ? 122 VAL A CG1 1 
ATOM   941  C CG2 . VAL A 1 122 ? -10.544 -12.494 -3.935  1.00 18.32 ? 122 VAL A CG2 1 
ATOM   942  N N   . THR A 1 123 ? -5.967  -12.462 -2.899  1.00 10.66 ? 123 THR A N   1 
ATOM   943  C CA  . THR A 1 123 ? -4.658  -11.906 -2.645  1.00 11.19 ? 123 THR A CA  1 
ATOM   944  C C   . THR A 1 123 ? -4.016  -11.328 -3.901  1.00 11.80 ? 123 THR A C   1 
ATOM   945  O O   . THR A 1 123 ? -3.983  -11.977 -4.955  1.00 14.08 ? 123 THR A O   1 
ATOM   946  C CB  . THR A 1 123 ? -3.750  -13.002 -2.017  1.00 10.51 ? 123 THR A CB  1 
ATOM   947  O OG1 . THR A 1 123 ? -3.762  -14.186 -2.814  1.00 15.34 ? 123 THR A OG1 1 
ATOM   948  C CG2 . THR A 1 123 ? -4.282  -13.450 -0.697  1.00 10.18 ? 123 THR A CG2 1 
ATOM   949  N N   . SER A 1 124 ? -3.481  -10.119 -3.826  1.00 10.13 ? 124 SER A N   1 
ATOM   950  C CA  . SER A 1 124 ? -2.768  -9.514  -4.898  1.00 9.53  ? 124 SER A CA  1 
ATOM   951  C C   . SER A 1 124 ? -1.320  -9.348  -4.436  1.00 9.53  ? 124 SER A C   1 
ATOM   952  O O   . SER A 1 124 ? -1.076  -8.992  -3.268  1.00 9.41  ? 124 SER A O   1 
ATOM   953  C CB  . SER A 1 124 ? -3.373  -8.154  -5.202  1.00 10.14 ? 124 SER A CB  1 
ATOM   954  O OG  . SER A 1 124 ? -2.596  -7.404  -6.153  1.00 13.06 ? 124 SER A OG  1 
ATOM   955  N N   . THR A 1 125 ? -0.373  -9.537  -5.349  1.00 7.89  ? 125 THR A N   1 
ATOM   956  C CA  . THR A 1 125 ? 1.056   -9.368  -5.077  1.00 8.95  ? 125 THR A CA  1 
ATOM   957  C C   . THR A 1 125 ? 1.601   -8.373  -6.081  1.00 9.60  ? 125 THR A C   1 
ATOM   958  O O   . THR A 1 125 ? 1.365   -8.520  -7.284  1.00 10.19 ? 125 THR A O   1 
ATOM   959  C CB  . THR A 1 125 ? 1.835   -10.703 -5.232  1.00 9.17  ? 125 THR A CB  1 
ATOM   960  O OG1 . THR A 1 125 ? 1.218   -11.628 -4.352  1.00 11.14 ? 125 THR A OG1 1 
ATOM   961  C CG2 . THR A 1 125 ? 3.329   -10.574 -4.894  1.00 10.18 ? 125 THR A CG2 1 
ATOM   962  N N   . ARG A 1 126 ? 2.275   -7.325  -5.622  1.00 7.89  ? 126 ARG A N   1 
ATOM   963  C CA  . ARG A 1 126 ? 2.890   -6.316  -6.482  1.00 9.47  ? 126 ARG A CA  1 
ATOM   964  C C   . ARG A 1 126 ? 4.361   -6.201  -6.086  1.00 10.34 ? 126 ARG A C   1 
ATOM   965  O O   . ARG A 1 126 ? 4.650   -6.057  -4.891  1.00 9.26  ? 126 ARG A O   1 
ATOM   966  C CB  . ARG A 1 126 ? 2.161   -4.994  -6.291  1.00 11.76 ? 126 ARG A CB  1 
ATOM   967  C CG  . ARG A 1 126 ? 0.889   -5.112  -7.140  1.00 13.68 ? 126 ARG A CG  1 
ATOM   968  C CD  . ARG A 1 126 ? -0.136  -4.127  -6.705  1.00 16.48 ? 126 ARG A CD  1 
ATOM   969  N NE  . ARG A 1 126 ? 0.183   -2.740  -6.997  1.00 16.58 ? 126 ARG A NE  1 
ATOM   970  C CZ  . ARG A 1 126 ? -0.140  -2.118  -8.154  1.00 19.03 ? 126 ARG A CZ  1 
ATOM   971  N NH1 . ARG A 1 126 ? -0.620  -2.770  -9.226  1.00 16.62 ? 126 ARG A NH1 1 
ATOM   972  N NH2 . ARG A 1 126 ? 0.157   -0.818  -8.289  1.00 17.46 ? 126 ARG A NH2 1 
ATOM   973  N N   . VAL A 1 127 ? 5.255   -6.301  -7.067  1.00 8.27  ? 127 VAL A N   1 
ATOM   974  C CA  . VAL A 1 127 ? 6.686   -6.350  -6.817  1.00 7.48  ? 127 VAL A CA  1 
ATOM   975  C C   . VAL A 1 127 ? 7.298   -5.058  -7.303  1.00 7.39  ? 127 VAL A C   1 
ATOM   976  O O   . VAL A 1 127 ? 7.018   -4.624  -8.419  1.00 8.06  ? 127 VAL A O   1 
ATOM   977  C CB  . VAL A 1 127 ? 7.333   -7.557  -7.561  1.00 9.64  ? 127 VAL A CB  1 
ATOM   978  C CG1 . VAL A 1 127 ? 8.841   -7.610  -7.283  1.00 12.28 ? 127 VAL A CG1 1 
ATOM   979  C CG2 . VAL A 1 127 ? 6.720   -8.870  -7.056  1.00 10.86 ? 127 VAL A CG2 1 
ATOM   980  N N   . TYR A 1 128 ? 8.144   -4.442  -6.487  1.00 6.99  ? 128 TYR A N   1 
ATOM   981  C CA  . TYR A 1 128 ? 8.818   -3.206  -6.756  1.00 7.27  ? 128 TYR A CA  1 
ATOM   982  C C   . TYR A 1 128 ? 10.330  -3.413  -6.738  1.00 8.41  ? 128 TYR A C   1 
ATOM   983  O O   . TYR A 1 128 ? 10.834  -4.216  -5.963  1.00 7.90  ? 128 TYR A O   1 
ATOM   984  C CB  . TYR A 1 128 ? 8.470   -2.125  -5.686  1.00 7.71  ? 128 TYR A CB  1 
ATOM   985  C CG  . TYR A 1 128 ? 7.059   -1.525  -5.778  1.00 8.71  ? 128 TYR A CG  1 
ATOM   986  C CD1 . TYR A 1 128 ? 5.933   -2.243  -5.349  1.00 9.99  ? 128 TYR A CD1 1 
ATOM   987  C CD2 . TYR A 1 128 ? 6.908   -0.257  -6.344  1.00 9.08  ? 128 TYR A CD2 1 
ATOM   988  C CE1 . TYR A 1 128 ? 4.674   -1.678  -5.483  1.00 10.06 ? 128 TYR A CE1 1 
ATOM   989  C CE2 . TYR A 1 128 ? 5.651   0.306   -6.485  1.00 10.55 ? 128 TYR A CE2 1 
ATOM   990  C CZ  . TYR A 1 128 ? 4.553   -0.414  -6.059  1.00 10.49 ? 128 TYR A CZ  1 
ATOM   991  O OH  . TYR A 1 128 ? 3.310   0.178   -6.198  1.00 15.07 ? 128 TYR A OH  1 
ATOM   992  N N   . GLU A 1 129 ? 11.062  -2.679  -7.574  1.00 8.02  ? 129 GLU A N   1 
ATOM   993  C CA  . GLU A 1 129 ? 12.508  -2.708  -7.520  1.00 9.70  ? 129 GLU A CA  1 
ATOM   994  C C   . GLU A 1 129 ? 12.983  -1.274  -7.310  1.00 8.62  ? 129 GLU A C   1 
ATOM   995  O O   . GLU A 1 129 ? 12.221  -0.320  -7.493  1.00 9.16  ? 129 GLU A O   1 
ATOM   996  C CB  . GLU A 1 129 ? 13.082  -3.286  -8.802  1.00 11.99 ? 129 GLU A CB  1 
ATOM   997  C CG  . GLU A 1 129 ? 13.020  -2.402  -10.063 1.00 17.89 ? 129 GLU A CG  1 
ATOM   998  C CD  . GLU A 1 129 ? 13.524  -3.039  -11.372 1.00 20.59 ? 129 GLU A CD  1 
ATOM   999  O OE1 . GLU A 1 129 ? 13.673  -4.286  -11.428 1.00 20.98 ? 129 GLU A OE1 1 
ATOM   1000 O OE2 . GLU A 1 129 ? 13.729  -2.262  -12.323 1.00 20.65 ? 129 GLU A OE2 1 
ATOM   1001 N N   . ARG A 1 130 ? 14.224  -1.079  -6.890  1.00 9.41  ? 130 ARG A N   1 
ATOM   1002 C CA  . ARG A 1 130 ? 14.702  0.268   -6.582  1.00 11.04 ? 130 ARG A CA  1 
ATOM   1003 C C   . ARG A 1 130 ? 14.775  1.088   -7.834  1.00 10.73 ? 130 ARG A C   1 
ATOM   1004 O O   . ARG A 1 130 ? 15.174  0.546   -8.866  1.00 12.36 ? 130 ARG A O   1 
ATOM   1005 C CB  . ARG A 1 130 ? 16.102  0.254   -5.950  1.00 13.20 ? 130 ARG A CB  1 
ATOM   1006 C CG  . ARG A 1 130 ? 16.081  -0.330  -4.525  1.00 15.82 ? 130 ARG A CG  1 
ATOM   1007 C CD  . ARG A 1 130 ? 17.248  0.087   -3.628  1.00 16.55 ? 130 ARG A CD  1 
ATOM   1008 N NE  . ARG A 1 130 ? 17.181  -0.545  -2.305  1.00 17.19 ? 130 ARG A NE  1 
ATOM   1009 C CZ  . ARG A 1 130 ? 16.677  0.091   -1.243  1.00 17.12 ? 130 ARG A CZ  1 
ATOM   1010 N NH1 . ARG A 1 130 ? 16.193  1.335   -1.337  1.00 14.33 ? 130 ARG A NH1 1 
ATOM   1011 N NH2 . ARG A 1 130 ? 16.717  -0.491  -0.043  1.00 16.68 ? 130 ARG A NH2 1 
ATOM   1012 N N   . ALA A 1 131 ? 14.384  2.348   -7.784  1.00 8.94  ? 131 ALA A N   1 
ATOM   1013 C CA  . ALA A 1 131 ? 14.413  3.157   -8.974  1.00 12.13 ? 131 ALA A CA  1 
ATOM   1014 C C   . ALA A 1 131 ? 15.822  3.696   -9.232  1.00 14.16 ? 131 ALA A C   1 
ATOM   1015 O O   . ALA A 1 131 ? 16.629  3.777   -8.311  1.00 16.08 ? 131 ALA A O   1 
ATOM   1016 C CB  . ALA A 1 131 ? 13.428  4.293   -8.805  1.00 12.36 ? 131 ALA A CB  1 
ATOM   1017 O OXT . ALA A 1 131 ? 16.137  3.997   -10.380 1.00 18.08 ? 131 ALA A OXT 1 
HETATM 1018 C C1  . STE B 2 .   ? 0.421   -0.347  -4.059  1.00 38.19 ? 132 STE A C1  1 
HETATM 1019 O O1  . STE B 2 .   ? 0.892   -0.889  -5.038  1.00 34.57 ? 132 STE A O1  1 
HETATM 1020 O O2  . STE B 2 .   ? 1.126   0.273   -3.266  1.00 38.59 ? 132 STE A O2  1 
HETATM 1021 C C2  . STE B 2 .   ? -1.081  -0.403  -3.851  1.00 38.27 ? 132 STE A C2  1 
HETATM 1022 C C3  . STE B 2 .   ? -1.442  -1.150  -2.583  1.00 39.62 ? 132 STE A C3  1 
HETATM 1023 C C4  . STE B 2 .   ? -2.932  -1.145  -2.361  1.00 39.60 ? 132 STE A C4  1 
HETATM 1024 C C5  . STE B 2 .   ? -3.378  0.281   -2.129  1.00 40.33 ? 132 STE A C5  1 
HETATM 1025 C C6  . STE B 2 .   ? -4.789  0.250   -1.613  1.00 39.99 ? 132 STE A C6  1 
HETATM 1026 C C7  . STE B 2 .   ? -5.791  -0.113  -2.673  1.00 39.87 ? 132 STE A C7  1 
HETATM 1027 C C8  . STE B 2 .   ? -6.179  1.113   -3.442  1.00 40.00 ? 132 STE A C8  1 
HETATM 1028 C C9  . STE B 2 .   ? -7.197  0.617   -4.429  1.00 40.72 ? 132 STE A C9  1 
HETATM 1029 C C10 . STE B 2 .   ? -7.496  1.701   -5.430  1.00 42.14 ? 132 STE A C10 1 
HETATM 1030 C C11 . STE B 2 .   ? -6.258  2.140   -6.184  1.00 42.91 ? 132 STE A C11 1 
HETATM 1031 C C12 . STE B 2 .   ? -6.731  3.249   -7.103  1.00 45.10 ? 132 STE A C12 1 
HETATM 1032 C C13 . STE B 2 .   ? -5.570  4.058   -7.686  1.00 46.67 ? 132 STE A C13 1 
HETATM 1033 C C14 . STE B 2 .   ? -6.225  5.078   -8.591  1.00 47.15 ? 132 STE A C14 1 
HETATM 1034 C C15 . STE B 2 .   ? -5.290  6.154   -9.110  1.00 47.36 ? 132 STE A C15 1 
HETATM 1035 C C16 . STE B 2 .   ? -6.072  7.063   -10.062 1.00 47.03 ? 132 STE A C16 1 
HETATM 1036 C C17 . STE B 2 .   ? -7.302  7.707   -9.428  1.00 46.57 ? 132 STE A C17 1 
HETATM 1037 C C18 . STE B 2 .   ? -8.038  8.527   -10.489 1.00 45.76 ? 132 STE A C18 1 
HETATM 1038 O O   . HOH C 3 .   ? -7.038  -2.931  -13.291 0.80 20.88 ? 133 HOH A O   1 
HETATM 1039 O O   . HOH C 3 .   ? 15.734  3.334   -3.444  1.00 23.49 ? 134 HOH A O   1 
HETATM 1040 O O   . HOH C 3 .   ? 7.130   4.814   14.611  1.00 19.17 ? 135 HOH A O   1 
HETATM 1041 O O   . HOH C 3 .   ? 16.889  -1.820  -8.889  1.00 30.87 ? 136 HOH A O   1 
HETATM 1042 O O   . HOH C 3 .   ? -7.173  -0.250  11.514  1.00 22.06 ? 137 HOH A O   1 
HETATM 1043 O O   . HOH C 3 .   ? 0.204   3.128   12.620  1.00 9.05  ? 138 HOH A O   1 
HETATM 1044 O O   . HOH C 3 .   ? 0.106   7.450   13.379  1.00 11.78 ? 139 HOH A O   1 
HETATM 1045 O O   . HOH C 3 .   ? 15.703  -3.511  -6.386  1.00 16.59 ? 140 HOH A O   1 
HETATM 1046 O O   . HOH C 3 .   ? 2.135   -2.312  5.035   1.00 11.11 ? 141 HOH A O   1 
HETATM 1047 O O   . HOH C 3 .   ? -1.831  -6.751  12.387  0.80 17.18 ? 142 HOH A O   1 
HETATM 1048 O O   . HOH C 3 .   ? 14.450  8.375   5.321   0.80 16.24 ? 143 HOH A O   1 
HETATM 1049 O O   . HOH C 3 .   ? 16.913  7.939   6.959   0.80 27.91 ? 144 HOH A O   1 
HETATM 1050 O O   . HOH C 3 .   ? 10.168  11.683  6.179   1.00 19.96 ? 145 HOH A O   1 
HETATM 1051 O O   . HOH C 3 .   ? 8.407   10.870  7.907   1.00 12.87 ? 146 HOH A O   1 
HETATM 1052 O O   . HOH C 3 .   ? 13.579  8.269   0.685   1.00 20.28 ? 147 HOH A O   1 
HETATM 1053 O O   . HOH C 3 .   ? 8.221   9.541   1.541   1.00 19.37 ? 148 HOH A O   1 
HETATM 1054 O O   . HOH C 3 .   ? 3.718   -9.757  -9.006  1.00 18.65 ? 149 HOH A O   1 
HETATM 1055 O O   . HOH C 3 .   ? -2.515  -7.298  -11.373 1.00 17.40 ? 150 HOH A O   1 
HETATM 1056 O O   . HOH C 3 .   ? -3.436  4.852   18.360  1.00 24.29 ? 151 HOH A O   1 
HETATM 1057 O O   . HOH C 3 .   ? -4.266  2.360   0.749   1.00 31.09 ? 152 HOH A O   1 
HETATM 1058 O O   . HOH C 3 .   ? -1.815  2.022   1.842   1.00 31.65 ? 153 HOH A O   1 
HETATM 1059 O O   . HOH C 3 .   ? -0.791  -3.926  12.153  1.00 15.03 ? 154 HOH A O   1 
HETATM 1060 O O   . HOH C 3 .   ? 17.359  -3.390  -2.830  1.00 13.51 ? 155 HOH A O   1 
HETATM 1061 O O   . HOH C 3 .   ? 0.580   6.622   0.310   1.00 20.17 ? 156 HOH A O   1 
HETATM 1062 O O   . HOH C 3 .   ? 11.061  -7.689  5.090   1.00 20.28 ? 157 HOH A O   1 
HETATM 1063 O O   . HOH C 3 .   ? -1.874  4.461   -2.505  1.00 33.34 ? 158 HOH A O   1 
HETATM 1064 O O   . HOH C 3 .   ? -1.026  10.493  7.585   0.80 21.06 ? 159 HOH A O   1 
HETATM 1065 O O   . HOH C 3 .   ? -5.373  10.731  11.975  1.00 16.15 ? 160 HOH A O   1 
HETATM 1066 O O   . HOH C 3 .   ? -4.430  4.653   -1.143  1.00 17.32 ? 161 HOH A O   1 
HETATM 1067 O O   . HOH C 3 .   ? -3.297  6.303   0.925   1.00 19.01 ? 162 HOH A O   1 
HETATM 1068 O O   . HOH C 3 .   ? -6.848  -0.953  0.358   0.80 14.38 ? 163 HOH A O   1 
HETATM 1069 O O   . HOH C 3 .   ? -14.030 1.696   -3.020  0.60 33.19 ? 164 HOH A O   1 
HETATM 1070 O O   . HOH C 3 .   ? -6.042  -12.365 -12.012 1.00 33.30 ? 165 HOH A O   1 
HETATM 1071 O O   . HOH C 3 .   ? -6.854  -9.370  -11.495 0.80 19.62 ? 166 HOH A O   1 
HETATM 1072 O O   . HOH C 3 .   ? -3.241  -10.920 -12.732 1.00 25.76 ? 167 HOH A O   1 
HETATM 1073 O O   . HOH C 3 .   ? -6.407  -14.315 -5.265  1.00 32.53 ? 168 HOH A O   1 
HETATM 1074 O O   . HOH C 3 .   ? -1.098  -12.781 -5.666  1.00 20.99 ? 169 HOH A O   1 
HETATM 1075 O O   . HOH C 3 .   ? -2.539  -15.171 -5.426  1.00 18.15 ? 170 HOH A O   1 
HETATM 1076 O O   . HOH C 3 .   ? 12.890  -5.036  7.544   1.00 28.59 ? 171 HOH A O   1 
HETATM 1077 O O   . HOH C 3 .   ? 17.121  1.370   2.280   1.00 26.15 ? 172 HOH A O   1 
HETATM 1078 O O   . HOH C 3 .   ? -16.731 -4.895  -13.971 0.80 19.92 ? 173 HOH A O   1 
HETATM 1079 O O   . HOH C 3 .   ? 14.662  7.854   12.456  0.80 45.97 ? 174 HOH A O   1 
HETATM 1080 O O   . HOH C 3 .   ? -4.899  6.926   17.480  0.80 15.57 ? 175 HOH A O   1 
HETATM 1081 O O   . HOH C 3 .   ? -3.304  9.185   15.164  0.80 15.18 ? 176 HOH A O   1 
HETATM 1082 O O   . HOH C 3 .   ? -13.927 -7.472  5.684   0.80 25.91 ? 177 HOH A O   1 
HETATM 1083 O O   . HOH C 3 .   ? -14.101 -2.672  10.525  1.00 25.44 ? 178 HOH A O   1 
HETATM 1084 O O   . HOH C 3 .   ? -1.440  -8.619  3.336   0.80 21.66 ? 179 HOH A O   1 
HETATM 1085 O O   . HOH C 3 .   ? -10.253 -9.049  4.409   0.80 17.40 ? 180 HOH A O   1 
HETATM 1086 O O   . HOH C 3 .   ? 3.321   -11.651 1.117   0.80 35.31 ? 181 HOH A O   1 
HETATM 1087 O O   . HOH C 3 .   ? 14.214  -13.803 -0.482  1.00 50.05 ? 182 HOH A O   1 
HETATM 1088 O O   . HOH C 3 .   ? 2.069   1.160   -0.930  1.00 41.72 ? 183 HOH A O   1 
HETATM 1089 O O   . HOH C 3 .   ? 2.582   2.424   -4.843  1.00 27.41 ? 184 HOH A O   1 
HETATM 1090 O O   . HOH C 3 .   ? -1.145  6.745   -6.379  1.00 43.31 ? 185 HOH A O   1 
HETATM 1091 O O   . HOH C 3 .   ? -11.004 7.968   8.764   0.80 19.31 ? 186 HOH A O   1 
HETATM 1092 O O   . HOH C 3 .   ? -3.449  9.011   1.264   1.00 39.72 ? 187 HOH A O   1 
HETATM 1093 O O   . HOH C 3 .   ? -4.676  10.080  3.820   1.00 26.46 ? 188 HOH A O   1 
HETATM 1094 O O   . HOH C 3 .   ? -3.277  9.880   6.004   0.80 27.62 ? 189 HOH A O   1 
HETATM 1095 O O   . HOH C 3 .   ? 8.072   12.036  0.697   1.00 45.30 ? 190 HOH A O   1 
HETATM 1096 O O   . HOH C 3 .   ? 8.408   13.185  3.354   0.80 42.08 ? 191 HOH A O   1 
HETATM 1097 O O   . HOH C 3 .   ? 2.133   13.349  5.260   1.00 33.63 ? 192 HOH A O   1 
HETATM 1098 O O   . HOH C 3 .   ? -0.748  10.288  11.155  0.80 24.69 ? 193 HOH A O   1 
HETATM 1099 O O   . HOH C 3 .   ? 0.638   10.469  14.403  0.80 30.75 ? 194 HOH A O   1 
HETATM 1100 O O   . HOH C 3 .   ? -1.531  12.857  3.923   1.00 44.10 ? 195 HOH A O   1 
HETATM 1101 O O   . HOH C 3 .   ? -4.769  12.273  -3.235  0.80 37.69 ? 196 HOH A O   1 
HETATM 1102 O O   . HOH C 3 .   ? 7.015   15.214  -6.168  0.60 42.87 ? 197 HOH A O   1 
HETATM 1103 O O   . HOH C 3 .   ? 2.890   12.653  -9.742  1.00 31.83 ? 198 HOH A O   1 
HETATM 1104 O O   . HOH C 3 .   ? 7.343   9.075   -9.329  0.80 52.16 ? 199 HOH A O   1 
HETATM 1105 O O   . HOH C 3 .   ? 10.632  4.905   -11.809 0.40 47.05 ? 200 HOH A O   1 
HETATM 1106 O O   . HOH C 3 .   ? 12.009  7.239   -10.168 0.60 41.28 ? 201 HOH A O   1 
HETATM 1107 O O   . HOH C 3 .   ? 15.567  0.178   -11.442 1.00 40.97 ? 202 HOH A O   1 
HETATM 1108 O O   . HOH C 3 .   ? 18.856  -1.483  -6.704  1.00 36.92 ? 203 HOH A O   1 
HETATM 1109 O O   . HOH C 3 .   ? 21.163  -4.853  -4.884  0.80 28.47 ? 204 HOH A O   1 
HETATM 1110 O O   . HOH C 3 .   ? -0.842  -0.040  -10.947 1.00 36.38 ? 205 HOH A O   1 
HETATM 1111 O O   . HOH C 3 .   ? -8.885  -9.689  -13.489 0.80 23.67 ? 206 HOH A O   1 
HETATM 1112 O O   . HOH C 3 .   ? -0.576  4.298   0.965   1.00 45.26 ? 207 HOH A O   1 
HETATM 1113 O O   . HOH C 3 .   ? 9.270   -8.210  15.122  1.00 39.52 ? 208 HOH A O   1 
HETATM 1114 O O   . HOH C 3 .   ? 17.167  -4.642  -8.652  1.00 51.75 ? 209 HOH A O   1 
HETATM 1115 O O   . HOH C 3 .   ? 16.774  2.521   -12.814 0.80 41.93 ? 210 HOH A O   1 
HETATM 1116 O O   . HOH C 3 .   ? 14.751  7.655   -8.954  0.60 29.84 ? 211 HOH A O   1 
HETATM 1117 O O   . HOH C 3 .   ? -4.111  12.267  -15.134 1.00 41.61 ? 212 HOH A O   1 
HETATM 1118 O O   . HOH C 3 .   ? -4.920  -7.357  -12.318 1.00 37.51 ? 213 HOH A O   1 
HETATM 1119 O O   . HOH C 3 .   ? 17.130  -10.628 -5.060  0.80 31.28 ? 214 HOH A O   1 
HETATM 1120 O O   . HOH C 3 .   ? 13.395  -10.915 -5.072  0.80 38.93 ? 215 HOH A O   1 
HETATM 1121 O O   . HOH C 3 .   ? -15.389 5.693   3.108   1.00 32.68 ? 216 HOH A O   1 
HETATM 1122 O O   . HOH C 3 .   ? 3.571   3.668   19.134  1.00 45.51 ? 217 HOH A O   1 
HETATM 1123 O O   . HOH C 3 .   ? 3.948   -0.961  15.548  0.80 36.18 ? 218 HOH A O   1 
HETATM 1124 O O   . HOH C 3 .   ? 15.572  -1.946  8.530   0.80 46.61 ? 219 HOH A O   1 
HETATM 1125 O O   . HOH C 3 .   ? 0.590   -8.574  12.426  0.80 36.90 ? 220 HOH A O   1 
HETATM 1126 O O   . HOH C 3 .   ? 5.773   -10.662 9.133   1.00 36.52 ? 221 HOH A O   1 
HETATM 1127 O O   . HOH C 3 .   ? -0.925  -6.113  -3.913  0.80 43.38 ? 222 HOH A O   1 
HETATM 1128 O O   . HOH C 3 .   ? 4.285   16.699  -5.740  0.60 45.10 ? 223 HOH A O   1 
HETATM 1129 O O   . HOH C 3 .   ? -2.306  1.854   -6.422  1.00 49.40 ? 224 HOH A O   1 
HETATM 1130 O O   . HOH C 3 .   ? 2.934   -7.118  -14.406 0.80 26.94 ? 225 HOH A O   1 
HETATM 1131 O O   . HOH C 3 .   ? -17.678 -2.274  -11.475 1.00 42.92 ? 226 HOH A O   1 
HETATM 1132 O O   . HOH C 3 .   ? -18.593 0.189   -11.881 1.00 41.44 ? 227 HOH A O   1 
HETATM 1133 O O   . HOH C 3 .   ? -15.653 3.677   -11.127 0.80 50.68 ? 228 HOH A O   1 
HETATM 1134 O O   . HOH C 3 .   ? 14.331  8.365   -2.089  1.00 32.35 ? 229 HOH A O   1 
# 
